data_5JSC
#
_entry.id   5JSC
#
_cell.length_a   78.300
_cell.length_b   73.750
_cell.length_c   149.490
_cell.angle_alpha   90.000
_cell.angle_beta   99.660
_cell.angle_gamma   90.000
#
_symmetry.space_group_name_H-M   'P 1 21 1'
#
loop_
_entity.id
_entity.type
_entity.pdbx_description
1 polymer 'Putative acyl-CoA dehydrogenase'
2 non-polymer 'FLAVIN-ADENINE DINUCLEOTIDE'
3 non-polymer 'CHLORIDE ION'
4 non-polymer 1,2-ETHANEDIOL
5 non-polymer 'SULFATE ION'
6 water water
#
_entity_poly.entity_id   1
_entity_poly.type   'polypeptide(L)'
_entity_poly.pdbx_seq_one_letter_code
;MAHHHHHHMSANTELDLHSALAWPFFEPRHRELAAGIEAWCRANLAHEDHEDVDATCRRLVRELGAAGWLKYGVGGVAYG
GHGDTIDTRAVCLLRETLAKHSGLADFALAMQGLGSGAISLGGTHEQKTRYLPRVANGTAIAAFALSEPEAGSDVAAMTL
SAREDGDAYVLDGDKTWISNGGIADFYVVFARTGEAPGARGISAFVVDADTPGLEIAERIDVIAPHPLARLHFAGARVPR
SQMLGAPGEGFKLAMRTLDIFRTSVAAASLGFARHAMAEGVARAASRKMFGQTLGDFQLTQAKLAQMALTIDSSALLVYR
AAWLRDQGENVTREAAMAKWHASEGAQQVIDAAVQLYGGMGVQSGTAVEMLYREIRALRIYEGATEVQQLIVGRDLLKAH
AAATAGANTR
;
_entity_poly.pdbx_strand_id   A,B,C,D
#
# COMPACT_ATOMS: atom_id res chain seq x y z
N GLU A 14 -8.19 -23.14 46.80
CA GLU A 14 -8.92 -22.25 47.69
C GLU A 14 -9.50 -21.07 46.93
N LEU A 15 -10.81 -20.87 47.09
CA LEU A 15 -11.50 -19.79 46.38
C LEU A 15 -11.10 -18.44 46.94
N ASP A 16 -10.59 -17.56 46.07
CA ASP A 16 -10.29 -16.18 46.45
C ASP A 16 -11.61 -15.44 46.62
N LEU A 17 -11.95 -15.09 47.87
CA LEU A 17 -13.26 -14.49 48.13
C LEU A 17 -13.36 -13.07 47.58
N HIS A 18 -12.25 -12.45 47.21
CA HIS A 18 -12.30 -11.15 46.55
C HIS A 18 -12.46 -11.25 45.04
N SER A 19 -12.45 -12.46 44.48
CA SER A 19 -12.66 -12.58 43.04
C SER A 19 -14.15 -12.58 42.73
N ALA A 20 -14.48 -12.10 41.52
CA ALA A 20 -15.88 -12.04 41.12
C ALA A 20 -16.51 -13.42 41.07
N LEU A 21 -15.71 -14.45 40.79
CA LEU A 21 -16.26 -15.80 40.71
C LEU A 21 -16.78 -16.29 42.05
N ALA A 22 -16.39 -15.67 43.16
CA ALA A 22 -16.95 -16.03 44.46
C ALA A 22 -18.36 -15.49 44.68
N TRP A 23 -18.82 -14.58 43.83
CA TRP A 23 -20.15 -14.00 44.02
C TRP A 23 -21.21 -15.09 44.02
N PRO A 24 -22.25 -14.98 44.84
CA PRO A 24 -23.29 -16.01 44.87
C PRO A 24 -24.19 -16.02 43.64
N PHE A 25 -23.96 -15.12 42.69
CA PHE A 25 -24.55 -15.26 41.37
C PHE A 25 -24.06 -16.51 40.66
N PHE A 26 -22.93 -17.08 41.09
CA PHE A 26 -22.34 -18.24 40.44
C PHE A 26 -22.55 -19.50 41.25
N GLU A 27 -22.64 -20.62 40.54
CA GLU A 27 -22.62 -21.95 41.12
C GLU A 27 -21.25 -22.57 40.94
N PRO A 28 -20.95 -23.65 41.67
CA PRO A 28 -19.65 -24.31 41.49
C PRO A 28 -19.32 -24.65 40.05
N ARG A 29 -20.30 -25.10 39.26
CA ARG A 29 -20.01 -25.46 37.87
C ARG A 29 -19.47 -24.27 37.09
N HIS A 30 -19.87 -23.05 37.45
CA HIS A 30 -19.39 -21.87 36.75
C HIS A 30 -17.95 -21.58 37.09
N ARG A 31 -17.56 -21.83 38.34
CA ARG A 31 -16.16 -21.66 38.72
CA ARG A 31 -16.16 -21.66 38.71
C ARG A 31 -15.27 -22.68 38.01
N GLU A 32 -15.75 -23.92 37.89
CA GLU A 32 -15.01 -24.93 37.17
C GLU A 32 -14.89 -24.58 35.69
N LEU A 33 -15.99 -24.11 35.08
CA LEU A 33 -15.97 -23.72 33.67
C LEU A 33 -15.02 -22.56 33.44
N ALA A 34 -15.04 -21.57 34.33
CA ALA A 34 -14.17 -20.41 34.16
C ALA A 34 -12.70 -20.82 34.12
N ALA A 35 -12.31 -21.76 34.98
CA ALA A 35 -10.93 -22.24 34.96
C ALA A 35 -10.65 -23.02 33.69
N GLY A 36 -11.63 -23.80 33.22
CA GLY A 36 -11.42 -24.60 32.03
C GLY A 36 -11.22 -23.76 30.79
N ILE A 37 -12.08 -22.74 30.60
CA ILE A 37 -11.95 -21.95 29.38
C ILE A 37 -10.70 -21.07 29.44
N GLU A 38 -10.33 -20.58 30.62
CA GLU A 38 -9.05 -19.86 30.72
C GLU A 38 -7.89 -20.76 30.36
N ALA A 39 -7.89 -22.01 30.85
CA ALA A 39 -6.81 -22.93 30.50
C ALA A 39 -6.76 -23.16 28.99
N TRP A 40 -7.92 -23.30 28.35
CA TRP A 40 -7.96 -23.48 26.90
C TRP A 40 -7.39 -22.28 26.19
N CYS A 41 -7.72 -21.08 26.66
CA CYS A 41 -7.18 -19.86 26.04
C CYS A 41 -5.67 -19.82 26.13
N ARG A 42 -5.11 -20.16 27.30
CA ARG A 42 -3.67 -20.12 27.46
C ARG A 42 -2.98 -21.14 26.56
N ALA A 43 -3.63 -22.26 26.30
CA ALA A 43 -3.03 -23.32 25.50
C ALA A 43 -3.21 -23.10 24.00
N ASN A 44 -4.22 -22.34 23.57
CA ASN A 44 -4.58 -22.30 22.17
C ASN A 44 -4.58 -20.92 21.54
N LEU A 45 -4.50 -19.84 22.33
CA LEU A 45 -4.56 -18.48 21.81
C LEU A 45 -3.26 -17.72 22.03
N ALA A 46 -2.14 -18.43 22.15
CA ALA A 46 -0.84 -17.78 22.35
C ALA A 46 -0.46 -16.90 21.17
N GLU A 51 -4.34 -12.18 10.64
CA GLU A 51 -4.28 -12.33 9.19
C GLU A 51 -5.08 -13.55 8.72
N ASP A 52 -5.62 -13.45 7.50
CA ASP A 52 -6.62 -14.38 6.96
C ASP A 52 -7.68 -14.66 7.99
N VAL A 53 -8.64 -13.74 8.13
CA VAL A 53 -9.66 -13.85 9.17
CA VAL A 53 -9.63 -13.87 9.18
C VAL A 53 -10.57 -15.05 8.89
N ASP A 54 -10.87 -15.32 7.62
CA ASP A 54 -11.78 -16.43 7.30
C ASP A 54 -11.20 -17.75 7.79
N ALA A 55 -9.94 -18.03 7.46
CA ALA A 55 -9.31 -19.27 7.87
C ALA A 55 -9.19 -19.35 9.39
N THR A 56 -8.88 -18.22 10.03
CA THR A 56 -8.75 -18.21 11.48
C THR A 56 -10.09 -18.53 12.14
N CYS A 57 -11.17 -17.94 11.65
CA CYS A 57 -12.47 -18.25 12.25
CA CYS A 57 -12.51 -18.24 12.20
C CYS A 57 -12.83 -19.71 12.04
N ARG A 58 -12.62 -20.25 10.83
CA ARG A 58 -12.88 -21.67 10.60
CA ARG A 58 -12.88 -21.67 10.60
C ARG A 58 -12.10 -22.54 11.58
N ARG A 59 -10.82 -22.23 11.77
CA ARG A 59 -10.00 -23.01 12.69
C ARG A 59 -10.50 -22.89 14.12
N LEU A 60 -10.85 -21.67 14.55
CA LEU A 60 -11.31 -21.49 15.93
C LEU A 60 -12.61 -22.21 16.19
N VAL A 61 -13.54 -22.20 15.22
CA VAL A 61 -14.79 -22.94 15.40
C VAL A 61 -14.49 -24.43 15.57
N ARG A 62 -13.60 -24.97 14.73
CA ARG A 62 -13.26 -26.38 14.87
CA ARG A 62 -13.21 -26.38 14.85
C ARG A 62 -12.64 -26.69 16.22
N GLU A 63 -11.72 -25.84 16.69
CA GLU A 63 -11.02 -26.11 17.93
C GLU A 63 -11.94 -25.95 19.14
N LEU A 64 -12.73 -24.87 19.16
CA LEU A 64 -13.70 -24.70 20.24
C LEU A 64 -14.69 -25.85 20.26
N GLY A 65 -15.12 -26.30 19.07
CA GLY A 65 -16.06 -27.40 19.00
C GLY A 65 -15.48 -28.69 19.56
N ALA A 66 -14.25 -29.02 19.17
CA ALA A 66 -13.63 -30.25 19.63
C ALA A 66 -13.40 -30.24 21.14
N ALA A 67 -13.20 -29.06 21.73
CA ALA A 67 -12.96 -28.94 23.17
C ALA A 67 -14.23 -28.92 23.99
N GLY A 68 -15.41 -28.88 23.36
CA GLY A 68 -16.65 -28.90 24.09
C GLY A 68 -17.25 -27.54 24.41
N TRP A 69 -16.61 -26.44 24.00
CA TRP A 69 -17.07 -25.13 24.45
C TRP A 69 -18.25 -24.58 23.66
N LEU A 70 -18.52 -25.13 22.47
CA LEU A 70 -19.69 -24.67 21.71
C LEU A 70 -20.98 -25.31 22.17
N LYS A 71 -20.92 -26.31 23.06
CA LYS A 71 -22.13 -26.96 23.55
C LYS A 71 -22.99 -26.02 24.40
N TYR A 72 -22.39 -25.01 25.02
CA TYR A 72 -23.14 -24.18 25.95
C TYR A 72 -24.10 -23.22 25.25
N GLY A 73 -23.86 -22.91 23.98
CA GLY A 73 -24.76 -22.05 23.25
C GLY A 73 -25.85 -22.76 22.50
N VAL A 74 -25.96 -24.09 22.65
CA VAL A 74 -26.98 -24.91 21.98
C VAL A 74 -27.93 -25.46 23.03
N GLY A 75 -29.22 -25.41 22.74
CA GLY A 75 -30.23 -25.93 23.64
C GLY A 75 -30.64 -27.35 23.28
N GLY A 76 -30.52 -28.24 24.26
CA GLY A 76 -30.99 -29.61 24.09
C GLY A 76 -29.89 -30.64 24.11
N VAL A 77 -29.83 -31.45 25.18
CA VAL A 77 -28.78 -32.47 25.28
C VAL A 77 -28.84 -33.42 24.10
N ALA A 78 -30.05 -33.75 23.65
CA ALA A 78 -30.22 -34.68 22.54
C ALA A 78 -29.61 -34.15 21.25
N TYR A 79 -29.40 -32.83 21.15
CA TYR A 79 -28.91 -32.20 19.93
C TYR A 79 -27.47 -31.70 20.07
N GLY A 80 -26.76 -32.16 21.09
CA GLY A 80 -25.39 -31.76 21.31
C GLY A 80 -25.20 -30.63 22.29
N GLY A 81 -26.29 -30.08 22.84
CA GLY A 81 -26.18 -28.99 23.80
C GLY A 81 -25.71 -29.47 25.16
N HIS A 82 -25.17 -28.53 25.93
CA HIS A 82 -24.73 -28.86 27.28
C HIS A 82 -25.89 -29.27 28.17
N GLY A 83 -27.02 -28.58 28.02
CA GLY A 83 -28.21 -28.87 28.80
C GLY A 83 -29.42 -28.61 27.96
N ASP A 84 -30.60 -28.92 28.50
CA ASP A 84 -31.82 -28.67 27.75
C ASP A 84 -32.19 -27.20 27.74
N THR A 85 -31.71 -26.41 28.68
CA THR A 85 -31.78 -24.96 28.61
C THR A 85 -30.38 -24.41 28.39
N ILE A 86 -30.30 -23.21 27.88
CA ILE A 86 -29.01 -22.55 27.73
C ILE A 86 -28.64 -21.90 29.06
N ASP A 87 -27.44 -22.24 29.57
CA ASP A 87 -26.90 -21.71 30.81
C ASP A 87 -26.28 -20.35 30.47
N THR A 88 -27.02 -19.27 30.70
CA THR A 88 -26.50 -18.00 30.22
CA THR A 88 -26.57 -17.94 30.31
C THR A 88 -25.31 -17.53 31.04
N ARG A 89 -25.23 -17.86 32.34
CA ARG A 89 -24.01 -17.54 33.07
C ARG A 89 -22.80 -18.21 32.45
N ALA A 90 -22.97 -19.46 31.98
CA ALA A 90 -21.88 -20.17 31.34
C ALA A 90 -21.48 -19.50 30.03
N VAL A 91 -22.47 -19.19 29.17
CA VAL A 91 -22.16 -18.53 27.90
C VAL A 91 -21.45 -17.20 28.15
N CYS A 92 -21.91 -16.44 29.15
CA CYS A 92 -21.26 -15.17 29.48
C CYS A 92 -19.81 -15.37 29.91
N LEU A 93 -19.55 -16.35 30.79
CA LEU A 93 -18.18 -16.59 31.22
C LEU A 93 -17.30 -17.00 30.05
N LEU A 94 -17.84 -17.80 29.12
CA LEU A 94 -17.06 -18.20 27.95
C LEU A 94 -16.70 -16.99 27.10
N ARG A 95 -17.69 -16.15 26.78
CA ARG A 95 -17.41 -14.97 25.95
C ARG A 95 -16.51 -14.00 26.68
N GLU A 96 -16.75 -13.77 27.98
CA GLU A 96 -15.90 -12.87 28.73
C GLU A 96 -14.45 -13.33 28.66
N THR A 97 -14.22 -14.63 28.86
CA THR A 97 -12.85 -15.12 28.88
C THR A 97 -12.22 -15.08 27.49
N LEU A 98 -12.96 -15.56 26.49
CA LEU A 98 -12.44 -15.52 25.13
C LEU A 98 -12.10 -14.10 24.71
N ALA A 99 -13.02 -13.15 24.93
CA ALA A 99 -12.78 -11.78 24.50
C ALA A 99 -11.58 -11.17 25.22
N LYS A 100 -11.35 -11.56 26.48
CA LYS A 100 -10.20 -11.07 27.21
C LYS A 100 -8.89 -11.47 26.54
N HIS A 101 -8.89 -12.54 25.75
CA HIS A 101 -7.70 -13.00 25.04
C HIS A 101 -7.71 -12.67 23.55
N SER A 102 -8.87 -12.74 22.89
CA SER A 102 -8.92 -12.68 21.44
C SER A 102 -10.33 -12.30 20.99
N GLY A 103 -10.46 -11.19 20.26
CA GLY A 103 -11.75 -10.84 19.71
C GLY A 103 -12.25 -11.84 18.67
N LEU A 104 -11.32 -12.46 17.92
CA LEU A 104 -11.73 -13.44 16.92
C LEU A 104 -12.26 -14.71 17.58
N ALA A 105 -11.62 -15.16 18.67
CA ALA A 105 -12.12 -16.36 19.35
C ALA A 105 -13.48 -16.11 19.96
N ASP A 106 -13.68 -14.94 20.57
CA ASP A 106 -15.00 -14.58 21.08
C ASP A 106 -16.04 -14.60 19.97
N PHE A 107 -15.71 -13.97 18.85
CA PHE A 107 -16.62 -13.91 17.71
C PHE A 107 -17.02 -15.29 17.24
N ALA A 108 -16.03 -16.19 17.14
CA ALA A 108 -16.30 -17.55 16.66
C ALA A 108 -17.32 -18.25 17.55
N LEU A 109 -17.11 -18.20 18.87
CA LEU A 109 -18.05 -18.87 19.77
C LEU A 109 -19.39 -18.17 19.79
N ALA A 110 -19.38 -16.84 19.80
CA ALA A 110 -20.62 -16.07 19.86
C ALA A 110 -21.54 -16.39 18.70
N MET A 111 -20.99 -16.48 17.49
CA MET A 111 -21.83 -16.68 16.31
C MET A 111 -22.35 -18.11 16.22
N GLN A 112 -21.65 -19.08 16.81
CA GLN A 112 -22.22 -20.42 16.87
C GLN A 112 -23.47 -20.44 17.72
N GLY A 113 -23.53 -19.56 18.71
CA GLY A 113 -24.73 -19.39 19.52
C GLY A 113 -25.79 -18.61 18.79
N LEU A 114 -25.48 -17.35 18.43
CA LEU A 114 -26.48 -16.49 17.80
C LEU A 114 -27.00 -17.10 16.50
N GLY A 115 -26.11 -17.65 15.68
CA GLY A 115 -26.51 -18.20 14.39
C GLY A 115 -27.36 -19.46 14.50
N SER A 116 -27.29 -20.15 15.63
CA SER A 116 -28.09 -21.37 15.82
C SER A 116 -29.24 -21.19 16.79
N GLY A 117 -29.30 -20.05 17.50
CA GLY A 117 -30.30 -19.90 18.55
C GLY A 117 -31.72 -20.03 18.06
N ALA A 118 -32.00 -19.56 16.84
CA ALA A 118 -33.36 -19.65 16.30
C ALA A 118 -33.76 -21.10 16.06
N ILE A 119 -32.80 -21.97 15.78
CA ILE A 119 -33.08 -23.39 15.64
C ILE A 119 -33.31 -24.03 17.01
N SER A 120 -32.48 -23.67 18.00
CA SER A 120 -32.72 -24.16 19.35
C SER A 120 -34.10 -23.78 19.84
N LEU A 121 -34.56 -22.57 19.48
CA LEU A 121 -35.85 -22.08 19.96
C LEU A 121 -37.02 -22.60 19.13
N GLY A 122 -36.88 -22.66 17.82
CA GLY A 122 -38.04 -22.91 16.98
C GLY A 122 -37.96 -24.06 16.01
N GLY A 123 -36.86 -24.82 16.03
CA GLY A 123 -36.71 -25.90 15.08
C GLY A 123 -37.60 -27.09 15.40
N THR A 124 -38.00 -27.81 14.35
CA THR A 124 -38.56 -29.13 14.53
C THR A 124 -37.49 -30.08 15.05
N HIS A 125 -37.93 -31.25 15.51
CA HIS A 125 -36.98 -32.29 15.92
C HIS A 125 -35.99 -32.60 14.79
N GLU A 126 -36.48 -32.69 13.55
CA GLU A 126 -35.59 -32.94 12.42
C GLU A 126 -34.61 -31.79 12.22
N GLN A 127 -35.12 -30.55 12.24
CA GLN A 127 -34.23 -29.41 12.03
C GLN A 127 -33.18 -29.31 13.11
N LYS A 128 -33.56 -29.53 14.37
CA LYS A 128 -32.59 -29.48 15.46
C LYS A 128 -31.55 -30.59 15.31
N THR A 129 -31.99 -31.81 14.97
CA THR A 129 -31.04 -32.90 14.78
C THR A 129 -30.11 -32.63 13.61
N ARG A 130 -30.64 -32.04 12.53
CA ARG A 130 -29.83 -31.84 11.33
C ARG A 130 -28.73 -30.81 11.55
N TYR A 131 -29.00 -29.78 12.34
CA TYR A 131 -28.10 -28.62 12.42
C TYR A 131 -27.40 -28.47 13.75
N LEU A 132 -28.08 -28.66 14.88
CA LEU A 132 -27.48 -28.30 16.15
C LEU A 132 -26.29 -29.16 16.56
N PRO A 133 -26.28 -30.49 16.35
CA PRO A 133 -25.07 -31.26 16.70
C PRO A 133 -23.83 -30.80 15.96
N ARG A 134 -23.98 -30.37 14.71
CA ARG A 134 -22.84 -29.91 13.94
CA ARG A 134 -22.85 -29.90 13.93
C ARG A 134 -22.41 -28.51 14.35
N VAL A 135 -23.34 -27.68 14.80
CA VAL A 135 -22.96 -26.39 15.41
C VAL A 135 -22.17 -26.65 16.68
N ALA A 136 -22.67 -27.57 17.51
CA ALA A 136 -22.09 -27.81 18.82
C ALA A 136 -20.71 -28.46 18.75
N ASN A 137 -20.42 -29.25 17.73
CA ASN A 137 -19.10 -29.84 17.61
C ASN A 137 -18.20 -29.07 16.64
N GLY A 138 -18.66 -27.93 16.12
CA GLY A 138 -17.81 -27.06 15.34
C GLY A 138 -17.61 -27.47 13.90
N THR A 139 -18.46 -28.35 13.37
CA THR A 139 -18.36 -28.79 11.98
C THR A 139 -19.33 -28.07 11.07
N ALA A 140 -20.18 -27.21 11.61
CA ALA A 140 -21.05 -26.36 10.82
C ALA A 140 -20.98 -24.96 11.40
N ILE A 141 -20.65 -23.98 10.55
CA ILE A 141 -20.56 -22.59 10.97
C ILE A 141 -21.90 -21.91 10.75
N ALA A 142 -22.43 -21.28 11.79
CA ALA A 142 -23.78 -20.72 11.78
C ALA A 142 -23.76 -19.22 11.49
N ALA A 143 -24.91 -18.71 11.09
CA ALA A 143 -25.04 -17.28 10.81
C ALA A 143 -26.50 -16.87 10.97
N PHE A 144 -26.69 -15.58 11.25
CA PHE A 144 -27.98 -14.99 11.61
C PHE A 144 -28.18 -13.79 10.71
N ALA A 145 -29.12 -13.88 9.76
CA ALA A 145 -29.25 -12.89 8.69
C ALA A 145 -30.57 -12.12 8.84
N LEU A 146 -30.49 -10.97 9.50
CA LEU A 146 -31.66 -10.16 9.81
C LEU A 146 -31.58 -8.77 9.19
N SER A 147 -30.44 -8.09 9.36
CA SER A 147 -30.30 -6.70 8.93
C SER A 147 -30.24 -6.58 7.41
N GLU A 148 -30.65 -5.43 6.92
CA GLU A 148 -30.67 -5.07 5.51
C GLU A 148 -30.05 -3.69 5.34
N PRO A 149 -29.64 -3.33 4.12
CA PRO A 149 -29.03 -2.01 3.92
C PRO A 149 -29.90 -0.85 4.40
N GLU A 150 -31.22 -0.94 4.24
CA GLU A 150 -32.12 0.13 4.61
C GLU A 150 -32.84 -0.10 5.93
N ALA A 151 -32.61 -1.24 6.58
CA ALA A 151 -33.36 -1.58 7.80
C ALA A 151 -32.43 -2.39 8.71
N GLY A 152 -31.86 -1.71 9.72
CA GLY A 152 -31.11 -2.37 10.76
C GLY A 152 -31.83 -2.27 12.09
N SER A 153 -31.85 -1.07 12.69
CA SER A 153 -32.61 -0.87 13.91
C SER A 153 -34.11 -1.14 13.71
N ASP A 154 -34.63 -0.76 12.54
CA ASP A 154 -36.06 -0.90 12.26
C ASP A 154 -36.32 -2.23 11.54
N VAL A 155 -36.21 -3.31 12.31
CA VAL A 155 -36.32 -4.66 11.78
C VAL A 155 -37.70 -4.89 11.16
N ALA A 156 -38.73 -4.30 11.75
CA ALA A 156 -40.08 -4.57 11.29
C ALA A 156 -40.33 -4.11 9.87
N ALA A 157 -39.48 -3.22 9.34
CA ALA A 157 -39.63 -2.69 7.99
C ALA A 157 -38.74 -3.39 6.96
N MET A 158 -38.22 -4.57 7.28
CA MET A 158 -37.39 -5.30 6.32
C MET A 158 -38.14 -5.55 5.02
N THR A 159 -37.40 -5.66 3.92
CA THR A 159 -38.02 -5.83 2.60
C THR A 159 -37.61 -7.10 1.86
N LEU A 160 -36.68 -7.90 2.38
CA LEU A 160 -36.39 -9.17 1.74
C LEU A 160 -37.68 -9.98 1.65
N SER A 161 -38.07 -10.35 0.43
CA SER A 161 -39.34 -11.00 0.20
C SER A 161 -39.18 -12.51 0.09
N ALA A 162 -40.20 -13.23 0.57
CA ALA A 162 -40.27 -14.69 0.44
C ALA A 162 -41.66 -15.04 -0.07
N ARG A 163 -41.72 -15.47 -1.33
CA ARG A 163 -42.98 -15.75 -2.01
C ARG A 163 -43.22 -17.25 -2.09
N GLU A 164 -44.38 -17.69 -1.62
CA GLU A 164 -44.70 -19.12 -1.65
C GLU A 164 -44.93 -19.58 -3.08
N ASP A 165 -44.28 -20.68 -3.46
CA ASP A 165 -44.43 -21.26 -4.80
C ASP A 165 -44.39 -22.78 -4.65
N GLY A 166 -45.55 -23.39 -4.45
CA GLY A 166 -45.63 -24.82 -4.26
C GLY A 166 -44.96 -25.28 -2.98
N ASP A 167 -43.95 -26.12 -3.10
CA ASP A 167 -43.25 -26.68 -1.94
C ASP A 167 -42.12 -25.80 -1.46
N ALA A 168 -41.96 -24.62 -2.02
CA ALA A 168 -40.82 -23.78 -1.69
C ALA A 168 -41.28 -22.33 -1.54
N TYR A 169 -40.38 -21.53 -1.01
CA TYR A 169 -40.49 -20.07 -1.03
C TYR A 169 -39.37 -19.52 -1.90
N VAL A 170 -39.69 -18.49 -2.67
CA VAL A 170 -38.70 -17.84 -3.53
C VAL A 170 -38.28 -16.54 -2.86
N LEU A 171 -37.00 -16.43 -2.56
CA LEU A 171 -36.47 -15.27 -1.84
C LEU A 171 -35.76 -14.32 -2.79
N ASP A 172 -36.03 -13.02 -2.62
CA ASP A 172 -35.45 -11.96 -3.44
C ASP A 172 -35.14 -10.78 -2.55
N GLY A 173 -33.90 -10.27 -2.63
CA GLY A 173 -33.50 -9.12 -1.87
C GLY A 173 -32.15 -9.35 -1.21
N ASP A 174 -31.80 -8.47 -0.29
CA ASP A 174 -30.46 -8.43 0.28
C ASP A 174 -30.51 -8.41 1.80
N LYS A 175 -29.59 -9.14 2.42
CA LYS A 175 -29.21 -8.96 3.82
C LYS A 175 -27.79 -8.41 3.86
N THR A 176 -27.44 -7.67 4.91
CA THR A 176 -26.08 -7.17 4.98
C THR A 176 -25.60 -7.06 6.43
N TRP A 177 -24.30 -6.80 6.58
CA TRP A 177 -23.58 -6.89 7.85
C TRP A 177 -23.64 -8.29 8.45
N ILE A 178 -23.66 -9.33 7.62
CA ILE A 178 -23.92 -10.68 8.11
C ILE A 178 -22.62 -11.29 8.60
N SER A 179 -22.51 -11.46 9.92
CA SER A 179 -21.37 -12.14 10.51
C SER A 179 -21.28 -13.57 10.00
N ASN A 180 -20.05 -14.01 9.74
CA ASN A 180 -19.73 -15.28 9.08
C ASN A 180 -20.23 -15.33 7.65
N GLY A 181 -20.69 -14.21 7.11
CA GLY A 181 -21.07 -14.16 5.71
C GLY A 181 -19.92 -14.55 4.80
N GLY A 182 -20.19 -15.48 3.89
CA GLY A 182 -19.17 -16.01 3.02
C GLY A 182 -18.54 -17.31 3.49
N ILE A 183 -18.62 -17.62 4.77
CA ILE A 183 -18.02 -18.87 5.25
C ILE A 183 -19.00 -19.74 6.01
N ALA A 184 -20.19 -19.22 6.29
CA ALA A 184 -21.18 -20.00 7.02
C ALA A 184 -21.64 -21.21 6.21
N ASP A 185 -22.01 -22.27 6.91
CA ASP A 185 -22.63 -23.41 6.26
C ASP A 185 -24.13 -23.26 6.12
N PHE A 186 -24.75 -22.42 6.93
CA PHE A 186 -26.16 -22.11 6.79
C PHE A 186 -26.41 -20.72 7.37
N TYR A 187 -27.52 -20.12 6.96
CA TYR A 187 -27.94 -18.82 7.43
C TYR A 187 -29.37 -18.94 7.92
N VAL A 188 -29.66 -18.46 9.13
CA VAL A 188 -31.04 -18.28 9.54
C VAL A 188 -31.50 -16.93 8.99
N VAL A 189 -32.36 -16.96 7.97
CA VAL A 189 -32.76 -15.78 7.22
C VAL A 189 -34.18 -15.40 7.61
N PHE A 190 -34.41 -14.12 7.88
CA PHE A 190 -35.74 -13.60 8.15
C PHE A 190 -36.22 -12.80 6.95
N ALA A 191 -37.41 -13.13 6.44
CA ALA A 191 -37.88 -12.57 5.20
C ALA A 191 -39.38 -12.26 5.31
N ARG A 192 -39.84 -11.32 4.49
CA ARG A 192 -41.24 -10.91 4.53
C ARG A 192 -42.07 -11.88 3.70
N THR A 193 -42.93 -12.65 4.37
CA THR A 193 -43.89 -13.53 3.72
C THR A 193 -45.27 -12.89 3.56
N GLY A 194 -45.53 -11.79 4.27
CA GLY A 194 -46.65 -10.93 3.96
C GLY A 194 -47.98 -11.28 4.58
N GLU A 195 -48.00 -12.06 5.66
CA GLU A 195 -49.27 -12.43 6.28
C GLU A 195 -49.99 -11.22 6.86
N ALA A 196 -49.25 -10.19 7.24
CA ALA A 196 -49.79 -8.96 7.81
C ALA A 196 -48.70 -7.90 7.74
N PRO A 197 -49.05 -6.62 7.89
CA PRO A 197 -48.05 -5.57 7.72
C PRO A 197 -46.98 -5.60 8.81
N GLY A 198 -45.81 -5.08 8.45
CA GLY A 198 -44.77 -4.80 9.43
C GLY A 198 -44.26 -6.05 10.12
N ALA A 199 -44.16 -5.97 11.44
CA ALA A 199 -43.58 -7.04 12.25
C ALA A 199 -44.39 -8.33 12.21
N ARG A 200 -45.61 -8.32 11.67
CA ARG A 200 -46.46 -9.50 11.66
C ARG A 200 -46.41 -10.25 10.34
N GLY A 201 -45.53 -9.87 9.42
CA GLY A 201 -45.47 -10.53 8.12
C GLY A 201 -44.13 -11.15 7.79
N ILE A 202 -43.37 -11.54 8.82
CA ILE A 202 -42.01 -12.03 8.67
C ILE A 202 -41.98 -13.50 9.02
N SER A 203 -41.23 -14.28 8.25
CA SER A 203 -40.99 -15.70 8.55
C SER A 203 -39.48 -15.96 8.57
N ALA A 204 -39.11 -17.07 9.19
CA ALA A 204 -37.71 -17.45 9.36
C ALA A 204 -37.43 -18.72 8.58
N PHE A 205 -36.24 -18.81 7.98
CA PHE A 205 -35.85 -19.97 7.17
C PHE A 205 -34.40 -20.33 7.49
N VAL A 206 -34.10 -21.63 7.55
CA VAL A 206 -32.71 -22.09 7.51
C VAL A 206 -32.33 -22.24 6.05
N VAL A 207 -31.35 -21.46 5.61
CA VAL A 207 -30.94 -21.45 4.22
C VAL A 207 -29.51 -21.99 4.15
N ASP A 208 -29.35 -23.18 3.60
CA ASP A 208 -28.02 -23.74 3.45
C ASP A 208 -27.18 -22.86 2.52
N ALA A 209 -25.88 -22.79 2.80
CA ALA A 209 -25.00 -21.94 2.02
C ALA A 209 -24.98 -22.32 0.54
N ASP A 210 -25.26 -23.57 0.22
CA ASP A 210 -25.22 -24.03 -1.17
C ASP A 210 -26.55 -23.88 -1.89
N THR A 211 -27.48 -23.10 -1.34
CA THR A 211 -28.77 -22.90 -1.98
C THR A 211 -28.60 -22.15 -3.30
N PRO A 212 -29.01 -22.70 -4.43
CA PRO A 212 -28.93 -21.94 -5.69
C PRO A 212 -29.71 -20.64 -5.58
N GLY A 213 -29.10 -19.54 -6.04
CA GLY A 213 -29.69 -18.23 -5.94
C GLY A 213 -29.21 -17.41 -4.77
N LEU A 214 -28.56 -18.04 -3.78
CA LEU A 214 -27.94 -17.31 -2.69
C LEU A 214 -26.54 -16.89 -3.12
N GLU A 215 -26.30 -15.60 -3.16
CA GLU A 215 -25.07 -15.04 -3.68
C GLU A 215 -24.39 -14.21 -2.61
N ILE A 216 -23.06 -14.33 -2.52
CA ILE A 216 -22.25 -13.48 -1.66
C ILE A 216 -21.95 -12.23 -2.48
N ALA A 217 -22.72 -11.16 -2.26
CA ALA A 217 -22.63 -9.99 -3.11
C ALA A 217 -21.33 -9.23 -2.89
N GLU A 218 -20.89 -9.12 -1.63
CA GLU A 218 -19.61 -8.48 -1.34
C GLU A 218 -19.17 -8.92 0.05
N ARG A 219 -17.86 -8.95 0.25
CA ARG A 219 -17.30 -9.09 1.57
C ARG A 219 -17.13 -7.71 2.16
N ILE A 220 -17.50 -7.56 3.43
CA ILE A 220 -17.51 -6.26 4.09
C ILE A 220 -16.30 -6.16 5.01
N ASP A 221 -15.58 -5.03 4.95
CA ASP A 221 -14.43 -4.77 5.81
C ASP A 221 -14.85 -3.80 6.89
N VAL A 222 -14.67 -4.18 8.16
CA VAL A 222 -14.95 -3.29 9.28
C VAL A 222 -13.66 -3.06 10.07
N ILE A 223 -13.73 -2.08 10.98
CA ILE A 223 -12.51 -1.55 11.62
C ILE A 223 -11.79 -2.64 12.42
N ALA A 224 -12.53 -3.58 13.00
CA ALA A 224 -11.95 -4.77 13.62
C ALA A 224 -12.36 -5.94 12.75
N PRO A 225 -11.50 -6.41 11.85
CA PRO A 225 -11.96 -7.32 10.78
C PRO A 225 -12.50 -8.63 11.32
N HIS A 226 -13.72 -8.96 10.89
CA HIS A 226 -14.38 -10.23 11.12
CA HIS A 226 -14.33 -10.25 11.10
C HIS A 226 -15.00 -10.63 9.80
N PRO A 227 -15.24 -11.92 9.58
CA PRO A 227 -15.93 -12.33 8.34
CA PRO A 227 -15.94 -12.34 8.34
C PRO A 227 -17.34 -11.76 8.30
N LEU A 228 -17.59 -10.92 7.29
CA LEU A 228 -18.86 -10.24 7.11
C LEU A 228 -19.18 -10.18 5.63
N ALA A 229 -20.46 -10.24 5.30
CA ALA A 229 -20.84 -10.18 3.89
C ALA A 229 -22.22 -9.58 3.72
N ARG A 230 -22.44 -9.07 2.53
CA ARG A 230 -23.77 -8.76 2.02
C ARG A 230 -24.26 -9.94 1.20
N LEU A 231 -25.46 -10.40 1.51
CA LEU A 231 -26.05 -11.53 0.81
C LEU A 231 -27.09 -11.01 -0.17
N HIS A 232 -27.05 -11.50 -1.41
CA HIS A 232 -28.08 -11.20 -2.38
C HIS A 232 -28.83 -12.48 -2.71
N PHE A 233 -30.16 -12.41 -2.62
CA PHE A 233 -31.02 -13.53 -2.96
C PHE A 233 -31.62 -13.25 -4.33
N ALA A 234 -31.23 -14.04 -5.33
CA ALA A 234 -31.67 -13.89 -6.70
C ALA A 234 -32.63 -15.04 -6.99
N GLY A 235 -33.87 -14.90 -6.53
CA GLY A 235 -34.86 -15.94 -6.71
C GLY A 235 -34.46 -17.27 -6.12
N ALA A 236 -33.83 -17.25 -4.94
CA ALA A 236 -33.38 -18.48 -4.29
C ALA A 236 -34.58 -19.28 -3.81
N ARG A 237 -34.70 -20.52 -4.27
CA ARG A 237 -35.80 -21.39 -3.87
C ARG A 237 -35.40 -22.14 -2.60
N VAL A 238 -36.13 -21.88 -1.52
CA VAL A 238 -35.86 -22.47 -0.22
C VAL A 238 -37.02 -23.42 0.11
N PRO A 239 -36.75 -24.69 0.39
CA PRO A 239 -37.86 -25.61 0.68
C PRO A 239 -38.71 -25.12 1.84
N ARG A 240 -40.02 -25.36 1.72
CA ARG A 240 -40.93 -24.97 2.79
C ARG A 240 -40.59 -25.67 4.10
N SER A 241 -40.04 -26.88 4.04
CA SER A 241 -39.64 -27.61 5.24
C SER A 241 -38.45 -26.98 5.96
N GLN A 242 -37.82 -25.96 5.38
CA GLN A 242 -36.73 -25.25 6.05
C GLN A 242 -37.23 -24.03 6.82
N MET A 243 -38.54 -23.78 6.85
CA MET A 243 -39.06 -22.69 7.65
C MET A 243 -38.96 -23.03 9.14
N LEU A 244 -38.56 -22.06 9.95
CA LEU A 244 -38.52 -22.21 11.39
C LEU A 244 -39.78 -21.60 11.97
N GLY A 245 -40.60 -22.43 12.62
CA GLY A 245 -41.87 -21.96 13.15
C GLY A 245 -42.89 -21.73 12.06
N ALA A 246 -44.00 -21.11 12.47
CA ALA A 246 -45.13 -20.88 11.58
C ALA A 246 -44.92 -19.63 10.72
N PRO A 247 -45.56 -19.56 9.56
CA PRO A 247 -45.47 -18.35 8.74
C PRO A 247 -45.99 -17.14 9.49
N GLY A 248 -45.26 -16.03 9.38
CA GLY A 248 -45.63 -14.81 10.06
C GLY A 248 -45.13 -14.69 11.48
N GLU A 249 -44.50 -15.73 12.03
CA GLU A 249 -43.98 -15.69 13.39
C GLU A 249 -42.47 -15.48 13.44
N GLY A 250 -41.87 -15.05 12.33
CA GLY A 250 -40.42 -14.92 12.27
C GLY A 250 -39.88 -13.77 13.09
N PHE A 251 -40.65 -12.68 13.24
CA PHE A 251 -40.16 -11.53 13.97
C PHE A 251 -39.93 -11.85 15.44
N LYS A 252 -40.91 -12.49 16.10
CA LYS A 252 -40.72 -12.84 17.50
C LYS A 252 -39.60 -13.86 17.67
N LEU A 253 -39.41 -14.75 16.70
CA LEU A 253 -38.29 -15.69 16.76
C LEU A 253 -36.96 -14.96 16.72
N ALA A 254 -36.83 -13.97 15.83
CA ALA A 254 -35.61 -13.17 15.75
C ALA A 254 -35.34 -12.45 17.06
N MET A 255 -36.38 -11.83 17.63
CA MET A 255 -36.19 -11.08 18.87
C MET A 255 -35.83 -12.00 20.02
N ARG A 256 -36.47 -13.15 20.11
CA ARG A 256 -36.15 -14.08 21.18
C ARG A 256 -34.75 -14.68 21.01
N THR A 257 -34.32 -14.88 19.77
CA THR A 257 -32.96 -15.36 19.53
C THR A 257 -31.94 -14.34 20.00
N LEU A 258 -32.14 -13.07 19.64
CA LEU A 258 -31.27 -12.01 20.13
C LEU A 258 -31.33 -11.92 21.65
N ASP A 259 -32.51 -12.17 22.25
CA ASP A 259 -32.65 -12.08 23.70
C ASP A 259 -31.75 -13.09 24.42
N ILE A 260 -31.63 -14.30 23.87
CA ILE A 260 -30.80 -15.33 24.50
C ILE A 260 -29.41 -14.80 24.78
N PHE A 261 -28.82 -14.10 23.81
CA PHE A 261 -27.39 -13.81 23.80
C PHE A 261 -27.06 -12.36 24.12
N ARG A 262 -28.06 -11.57 24.50
CA ARG A 262 -27.83 -10.16 24.76
CA ARG A 262 -27.83 -10.15 24.76
C ARG A 262 -26.84 -9.94 25.89
N THR A 263 -27.02 -10.65 27.00
CA THR A 263 -26.11 -10.50 28.12
CA THR A 263 -26.09 -10.48 28.11
C THR A 263 -24.70 -10.97 27.74
N SER A 264 -24.60 -11.93 26.82
CA SER A 264 -23.27 -12.42 26.42
C SER A 264 -22.50 -11.36 25.63
N VAL A 265 -23.19 -10.45 24.93
CA VAL A 265 -22.50 -9.32 24.30
C VAL A 265 -21.95 -8.39 25.37
N ALA A 266 -22.72 -8.17 26.43
CA ALA A 266 -22.20 -7.43 27.57
C ALA A 266 -20.98 -8.12 28.16
N ALA A 267 -21.03 -9.47 28.27
CA ALA A 267 -19.90 -10.21 28.83
C ALA A 267 -18.65 -10.08 27.95
N ALA A 268 -18.82 -10.10 26.63
CA ALA A 268 -17.68 -9.90 25.74
C ALA A 268 -17.08 -8.50 25.94
N SER A 269 -17.94 -7.49 26.02
CA SER A 269 -17.48 -6.13 26.31
C SER A 269 -16.64 -6.10 27.57
N LEU A 270 -17.13 -6.77 28.61
CA LEU A 270 -16.44 -6.84 29.89
C LEU A 270 -15.08 -7.51 29.74
N GLY A 271 -15.00 -8.59 28.94
CA GLY A 271 -13.73 -9.23 28.73
C GLY A 271 -12.72 -8.32 28.05
N PHE A 272 -13.17 -7.58 27.03
CA PHE A 272 -12.28 -6.61 26.40
C PHE A 272 -11.80 -5.57 27.42
N ALA A 273 -12.72 -5.08 28.26
CA ALA A 273 -12.34 -4.12 29.29
C ALA A 273 -11.32 -4.71 30.25
N ARG A 274 -11.49 -5.98 30.66
CA ARG A 274 -10.52 -6.56 31.58
C ARG A 274 -9.14 -6.68 30.95
N HIS A 275 -9.09 -6.98 29.65
CA HIS A 275 -7.80 -7.00 28.96
C HIS A 275 -7.17 -5.62 29.00
N ALA A 276 -7.95 -4.58 28.69
CA ALA A 276 -7.43 -3.23 28.71
C ALA A 276 -6.95 -2.85 30.12
N MET A 277 -7.69 -3.25 31.14
CA MET A 277 -7.30 -2.97 32.53
C MET A 277 -5.96 -3.59 32.86
N ALA A 278 -5.77 -4.86 32.48
CA ALA A 278 -4.50 -5.51 32.75
C ALA A 278 -3.36 -4.82 32.02
N GLU A 279 -3.60 -4.40 30.77
CA GLU A 279 -2.57 -3.67 30.04
C GLU A 279 -2.25 -2.35 30.71
N GLY A 280 -3.29 -1.64 31.17
CA GLY A 280 -3.09 -0.32 31.75
C GLY A 280 -2.37 -0.35 33.07
N VAL A 281 -2.75 -1.27 33.96
CA VAL A 281 -2.08 -1.33 35.25
CA VAL A 281 -2.09 -1.39 35.25
C VAL A 281 -0.62 -1.77 35.07
N ALA A 282 -0.34 -2.69 34.14
CA ALA A 282 1.03 -3.11 33.93
C ALA A 282 1.87 -1.98 33.37
N ARG A 283 1.31 -1.19 32.45
CA ARG A 283 2.07 -0.07 31.89
C ARG A 283 2.29 1.02 32.93
N ALA A 284 1.28 1.28 33.77
CA ALA A 284 1.45 2.26 34.84
C ALA A 284 2.58 1.86 35.77
N ALA A 285 2.68 0.56 36.06
CA ALA A 285 3.71 0.09 36.99
C ALA A 285 5.09 0.08 36.36
N SER A 286 5.20 -0.11 35.05
CA SER A 286 6.48 -0.35 34.41
C SER A 286 7.07 0.88 33.71
N ARG A 287 6.25 1.86 33.33
CA ARG A 287 6.72 2.97 32.52
C ARG A 287 7.41 4.00 33.42
N LYS A 288 8.73 4.11 33.28
CA LYS A 288 9.49 5.09 34.04
C LYS A 288 9.40 6.47 33.38
N MET A 289 9.19 7.49 34.22
CA MET A 289 9.11 8.88 33.74
C MET A 289 9.25 9.80 34.93
N PHE A 290 9.94 10.93 34.73
CA PHE A 290 10.04 11.99 35.74
C PHE A 290 10.58 11.47 37.07
N GLY A 291 11.53 10.53 37.00
CA GLY A 291 12.15 9.98 38.18
C GLY A 291 11.30 8.99 38.95
N GLN A 292 10.12 8.64 38.45
CA GLN A 292 9.29 7.66 39.12
C GLN A 292 8.63 6.78 38.06
N THR A 293 7.43 6.25 38.34
CA THR A 293 6.68 5.53 37.32
C THR A 293 5.38 6.27 37.04
N LEU A 294 4.79 5.94 35.89
CA LEU A 294 3.51 6.52 35.51
C LEU A 294 2.46 6.28 36.58
N GLY A 295 2.47 5.11 37.21
CA GLY A 295 1.53 4.76 38.27
C GLY A 295 1.68 5.57 39.55
N ASP A 296 2.81 6.24 39.74
CA ASP A 296 2.98 7.05 40.94
C ASP A 296 2.21 8.37 40.87
N PHE A 297 1.74 8.76 39.69
CA PHE A 297 1.01 10.01 39.54
C PHE A 297 -0.46 9.85 39.91
N GLN A 298 -0.99 10.83 40.63
CA GLN A 298 -2.39 10.78 41.05
C GLN A 298 -3.34 10.62 39.88
N LEU A 299 -3.10 11.32 38.77
CA LEU A 299 -4.03 11.19 37.65
C LEU A 299 -4.08 9.75 37.15
N THR A 300 -2.94 9.06 37.16
CA THR A 300 -2.92 7.66 36.76
C THR A 300 -3.70 6.80 37.75
N GLN A 301 -3.45 7.01 39.04
CA GLN A 301 -4.15 6.21 40.05
C GLN A 301 -5.66 6.42 39.98
N ALA A 302 -6.10 7.66 39.78
CA ALA A 302 -7.53 7.92 39.68
C ALA A 302 -8.12 7.29 38.42
N LYS A 303 -7.36 7.32 37.32
CA LYS A 303 -7.83 6.73 36.08
CA LYS A 303 -7.84 6.72 36.07
C LYS A 303 -7.94 5.21 36.20
N LEU A 304 -6.92 4.58 36.78
CA LEU A 304 -6.99 3.14 37.02
C LEU A 304 -8.16 2.80 37.93
N ALA A 305 -8.40 3.62 38.96
CA ALA A 305 -9.51 3.36 39.86
C ALA A 305 -10.85 3.40 39.13
N GLN A 306 -11.03 4.39 38.25
CA GLN A 306 -12.27 4.48 37.49
C GLN A 306 -12.42 3.31 36.52
N MET A 307 -11.32 2.86 35.91
CA MET A 307 -11.39 1.66 35.08
C MET A 307 -11.89 0.48 35.88
N ALA A 308 -11.37 0.31 37.10
CA ALA A 308 -11.74 -0.82 37.94
C ALA A 308 -13.19 -0.71 38.39
N LEU A 309 -13.63 0.51 38.71
CA LEU A 309 -15.02 0.72 39.12
C LEU A 309 -15.98 0.38 37.98
N THR A 310 -15.67 0.86 36.78
CA THR A 310 -16.50 0.54 35.61
C THR A 310 -16.55 -0.95 35.37
N ILE A 311 -15.41 -1.64 35.52
CA ILE A 311 -15.38 -3.09 35.31
C ILE A 311 -16.22 -3.81 36.35
N ASP A 312 -16.10 -3.44 37.62
CA ASP A 312 -16.89 -4.14 38.64
C ASP A 312 -18.38 -3.88 38.47
N SER A 313 -18.75 -2.64 38.16
CA SER A 313 -20.18 -2.37 37.94
CA SER A 313 -20.16 -2.32 37.90
C SER A 313 -20.68 -3.12 36.71
N SER A 314 -19.90 -3.15 35.63
CA SER A 314 -20.30 -3.90 34.44
C SER A 314 -20.44 -5.38 34.75
N ALA A 315 -19.46 -5.95 35.47
CA ALA A 315 -19.52 -7.37 35.78
C ALA A 315 -20.73 -7.71 36.65
N LEU A 316 -21.00 -6.88 37.65
CA LEU A 316 -22.19 -7.10 38.48
C LEU A 316 -23.46 -7.04 37.67
N LEU A 317 -23.57 -6.07 36.74
CA LEU A 317 -24.77 -5.99 35.91
C LEU A 317 -24.88 -7.19 34.98
N VAL A 318 -23.78 -7.61 34.37
CA VAL A 318 -23.81 -8.77 33.47
C VAL A 318 -24.31 -9.99 34.21
N TYR A 319 -23.71 -10.30 35.36
CA TYR A 319 -24.03 -11.57 35.99
C TYR A 319 -25.28 -11.50 36.85
N ARG A 320 -25.72 -10.31 37.28
CA ARG A 320 -27.09 -10.19 37.78
C ARG A 320 -28.08 -10.59 36.70
N ALA A 321 -27.92 -10.04 35.49
CA ALA A 321 -28.85 -10.36 34.42
C ALA A 321 -28.79 -11.82 34.04
N ALA A 322 -27.58 -12.39 33.99
CA ALA A 322 -27.45 -13.80 33.59
C ALA A 322 -28.01 -14.71 34.65
N TRP A 323 -27.70 -14.44 35.93
CA TRP A 323 -28.30 -15.21 37.02
C TRP A 323 -29.82 -15.16 36.97
N LEU A 324 -30.38 -13.97 36.72
CA LEU A 324 -31.83 -13.81 36.72
C LEU A 324 -32.47 -14.59 35.58
N ARG A 325 -31.90 -14.50 34.38
CA ARG A 325 -32.44 -15.28 33.26
C ARG A 325 -32.37 -16.77 33.57
N ASP A 326 -31.28 -17.21 34.20
CA ASP A 326 -31.14 -18.62 34.55
C ASP A 326 -32.12 -19.06 35.63
N GLN A 327 -32.79 -18.15 36.31
CA GLN A 327 -33.88 -18.53 37.20
C GLN A 327 -35.19 -18.72 36.44
N GLY A 328 -35.20 -18.54 35.12
CA GLY A 328 -36.40 -18.67 34.32
C GLY A 328 -37.14 -17.38 34.10
N GLU A 329 -36.54 -16.25 34.42
CA GLU A 329 -37.19 -14.95 34.34
C GLU A 329 -36.82 -14.21 33.07
N ASN A 330 -37.77 -13.42 32.57
CA ASN A 330 -37.48 -12.51 31.48
CA ASN A 330 -37.47 -12.51 31.48
C ASN A 330 -36.60 -11.37 31.99
N VAL A 331 -35.62 -10.96 31.18
CA VAL A 331 -34.67 -9.96 31.65
C VAL A 331 -34.58 -8.77 30.69
N THR A 332 -35.73 -8.33 30.18
CA THR A 332 -35.74 -7.19 29.25
C THR A 332 -34.98 -5.99 29.81
N ARG A 333 -35.31 -5.56 31.03
CA ARG A 333 -34.63 -4.39 31.57
C ARG A 333 -33.19 -4.72 31.93
N GLU A 334 -32.98 -5.86 32.60
CA GLU A 334 -31.67 -6.17 33.17
C GLU A 334 -30.62 -6.44 32.10
N ALA A 335 -31.02 -7.15 31.03
CA ALA A 335 -30.07 -7.42 29.95
C ALA A 335 -29.75 -6.17 29.15
N ALA A 336 -30.75 -5.31 28.95
CA ALA A 336 -30.49 -4.04 28.29
C ALA A 336 -29.52 -3.20 29.10
N MET A 337 -29.73 -3.14 30.42
CA MET A 337 -28.79 -2.41 31.28
C MET A 337 -27.39 -2.97 31.15
N ALA A 338 -27.25 -4.29 31.16
CA ALA A 338 -25.93 -4.91 31.10
C ALA A 338 -25.24 -4.60 29.79
N LYS A 339 -25.94 -4.78 28.66
CA LYS A 339 -25.32 -4.58 27.37
C LYS A 339 -24.92 -3.12 27.18
N TRP A 340 -25.81 -2.20 27.54
CA TRP A 340 -25.53 -0.78 27.50
C TRP A 340 -24.32 -0.42 28.36
N HIS A 341 -24.37 -0.76 29.65
CA HIS A 341 -23.31 -0.33 30.57
C HIS A 341 -21.97 -0.97 30.20
N ALA A 342 -21.96 -2.26 29.90
CA ALA A 342 -20.68 -2.93 29.68
C ALA A 342 -20.03 -2.45 28.38
N SER A 343 -20.82 -2.22 27.33
CA SER A 343 -20.23 -1.79 26.07
C SER A 343 -19.77 -0.34 26.14
N GLU A 344 -20.60 0.54 26.70
CA GLU A 344 -20.18 1.93 26.87
C GLU A 344 -19.00 2.02 27.84
N GLY A 345 -19.04 1.24 28.92
CA GLY A 345 -17.98 1.27 29.90
C GLY A 345 -16.67 0.72 29.36
N ALA A 346 -16.74 -0.37 28.59
CA ALA A 346 -15.53 -0.92 28.01
C ALA A 346 -14.87 0.08 27.05
N GLN A 347 -15.67 0.83 26.30
CA GLN A 347 -15.10 1.87 25.44
C GLN A 347 -14.27 2.84 26.26
N GLN A 348 -14.82 3.28 27.40
CA GLN A 348 -14.10 4.21 28.27
C GLN A 348 -12.84 3.58 28.86
N VAL A 349 -12.93 2.33 29.31
CA VAL A 349 -11.76 1.66 29.90
C VAL A 349 -10.66 1.51 28.87
N ILE A 350 -11.04 1.03 27.68
CA ILE A 350 -10.07 0.86 26.60
C ILE A 350 -9.46 2.19 26.21
N ASP A 351 -10.28 3.23 26.11
CA ASP A 351 -9.78 4.54 25.74
C ASP A 351 -8.73 5.02 26.74
N ALA A 352 -8.97 4.78 28.03
CA ALA A 352 -8.03 5.19 29.07
C ALA A 352 -6.74 4.38 28.98
N ALA A 353 -6.84 3.10 28.63
CA ALA A 353 -5.65 2.27 28.49
C ALA A 353 -4.80 2.71 27.29
N VAL A 354 -5.45 3.07 26.18
CA VAL A 354 -4.74 3.67 25.05
C VAL A 354 -3.95 4.90 25.52
N GLN A 355 -4.61 5.76 26.31
CA GLN A 355 -3.98 6.99 26.76
C GLN A 355 -2.76 6.70 27.63
N LEU A 356 -2.85 5.70 28.51
CA LEU A 356 -1.73 5.35 29.37
C LEU A 356 -0.52 4.89 28.57
N TYR A 357 -0.75 4.28 27.41
CA TYR A 357 0.34 3.78 26.57
C TYR A 357 1.00 4.86 25.73
N GLY A 358 0.47 6.08 25.70
CA GLY A 358 1.12 7.09 24.89
C GLY A 358 1.07 6.74 23.42
N GLY A 359 2.16 7.04 22.71
CA GLY A 359 2.18 6.78 21.28
C GLY A 359 1.96 5.31 20.95
N MET A 360 2.45 4.42 21.79
CA MET A 360 2.24 3.00 21.59
CA MET A 360 2.24 2.99 21.58
C MET A 360 0.76 2.62 21.63
N GLY A 361 -0.06 3.44 22.28
CA GLY A 361 -1.49 3.19 22.32
C GLY A 361 -2.18 3.22 20.98
N VAL A 362 -1.59 3.92 19.99
CA VAL A 362 -2.15 3.96 18.66
C VAL A 362 -1.29 3.20 17.66
N GLN A 363 -0.29 2.47 18.13
CA GLN A 363 0.55 1.68 17.23
C GLN A 363 -0.18 0.41 16.82
N SER A 364 -0.23 0.16 15.52
CA SER A 364 -1.03 -0.94 14.99
C SER A 364 -0.60 -2.26 15.59
N GLY A 365 -1.58 -3.02 16.08
CA GLY A 365 -1.33 -4.35 16.58
C GLY A 365 -0.95 -4.45 18.04
N THR A 366 -0.71 -3.33 18.74
CA THR A 366 -0.58 -3.43 20.19
C THR A 366 -1.93 -3.83 20.76
N ALA A 367 -1.90 -4.42 21.96
CA ALA A 367 -3.13 -4.89 22.59
C ALA A 367 -4.17 -3.77 22.69
N VAL A 368 -3.77 -2.60 23.17
CA VAL A 368 -4.78 -1.57 23.41
C VAL A 368 -5.26 -0.96 22.09
N GLU A 369 -4.39 -0.86 21.08
CA GLU A 369 -4.84 -0.36 19.79
C GLU A 369 -5.87 -1.30 19.17
N MET A 370 -5.65 -2.60 19.30
CA MET A 370 -6.61 -3.54 18.77
C MET A 370 -7.94 -3.44 19.53
N LEU A 371 -7.87 -3.28 20.86
CA LEU A 371 -9.10 -3.15 21.65
C LEU A 371 -9.88 -1.89 21.29
N TYR A 372 -9.18 -0.79 21.00
CA TYR A 372 -9.84 0.44 20.59
C TYR A 372 -10.67 0.22 19.32
N ARG A 373 -10.18 -0.62 18.41
CA ARG A 373 -10.96 -0.95 17.23
C ARG A 373 -12.04 -1.97 17.52
N GLU A 374 -11.72 -2.96 18.34
CA GLU A 374 -12.64 -4.09 18.57
C GLU A 374 -13.92 -3.65 19.26
N ILE A 375 -13.82 -2.70 20.20
CA ILE A 375 -14.98 -2.44 21.06
C ILE A 375 -16.05 -1.65 20.31
N ARG A 376 -15.68 -0.87 19.29
CA ARG A 376 -16.58 0.18 18.83
C ARG A 376 -17.90 -0.39 18.30
N ALA A 377 -17.84 -1.52 17.58
CA ALA A 377 -19.06 -2.09 17.01
C ALA A 377 -20.01 -2.67 18.06
N LEU A 378 -19.52 -3.03 19.24
CA LEU A 378 -20.40 -3.63 20.23
C LEU A 378 -21.41 -2.64 20.79
N ARG A 379 -21.17 -1.34 20.61
CA ARG A 379 -22.15 -0.34 21.00
C ARG A 379 -23.23 -0.13 19.94
N ILE A 380 -23.10 -0.77 18.79
CA ILE A 380 -23.96 -0.53 17.64
C ILE A 380 -24.85 -1.73 17.35
N TYR A 381 -24.28 -2.93 17.34
CA TYR A 381 -25.08 -4.07 16.98
C TYR A 381 -25.76 -4.67 18.21
N GLU A 382 -26.67 -5.61 17.94
CA GLU A 382 -27.53 -6.23 18.94
CA GLU A 382 -27.50 -6.22 18.98
C GLU A 382 -28.17 -5.18 19.84
N GLY A 383 -28.72 -4.15 19.20
CA GLY A 383 -29.42 -3.10 19.90
C GLY A 383 -28.44 -2.00 20.26
N ALA A 384 -28.40 -0.94 19.45
CA ALA A 384 -27.48 0.15 19.74
C ALA A 384 -27.76 0.70 21.14
N THR A 385 -26.75 1.36 21.71
CA THR A 385 -26.91 1.97 23.03
C THR A 385 -28.20 2.76 23.16
N GLU A 386 -28.54 3.55 22.14
CA GLU A 386 -29.72 4.42 22.22
C GLU A 386 -30.98 3.59 22.33
N VAL A 387 -31.03 2.46 21.61
CA VAL A 387 -32.18 1.56 21.71
C VAL A 387 -32.25 0.94 23.11
N GLN A 388 -31.10 0.57 23.69
CA GLN A 388 -31.10 0.04 25.04
C GLN A 388 -31.64 1.06 26.03
N GLN A 389 -31.25 2.32 25.90
CA GLN A 389 -31.76 3.36 26.81
C GLN A 389 -33.28 3.46 26.72
N LEU A 390 -33.81 3.41 25.50
CA LEU A 390 -35.26 3.52 25.33
C LEU A 390 -35.97 2.30 25.89
N ILE A 391 -35.39 1.11 25.71
CA ILE A 391 -35.99 -0.11 26.27
C ILE A 391 -36.11 0.02 27.78
N VAL A 392 -35.02 0.46 28.44
CA VAL A 392 -35.05 0.58 29.88
C VAL A 392 -36.03 1.67 30.32
N GLY A 393 -35.99 2.83 29.65
CA GLY A 393 -36.89 3.92 30.04
C GLY A 393 -38.35 3.56 29.88
N ARG A 394 -38.71 2.99 28.73
CA ARG A 394 -40.08 2.54 28.54
C ARG A 394 -40.48 1.51 29.59
N ASP A 395 -39.56 0.62 29.95
CA ASP A 395 -39.94 -0.41 30.92
C ASP A 395 -40.19 0.18 32.30
N LEU A 396 -39.41 1.21 32.67
CA LEU A 396 -39.64 1.89 33.94
C LEU A 396 -41.04 2.49 33.98
N LEU A 397 -41.44 3.15 32.89
CA LEU A 397 -42.77 3.76 32.82
C LEU A 397 -43.87 2.71 32.79
N LYS A 398 -43.64 1.60 32.08
CA LYS A 398 -44.61 0.51 32.06
C LYS A 398 -44.80 -0.06 33.46
N ALA A 399 -43.71 -0.30 34.19
CA ALA A 399 -43.83 -0.84 35.55
C ALA A 399 -44.54 0.14 36.46
N HIS A 400 -44.27 1.43 36.32
CA HIS A 400 -44.95 2.42 37.14
C HIS A 400 -46.44 2.44 36.85
N ALA A 401 -46.81 2.35 35.57
CA ALA A 401 -48.22 2.34 35.21
C ALA A 401 -48.92 1.11 35.79
N ALA A 402 -48.22 -0.03 35.81
CA ALA A 402 -48.83 -1.24 36.36
C ALA A 402 -48.99 -1.13 37.88
N ALA A 403 -48.04 -0.46 38.55
CA ALA A 403 -48.13 -0.31 39.99
C ALA A 403 -49.27 0.62 40.38
N THR A 404 -49.49 1.69 39.62
CA THR A 404 -50.53 2.67 39.94
C THR A 404 -51.88 2.32 39.33
N ALA A 405 -51.99 1.19 38.64
CA ALA A 405 -53.27 0.73 38.12
C ALA A 405 -54.02 -0.04 39.19
N GLU B 14 -20.86 38.77 0.38
CA GLU B 14 -21.50 39.20 1.62
C GLU B 14 -21.12 38.27 2.76
N LEU B 15 -20.61 38.87 3.84
CA LEU B 15 -20.17 38.08 4.99
C LEU B 15 -21.38 37.59 5.77
N ASP B 16 -21.49 36.27 5.91
CA ASP B 16 -22.51 35.67 6.77
C ASP B 16 -22.14 35.96 8.23
N LEU B 17 -22.93 36.82 8.88
CA LEU B 17 -22.56 37.25 10.23
C LEU B 17 -22.73 36.13 11.26
N HIS B 18 -23.44 35.06 10.93
CA HIS B 18 -23.51 33.92 11.83
C HIS B 18 -22.36 32.95 11.65
N SER B 19 -21.48 33.17 10.68
CA SER B 19 -20.33 32.30 10.50
C SER B 19 -19.22 32.69 11.46
N ALA B 20 -18.42 31.69 11.84
CA ALA B 20 -17.33 31.93 12.77
C ALA B 20 -16.31 32.89 12.18
N LEU B 21 -16.17 32.90 10.84
CA LEU B 21 -15.20 33.81 10.24
C LEU B 21 -15.58 35.28 10.43
N ALA B 22 -16.83 35.58 10.81
CA ALA B 22 -17.20 36.96 11.09
C ALA B 22 -16.73 37.43 12.46
N TRP B 23 -16.30 36.52 13.33
CA TRP B 23 -15.86 36.90 14.66
C TRP B 23 -14.73 37.93 14.57
N PRO B 24 -14.69 38.90 15.48
CA PRO B 24 -13.62 39.91 15.46
C PRO B 24 -12.25 39.40 15.86
N PHE B 25 -12.12 38.12 16.20
CA PHE B 25 -10.81 37.49 16.28
C PHE B 25 -10.12 37.45 14.93
N PHE B 26 -10.85 37.61 13.84
CA PHE B 26 -10.31 37.50 12.49
C PHE B 26 -10.18 38.86 11.83
N GLU B 27 -9.19 38.99 10.96
CA GLU B 27 -9.02 40.13 10.08
C GLU B 27 -9.50 39.78 8.68
N PRO B 28 -9.69 40.77 7.81
CA PRO B 28 -10.11 40.46 6.43
C PRO B 28 -9.20 39.47 5.72
N ARG B 29 -7.88 39.55 5.94
CA ARG B 29 -6.98 38.62 5.27
C ARG B 29 -7.29 37.17 5.63
N HIS B 30 -7.82 36.94 6.84
CA HIS B 30 -8.13 35.58 7.26
C HIS B 30 -9.35 35.04 6.54
N ARG B 31 -10.33 35.91 6.29
CA ARG B 31 -11.50 35.49 5.54
CA ARG B 31 -11.50 35.48 5.53
C ARG B 31 -11.13 35.16 4.09
N GLU B 32 -10.24 35.96 3.49
CA GLU B 32 -9.78 35.68 2.14
C GLU B 32 -8.99 34.37 2.11
N LEU B 33 -8.11 34.16 3.10
CA LEU B 33 -7.34 32.92 3.18
C LEU B 33 -8.25 31.71 3.33
N ALA B 34 -9.26 31.82 4.20
CA ALA B 34 -10.15 30.68 4.41
C ALA B 34 -10.85 30.29 3.12
N ALA B 35 -11.28 31.28 2.33
CA ALA B 35 -11.90 30.95 1.05
C ALA B 35 -10.89 30.32 0.10
N GLY B 36 -9.65 30.80 0.12
CA GLY B 36 -8.65 30.28 -0.79
C GLY B 36 -8.25 28.85 -0.50
N ILE B 37 -8.04 28.52 0.78
CA ILE B 37 -7.64 27.15 1.08
C ILE B 37 -8.82 26.19 0.87
N GLU B 38 -10.05 26.62 1.16
CA GLU B 38 -11.21 25.79 0.83
C GLU B 38 -11.28 25.50 -0.66
N ALA B 39 -11.06 26.54 -1.49
CA ALA B 39 -11.08 26.32 -2.93
C ALA B 39 -9.99 25.34 -3.35
N TRP B 40 -8.81 25.44 -2.74
CA TRP B 40 -7.72 24.51 -3.07
C TRP B 40 -8.12 23.09 -2.71
N CYS B 41 -8.74 22.91 -1.54
CA CYS B 41 -9.17 21.57 -1.14
C CYS B 41 -10.16 20.98 -2.12
N ARG B 42 -11.13 21.79 -2.57
CA ARG B 42 -12.13 21.27 -3.50
C ARG B 42 -11.51 20.88 -4.83
N ALA B 43 -10.46 21.58 -5.25
CA ALA B 43 -9.87 21.30 -6.55
C ALA B 43 -8.85 20.17 -6.51
N ASN B 44 -8.29 19.86 -5.33
CA ASN B 44 -7.12 19.00 -5.27
C ASN B 44 -7.27 17.77 -4.37
N LEU B 45 -8.30 17.69 -3.54
CA LEU B 45 -8.47 16.57 -2.63
C LEU B 45 -9.67 15.69 -3.00
N ALA B 46 -10.14 15.78 -4.24
CA ALA B 46 -11.31 15.01 -4.67
C ALA B 46 -10.94 13.58 -5.07
N ASP B 52 -0.67 4.54 -1.38
CA ASP B 52 0.72 4.73 -1.04
C ASP B 52 0.86 5.99 -0.20
N VAL B 53 0.99 5.82 1.11
CA VAL B 53 0.95 6.97 2.02
C VAL B 53 2.17 7.87 1.81
N ASP B 54 3.36 7.29 1.65
CA ASP B 54 4.56 8.11 1.43
C ASP B 54 4.43 8.93 0.16
N ALA B 55 3.97 8.30 -0.93
CA ALA B 55 3.86 9.00 -2.20
C ALA B 55 2.80 10.09 -2.12
N THR B 56 1.69 9.81 -1.44
CA THR B 56 0.65 10.82 -1.29
C THR B 56 1.16 12.03 -0.53
N CYS B 57 1.91 11.80 0.56
CA CYS B 57 2.41 12.93 1.33
C CYS B 57 3.40 13.74 0.50
N ARG B 58 4.30 13.07 -0.23
CA ARG B 58 5.23 13.79 -1.09
CA ARG B 58 5.22 13.81 -1.09
C ARG B 58 4.47 14.68 -2.07
N ARG B 59 3.43 14.13 -2.70
CA ARG B 59 2.65 14.90 -3.66
C ARG B 59 1.95 16.09 -3.00
N LEU B 60 1.35 15.86 -1.84
CA LEU B 60 0.62 16.92 -1.16
C LEU B 60 1.56 18.06 -0.75
N VAL B 61 2.75 17.73 -0.24
CA VAL B 61 3.69 18.77 0.14
C VAL B 61 4.04 19.65 -1.06
N ARG B 62 4.32 19.01 -2.20
CA ARG B 62 4.69 19.79 -3.37
C ARG B 62 3.52 20.64 -3.87
N GLU B 63 2.30 20.09 -3.83
CA GLU B 63 1.13 20.84 -4.31
C GLU B 63 0.81 22.00 -3.40
N LEU B 64 0.83 21.76 -2.08
CA LEU B 64 0.64 22.86 -1.14
C LEU B 64 1.72 23.91 -1.30
N GLY B 65 2.96 23.47 -1.50
CA GLY B 65 4.05 24.41 -1.69
C GLY B 65 3.87 25.26 -2.93
N ALA B 66 3.52 24.63 -4.06
CA ALA B 66 3.35 25.38 -5.31
C ALA B 66 2.23 26.40 -5.21
N ALA B 67 1.20 26.11 -4.42
CA ALA B 67 0.04 26.99 -4.29
C ALA B 67 0.25 28.10 -3.27
N GLY B 68 1.37 28.10 -2.56
CA GLY B 68 1.67 29.15 -1.60
C GLY B 68 1.23 28.88 -0.17
N TRP B 69 0.66 27.71 0.12
CA TRP B 69 0.09 27.52 1.45
C TRP B 69 1.11 27.15 2.51
N LEU B 70 2.29 26.67 2.11
CA LEU B 70 3.32 26.37 3.10
C LEU B 70 4.07 27.61 3.57
N LYS B 71 3.85 28.76 2.93
CA LYS B 71 4.57 29.97 3.35
C LYS B 71 4.14 30.44 4.73
N TYR B 72 2.92 30.10 5.15
CA TYR B 72 2.40 30.61 6.42
C TYR B 72 3.07 29.97 7.64
N GLY B 73 3.66 28.79 7.49
CA GLY B 73 4.33 28.17 8.61
C GLY B 73 5.81 28.46 8.70
N VAL B 74 6.33 29.34 7.84
CA VAL B 74 7.74 29.69 7.79
C VAL B 74 7.87 31.16 8.19
N GLY B 75 8.83 31.46 9.07
CA GLY B 75 9.07 32.83 9.50
C GLY B 75 10.17 33.48 8.68
N GLY B 76 9.84 34.65 8.11
CA GLY B 76 10.82 35.47 7.42
C GLY B 76 10.57 35.59 5.93
N VAL B 77 10.16 36.78 5.48
CA VAL B 77 9.85 36.97 4.07
C VAL B 77 11.08 36.69 3.21
N ALA B 78 12.27 37.06 3.71
CA ALA B 78 13.49 36.84 2.97
C ALA B 78 13.75 35.36 2.70
N TYR B 79 13.13 34.47 3.48
CA TYR B 79 13.40 33.05 3.40
C TYR B 79 12.21 32.28 2.84
N GLY B 80 11.27 32.99 2.22
CA GLY B 80 10.11 32.37 1.62
C GLY B 80 8.88 32.33 2.51
N GLY B 81 8.95 32.91 3.71
CA GLY B 81 7.79 32.94 4.57
C GLY B 81 6.79 33.99 4.14
N HIS B 82 5.55 33.80 4.60
CA HIS B 82 4.50 34.78 4.31
C HIS B 82 4.82 36.13 4.95
N GLY B 83 5.33 36.12 6.18
CA GLY B 83 5.69 37.33 6.87
C GLY B 83 6.88 37.06 7.76
N ASP B 84 7.40 38.12 8.36
CA ASP B 84 8.52 37.96 9.28
C ASP B 84 8.10 37.31 10.59
N THR B 85 6.83 37.39 10.96
CA THR B 85 6.28 36.61 12.05
C THR B 85 5.32 35.58 11.48
N ILE B 86 5.05 34.54 12.26
CA ILE B 86 4.10 33.52 11.84
C ILE B 86 2.71 33.96 12.26
N ASP B 87 1.79 34.01 11.29
CA ASP B 87 0.39 34.37 11.51
C ASP B 87 -0.32 33.12 12.01
N THR B 88 -0.47 33.00 13.33
CA THR B 88 -1.02 31.77 13.92
CA THR B 88 -0.97 31.72 13.80
C THR B 88 -2.46 31.57 13.51
N ARG B 89 -3.24 32.66 13.42
CA ARG B 89 -4.61 32.51 12.98
C ARG B 89 -4.66 31.90 11.57
N ALA B 90 -3.75 32.34 10.70
CA ALA B 90 -3.68 31.79 9.35
C ALA B 90 -3.33 30.30 9.37
N VAL B 91 -2.29 29.94 10.12
CA VAL B 91 -1.89 28.52 10.16
C VAL B 91 -3.03 27.68 10.70
N CYS B 92 -3.75 28.19 11.72
CA CYS B 92 -4.88 27.46 12.26
C CYS B 92 -5.97 27.25 11.21
N LEU B 93 -6.31 28.31 10.47
CA LEU B 93 -7.34 28.18 9.44
C LEU B 93 -6.93 27.19 8.36
N LEU B 94 -5.65 27.20 7.98
CA LEU B 94 -5.17 26.23 6.99
C LEU B 94 -5.34 24.80 7.49
N ARG B 95 -4.87 24.52 8.72
CA ARG B 95 -4.99 23.17 9.26
C ARG B 95 -6.45 22.79 9.49
N GLU B 96 -7.26 23.71 10.02
CA GLU B 96 -8.66 23.39 10.22
C GLU B 96 -9.31 22.99 8.90
N THR B 97 -9.06 23.77 7.84
CA THR B 97 -9.69 23.48 6.56
C THR B 97 -9.15 22.20 5.96
N LEU B 98 -7.83 22.03 5.95
CA LEU B 98 -7.25 20.81 5.41
C LEU B 98 -7.77 19.58 6.15
N ALA B 99 -7.74 19.61 7.49
CA ALA B 99 -8.18 18.45 8.27
C ALA B 99 -9.64 18.13 8.00
N LYS B 100 -10.48 19.16 7.79
CA LYS B 100 -11.89 18.93 7.48
C LYS B 100 -12.06 18.12 6.20
N HIS B 101 -11.08 18.13 5.30
CA HIS B 101 -11.14 17.37 4.05
C HIS B 101 -10.28 16.12 4.07
N SER B 102 -9.12 16.14 4.71
CA SER B 102 -8.12 15.07 4.54
C SER B 102 -7.11 15.13 5.67
N GLY B 103 -7.00 14.04 6.44
CA GLY B 103 -5.98 13.97 7.46
C GLY B 103 -4.57 14.00 6.90
N LEU B 104 -4.36 13.40 5.73
CA LEU B 104 -3.03 13.40 5.13
C LEU B 104 -2.64 14.79 4.67
N ALA B 105 -3.58 15.56 4.11
CA ALA B 105 -3.26 16.90 3.66
C ALA B 105 -2.93 17.81 4.84
N ASP B 106 -3.69 17.70 5.92
CA ASP B 106 -3.36 18.43 7.14
C ASP B 106 -1.97 18.05 7.66
N PHE B 107 -1.69 16.75 7.72
CA PHE B 107 -0.39 16.27 8.18
C PHE B 107 0.74 16.86 7.35
N ALA B 108 0.58 16.87 6.03
CA ALA B 108 1.63 17.37 5.16
C ALA B 108 1.95 18.84 5.46
N LEU B 109 0.91 19.68 5.57
CA LEU B 109 1.17 21.09 5.88
C LEU B 109 1.72 21.25 7.29
N ALA B 110 1.15 20.53 8.25
CA ALA B 110 1.57 20.66 9.65
C ALA B 110 3.04 20.37 9.82
N MET B 111 3.54 19.31 9.20
CA MET B 111 4.94 18.93 9.41
C MET B 111 5.90 19.89 8.72
N GLN B 112 5.47 20.56 7.64
CA GLN B 112 6.34 21.59 7.06
C GLN B 112 6.54 22.73 8.03
N GLY B 113 5.53 23.00 8.87
CA GLY B 113 5.67 24.01 9.91
C GLY B 113 6.48 23.51 11.08
N LEU B 114 6.00 22.45 11.75
CA LEU B 114 6.69 21.94 12.93
C LEU B 114 8.13 21.57 12.62
N GLY B 115 8.35 20.88 11.50
CA GLY B 115 9.70 20.43 11.16
C GLY B 115 10.67 21.54 10.84
N SER B 116 10.18 22.70 10.42
CA SER B 116 11.06 23.83 10.12
C SER B 116 11.02 24.92 11.18
N GLY B 117 10.12 24.84 12.17
CA GLY B 117 9.95 25.94 13.10
C GLY B 117 11.21 26.29 13.88
N ALA B 118 12.02 25.29 14.21
CA ALA B 118 13.22 25.55 14.99
C ALA B 118 14.25 26.31 14.15
N ILE B 119 14.20 26.15 12.83
CA ILE B 119 15.06 26.93 11.95
C ILE B 119 14.54 28.35 11.84
N SER B 120 13.23 28.53 11.69
CA SER B 120 12.66 29.88 11.71
C SER B 120 13.01 30.63 12.98
N LEU B 121 12.98 29.93 14.13
CA LEU B 121 13.25 30.56 15.41
C LEU B 121 14.74 30.75 15.68
N GLY B 122 15.57 29.76 15.35
CA GLY B 122 16.93 29.76 15.84
C GLY B 122 18.03 29.67 14.79
N GLY B 123 17.67 29.61 13.52
CA GLY B 123 18.68 29.46 12.49
C GLY B 123 19.50 30.71 12.26
N THR B 124 20.74 30.50 11.83
CA THR B 124 21.51 31.61 11.28
C THR B 124 20.94 32.03 9.93
N HIS B 125 21.44 33.15 9.42
CA HIS B 125 21.06 33.60 8.08
C HIS B 125 21.35 32.52 7.04
N GLU B 126 22.53 31.89 7.13
CA GLU B 126 22.84 30.81 6.18
C GLU B 126 21.89 29.63 6.34
N GLN B 127 21.64 29.21 7.58
CA GLN B 127 20.75 28.05 7.78
C GLN B 127 19.34 28.34 7.29
N LYS B 128 18.84 29.55 7.58
CA LYS B 128 17.50 29.92 7.11
C LYS B 128 17.45 29.96 5.59
N THR B 129 18.47 30.51 4.95
CA THR B 129 18.51 30.54 3.48
C THR B 129 18.59 29.14 2.90
N ARG B 130 19.36 28.26 3.52
CA ARG B 130 19.58 26.93 2.98
C ARG B 130 18.30 26.08 3.02
N TYR B 131 17.50 26.23 4.06
CA TYR B 131 16.41 25.30 4.32
C TYR B 131 15.02 25.90 4.11
N LEU B 132 14.78 27.12 4.57
CA LEU B 132 13.40 27.59 4.63
C LEU B 132 12.76 27.83 3.27
N PRO B 133 13.47 28.37 2.25
CA PRO B 133 12.80 28.53 0.95
C PRO B 133 12.30 27.22 0.37
N ARG B 134 13.05 26.13 0.56
N ARG B 134 13.05 26.14 0.57
CA ARG B 134 12.61 24.84 0.03
CA ARG B 134 12.65 24.83 0.05
C ARG B 134 11.50 24.23 0.86
C ARG B 134 11.52 24.22 0.87
N VAL B 135 11.48 24.48 2.18
CA VAL B 135 10.33 24.08 2.98
C VAL B 135 9.08 24.82 2.48
N ALA B 136 9.23 26.12 2.26
CA ALA B 136 8.10 26.98 1.90
C ALA B 136 7.55 26.68 0.51
N ASN B 137 8.37 26.23 -0.44
CA ASN B 137 7.83 25.87 -1.75
C ASN B 137 7.60 24.37 -1.89
N GLY B 138 7.76 23.60 -0.82
CA GLY B 138 7.40 22.19 -0.84
C GLY B 138 8.38 21.28 -1.55
N THR B 139 9.63 21.72 -1.74
CA THR B 139 10.64 20.87 -2.37
C THR B 139 11.60 20.26 -1.35
N ALA B 140 11.43 20.55 -0.07
CA ALA B 140 12.16 19.88 1.00
C ALA B 140 11.16 19.51 2.08
N ILE B 141 11.10 18.23 2.44
CA ILE B 141 10.18 17.74 3.44
C ILE B 141 10.87 17.79 4.80
N ALA B 142 10.21 18.43 5.78
CA ALA B 142 10.80 18.67 7.09
C ALA B 142 10.34 17.63 8.11
N ALA B 143 11.12 17.52 9.19
CA ALA B 143 10.79 16.61 10.28
C ALA B 143 11.41 17.14 11.58
N PHE B 144 10.80 16.73 12.68
CA PHE B 144 11.09 17.21 14.03
C PHE B 144 11.33 15.98 14.91
N ALA B 145 12.57 15.76 15.33
CA ALA B 145 12.97 14.50 15.96
C ALA B 145 13.34 14.74 17.43
N LEU B 146 12.36 14.56 18.31
CA LEU B 146 12.52 14.81 19.74
C LEU B 146 12.30 13.56 20.57
N SER B 147 11.20 12.85 20.35
CA SER B 147 10.80 11.72 21.17
C SER B 147 11.73 10.52 20.99
N GLU B 148 11.81 9.71 22.05
CA GLU B 148 12.62 8.50 22.09
C GLU B 148 11.79 7.36 22.66
N PRO B 149 12.20 6.10 22.43
CA PRO B 149 11.42 4.98 22.97
C PRO B 149 11.15 5.08 24.47
N GLU B 150 12.12 5.58 25.25
CA GLU B 150 11.99 5.64 26.69
C GLU B 150 11.65 7.02 27.21
N ALA B 151 11.50 8.01 26.32
CA ALA B 151 11.33 9.40 26.76
C ALA B 151 10.50 10.13 25.70
N GLY B 152 9.21 10.27 25.98
CA GLY B 152 8.30 11.06 25.16
C GLY B 152 7.78 12.26 25.93
N SER B 153 6.91 12.00 26.90
CA SER B 153 6.45 13.09 27.77
C SER B 153 7.63 13.73 28.51
N ASP B 154 8.59 12.91 28.95
CA ASP B 154 9.71 13.39 29.77
C ASP B 154 10.90 13.69 28.87
N VAL B 155 10.76 14.80 28.13
CA VAL B 155 11.74 15.22 27.13
C VAL B 155 13.11 15.45 27.77
N ALA B 156 13.11 15.97 29.00
CA ALA B 156 14.34 16.36 29.66
C ALA B 156 15.24 15.16 29.94
N ALA B 157 14.70 13.95 29.92
CA ALA B 157 15.45 12.74 30.19
C ALA B 157 15.95 12.04 28.93
N MET B 158 15.93 12.70 27.78
CA MET B 158 16.33 12.07 26.53
C MET B 158 17.78 11.58 26.62
N THR B 159 18.09 10.52 25.89
CA THR B 159 19.42 9.91 25.95
C THR B 159 20.20 9.90 24.65
N LEU B 160 19.61 10.29 23.51
CA LEU B 160 20.41 10.42 22.28
C LEU B 160 21.59 11.35 22.56
N SER B 161 22.79 10.85 22.30
CA SER B 161 24.00 11.56 22.68
C SER B 161 24.62 12.26 21.46
N ALA B 162 25.16 13.45 21.70
CA ALA B 162 25.91 14.18 20.67
C ALA B 162 27.25 14.55 21.27
N ARG B 163 28.33 13.94 20.77
CA ARG B 163 29.66 14.11 21.31
C ARG B 163 30.49 15.00 20.40
N GLU B 164 31.06 16.07 20.95
CA GLU B 164 31.86 16.98 20.16
C GLU B 164 33.15 16.30 19.71
N ASP B 165 33.47 16.41 18.43
CA ASP B 165 34.67 15.79 17.87
C ASP B 165 35.17 16.65 16.72
N GLY B 166 36.15 17.50 17.00
CA GLY B 166 36.63 18.39 15.96
C GLY B 166 35.54 19.38 15.59
N ASP B 167 35.28 19.53 14.29
CA ASP B 167 34.27 20.43 13.76
CA ASP B 167 34.25 20.47 13.88
C ASP B 167 32.92 19.77 13.59
N ALA B 168 32.69 18.60 14.19
CA ALA B 168 31.42 17.92 14.10
C ALA B 168 31.00 17.42 15.47
N TYR B 169 29.75 17.01 15.55
CA TYR B 169 29.24 16.25 16.67
C TYR B 169 28.88 14.85 16.18
N VAL B 170 29.17 13.85 16.99
CA VAL B 170 28.85 12.47 16.65
C VAL B 170 27.62 12.04 17.44
N LEU B 171 26.59 11.59 16.73
CA LEU B 171 25.30 11.26 17.32
C LEU B 171 25.13 9.74 17.41
N ASP B 172 24.71 9.27 18.59
CA ASP B 172 24.48 7.85 18.82
C ASP B 172 23.20 7.67 19.63
N GLY B 173 22.30 6.82 19.13
CA GLY B 173 21.07 6.49 19.83
C GLY B 173 19.89 6.53 18.89
N ASP B 174 18.69 6.58 19.46
CA ASP B 174 17.45 6.43 18.70
C ASP B 174 16.48 7.57 18.97
N LYS B 175 15.77 7.98 17.92
CA LYS B 175 14.54 8.73 18.05
C LYS B 175 13.42 7.88 17.47
N THR B 176 12.20 8.09 17.94
CA THR B 176 11.11 7.29 17.39
C THR B 176 9.81 8.09 17.38
N TRP B 177 8.80 7.50 16.73
CA TRP B 177 7.54 8.18 16.41
C TRP B 177 7.77 9.39 15.50
N ILE B 178 8.76 9.35 14.62
CA ILE B 178 9.16 10.56 13.90
C ILE B 178 8.32 10.70 12.64
N SER B 179 7.43 11.70 12.64
CA SER B 179 6.60 12.00 11.48
C SER B 179 7.49 12.38 10.30
N ASN B 180 7.10 11.92 9.11
CA ASN B 180 7.86 12.02 7.87
C ASN B 180 9.15 11.21 7.93
N GLY B 181 9.32 10.37 8.96
CA GLY B 181 10.47 9.49 9.00
C GLY B 181 10.56 8.64 7.75
N GLY B 182 11.71 8.64 7.09
CA GLY B 182 11.91 7.90 5.88
C GLY B 182 11.70 8.70 4.60
N ILE B 183 10.94 9.79 4.64
CA ILE B 183 10.73 10.62 3.46
C ILE B 183 11.23 12.05 3.66
N ALA B 184 11.61 12.45 4.87
CA ALA B 184 12.08 13.81 5.09
C ALA B 184 13.42 14.03 4.42
N ASP B 185 13.64 15.28 4.00
CA ASP B 185 14.94 15.67 3.48
C ASP B 185 15.89 16.12 4.58
N PHE B 186 15.37 16.52 5.73
CA PHE B 186 16.19 16.85 6.88
C PHE B 186 15.36 16.63 8.14
N TYR B 187 16.06 16.45 9.25
CA TYR B 187 15.45 16.27 10.55
C TYR B 187 16.05 17.29 11.51
N VAL B 188 15.20 18.03 12.22
CA VAL B 188 15.71 18.81 13.34
C VAL B 188 15.79 17.87 14.54
N VAL B 189 17.01 17.58 14.99
CA VAL B 189 17.27 16.55 15.98
C VAL B 189 17.73 17.21 17.26
N PHE B 190 17.14 16.80 18.38
CA PHE B 190 17.54 17.27 19.70
C PHE B 190 18.30 16.15 20.40
N ALA B 191 19.50 16.47 20.90
CA ALA B 191 20.40 15.45 21.43
C ALA B 191 21.10 16.01 22.65
N ARG B 192 21.54 15.10 23.53
CA ARG B 192 22.20 15.50 24.76
C ARG B 192 23.67 15.77 24.48
N THR B 193 24.08 17.04 24.60
CA THR B 193 25.47 17.43 24.51
C THR B 193 26.14 17.55 25.87
N GLY B 194 25.37 17.57 26.96
CA GLY B 194 25.91 17.34 28.29
C GLY B 194 26.43 18.53 29.05
N GLU B 195 26.07 19.76 28.65
CA GLU B 195 26.58 20.94 29.35
C GLU B 195 26.15 20.96 30.82
N ALA B 196 24.99 20.40 31.11
CA ALA B 196 24.41 20.39 32.45
C ALA B 196 23.35 19.30 32.48
N PRO B 197 22.90 18.88 33.65
CA PRO B 197 21.95 17.76 33.71
C PRO B 197 20.59 18.11 33.11
N GLY B 198 19.90 17.06 32.68
CA GLY B 198 18.49 17.18 32.31
C GLY B 198 18.25 18.15 31.17
N ALA B 199 17.27 19.04 31.37
CA ALA B 199 16.84 19.95 30.31
C ALA B 199 17.91 20.96 29.93
N ARG B 200 18.97 21.11 30.71
CA ARG B 200 20.01 22.09 30.43
C ARG B 200 21.18 21.50 29.65
N GLY B 201 21.06 20.26 29.18
CA GLY B 201 22.16 19.64 28.47
C GLY B 201 21.85 19.23 27.05
N ILE B 202 20.87 19.87 26.41
CA ILE B 202 20.38 19.45 25.11
C ILE B 202 20.76 20.50 24.07
N SER B 203 21.13 20.04 22.87
CA SER B 203 21.37 20.92 21.74
C SER B 203 20.52 20.47 20.55
N ALA B 204 20.29 21.39 19.62
CA ALA B 204 19.48 21.14 18.43
C ALA B 204 20.35 21.16 17.18
N PHE B 205 20.07 20.27 16.24
CA PHE B 205 20.86 20.14 15.02
C PHE B 205 19.93 19.97 13.83
N VAL B 206 20.30 20.57 12.70
CA VAL B 206 19.67 20.21 11.43
C VAL B 206 20.48 19.06 10.82
N VAL B 207 19.83 17.90 10.66
CA VAL B 207 20.51 16.70 10.20
C VAL B 207 19.94 16.33 8.83
N ASP B 208 20.75 16.50 7.78
CA ASP B 208 20.30 16.12 6.45
C ASP B 208 20.06 14.62 6.39
N ALA B 209 19.05 14.23 5.60
CA ALA B 209 18.68 12.82 5.52
C ALA B 209 19.82 11.96 4.97
N ASP B 210 20.70 12.54 4.16
CA ASP B 210 21.79 11.77 3.56
C ASP B 210 23.02 11.68 4.45
N THR B 211 22.91 12.07 5.71
CA THR B 211 24.03 11.99 6.63
C THR B 211 24.43 10.53 6.83
N PRO B 212 25.68 10.16 6.56
CA PRO B 212 26.10 8.79 6.88
C PRO B 212 25.91 8.49 8.37
N GLY B 213 25.38 7.31 8.65
CA GLY B 213 25.09 6.93 10.01
C GLY B 213 23.68 7.23 10.47
N LEU B 214 22.92 8.01 9.71
CA LEU B 214 21.51 8.23 10.00
C LEU B 214 20.73 7.10 9.31
N GLU B 215 20.19 6.20 10.10
CA GLU B 215 19.52 5.01 9.58
C GLU B 215 18.04 5.07 9.86
N ILE B 216 17.23 4.79 8.84
CA ILE B 216 15.79 4.63 8.99
C ILE B 216 15.56 3.18 9.39
N ALA B 217 15.43 2.94 10.70
CA ALA B 217 15.53 1.60 11.30
C ALA B 217 14.26 0.78 11.17
N GLU B 218 13.09 1.41 11.26
CA GLU B 218 11.82 0.71 11.18
CA GLU B 218 11.84 0.71 11.09
C GLU B 218 10.77 1.73 10.78
N ARG B 219 9.88 1.35 9.87
CA ARG B 219 8.71 2.19 9.62
C ARG B 219 7.66 1.78 10.63
N ILE B 220 6.97 2.76 11.19
CA ILE B 220 6.00 2.54 12.26
C ILE B 220 4.60 2.65 11.69
N ASP B 221 3.76 1.67 12.00
CA ASP B 221 2.36 1.65 11.57
C ASP B 221 1.49 2.12 12.73
N VAL B 222 0.70 3.16 12.51
CA VAL B 222 -0.24 3.62 13.50
C VAL B 222 -1.67 3.54 12.93
N ILE B 223 -2.65 3.72 13.82
CA ILE B 223 -4.04 3.38 13.49
C ILE B 223 -4.56 4.23 12.33
N ALA B 224 -4.12 5.48 12.25
CA ALA B 224 -4.36 6.33 11.08
C ALA B 224 -3.01 6.49 10.37
N PRO B 225 -2.74 5.71 9.33
CA PRO B 225 -1.37 5.61 8.81
C PRO B 225 -0.84 6.93 8.26
N HIS B 226 0.30 7.33 8.80
CA HIS B 226 1.09 8.47 8.33
CA HIS B 226 1.08 8.46 8.31
C HIS B 226 2.53 8.00 8.21
N PRO B 227 3.34 8.69 7.40
CA PRO B 227 4.78 8.35 7.36
C PRO B 227 5.41 8.57 8.73
N LEU B 228 5.91 7.49 9.32
CA LEU B 228 6.46 7.50 10.67
CA LEU B 228 6.46 7.51 10.66
C LEU B 228 7.62 6.52 10.72
N ALA B 229 8.68 6.86 11.45
CA ALA B 229 9.81 5.94 11.52
C ALA B 229 10.55 6.05 12.84
N ARG B 230 11.28 4.99 13.15
CA ARG B 230 12.32 5.02 14.17
C ARG B 230 13.64 5.33 13.48
N LEU B 231 14.37 6.31 14.03
CA LEU B 231 15.67 6.68 13.51
C LEU B 231 16.74 6.12 14.41
N HIS B 232 17.74 5.47 13.82
CA HIS B 232 18.89 5.00 14.58
C HIS B 232 20.11 5.78 14.11
N PHE B 233 20.79 6.41 15.07
CA PHE B 233 22.00 7.18 14.79
C PHE B 233 23.20 6.30 15.12
N ALA B 234 23.92 5.89 14.08
CA ALA B 234 25.07 5.00 14.22
C ALA B 234 26.35 5.80 14.01
N GLY B 235 26.69 6.59 15.03
CA GLY B 235 27.84 7.47 14.93
C GLY B 235 27.71 8.49 13.82
N ALA B 236 26.51 9.03 13.61
CA ALA B 236 26.30 9.99 12.55
C ALA B 236 27.02 11.30 12.87
N ARG B 237 27.83 11.77 11.92
CA ARG B 237 28.61 12.99 12.12
C ARG B 237 27.85 14.17 11.56
N VAL B 238 27.58 15.15 12.41
CA VAL B 238 26.80 16.34 12.08
C VAL B 238 27.71 17.54 12.26
N PRO B 239 27.93 18.37 11.22
CA PRO B 239 28.82 19.52 11.38
C PRO B 239 28.36 20.45 12.48
N ARG B 240 29.33 21.05 13.17
CA ARG B 240 29.02 22.02 14.20
C ARG B 240 28.21 23.18 13.65
N SER B 241 28.46 23.55 12.38
CA SER B 241 27.71 24.62 11.74
C SER B 241 26.25 24.28 11.47
N GLN B 242 25.83 23.03 11.73
CA GLN B 242 24.42 22.65 11.62
C GLN B 242 23.69 22.73 12.95
N MET B 243 24.37 23.11 14.03
CA MET B 243 23.69 23.32 15.29
C MET B 243 22.78 24.55 15.19
N LEU B 244 21.58 24.43 15.76
CA LEU B 244 20.64 25.54 15.85
C LEU B 244 20.77 26.17 17.24
N GLY B 245 21.19 27.42 17.29
CA GLY B 245 21.42 28.07 18.56
C GLY B 245 22.68 27.56 19.23
N ALA B 246 22.83 27.92 20.50
CA ALA B 246 24.03 27.65 21.26
C ALA B 246 23.98 26.26 21.89
N PRO B 247 25.14 25.66 22.17
CA PRO B 247 25.13 24.36 22.85
C PRO B 247 24.42 24.46 24.19
N GLY B 248 23.57 23.48 24.47
CA GLY B 248 22.82 23.46 25.71
C GLY B 248 21.53 24.22 25.69
N GLU B 249 21.22 24.95 24.60
CA GLU B 249 19.99 25.71 24.50
C GLU B 249 18.91 24.97 23.69
N GLY B 250 19.11 23.67 23.42
CA GLY B 250 18.19 22.96 22.55
C GLY B 250 16.82 22.70 23.16
N PHE B 251 16.75 22.50 24.47
CA PHE B 251 15.47 22.19 25.09
C PHE B 251 14.49 23.35 24.92
N LYS B 252 14.93 24.57 25.24
CA LYS B 252 14.06 25.73 25.07
C LYS B 252 13.64 25.90 23.60
N LEU B 253 14.55 25.60 22.67
CA LEU B 253 14.21 25.71 21.25
C LEU B 253 13.13 24.71 20.86
N ALA B 254 13.26 23.46 21.34
CA ALA B 254 12.20 22.47 21.10
C ALA B 254 10.86 22.95 21.64
N MET B 255 10.85 23.47 22.88
CA MET B 255 9.59 23.87 23.48
C MET B 255 8.98 25.07 22.78
N ARG B 256 9.81 26.04 22.38
CA ARG B 256 9.29 27.20 21.67
C ARG B 256 8.79 26.83 20.28
N THR B 257 9.43 25.85 19.64
CA THR B 257 8.97 25.38 18.33
C THR B 257 7.60 24.72 18.46
N LEU B 258 7.45 23.84 19.45
CA LEU B 258 6.14 23.24 19.71
C LEU B 258 5.12 24.32 20.07
N ASP B 259 5.54 25.37 20.78
CA ASP B 259 4.61 26.43 21.16
C ASP B 259 4.01 27.13 19.95
N ILE B 260 4.81 27.34 18.90
CA ILE B 260 4.30 28.03 17.71
C ILE B 260 3.04 27.36 17.20
N PHE B 261 3.06 26.02 17.14
CA PHE B 261 2.07 25.25 16.39
C PHE B 261 1.03 24.58 17.28
N ARG B 262 1.06 24.85 18.59
CA ARG B 262 0.17 24.16 19.51
CA ARG B 262 0.17 24.16 19.51
C ARG B 262 -1.30 24.46 19.20
N THR B 263 -1.64 25.72 19.00
CA THR B 263 -3.04 26.01 18.68
CA THR B 263 -3.03 26.02 18.68
C THR B 263 -3.44 25.40 17.34
N SER B 264 -2.49 25.22 16.42
CA SER B 264 -2.84 24.65 15.12
C SER B 264 -3.16 23.15 15.23
N VAL B 265 -2.63 22.47 16.25
CA VAL B 265 -3.07 21.09 16.51
C VAL B 265 -4.52 21.09 16.96
N ALA B 266 -4.88 22.06 17.81
CA ALA B 266 -6.27 22.25 18.19
C ALA B 266 -7.13 22.54 16.97
N ALA B 267 -6.63 23.36 16.05
CA ALA B 267 -7.39 23.69 14.84
C ALA B 267 -7.61 22.46 13.97
N ALA B 268 -6.60 21.59 13.85
CA ALA B 268 -6.78 20.36 13.09
C ALA B 268 -7.87 19.50 13.73
N SER B 269 -7.83 19.36 15.06
CA SER B 269 -8.87 18.62 15.76
C SER B 269 -10.25 19.16 15.43
N LEU B 270 -10.38 20.48 15.48
CA LEU B 270 -11.63 21.15 15.15
C LEU B 270 -12.07 20.83 13.73
N GLY B 271 -11.14 20.85 12.77
CA GLY B 271 -11.49 20.50 11.41
C GLY B 271 -12.05 19.09 11.28
N PHE B 272 -11.40 18.13 11.94
CA PHE B 272 -11.93 16.77 11.96
C PHE B 272 -13.32 16.74 12.56
N ALA B 273 -13.54 17.47 13.65
CA ALA B 273 -14.86 17.52 14.26
C ALA B 273 -15.89 18.11 13.31
N ARG B 274 -15.53 19.15 12.55
CA ARG B 274 -16.48 19.74 11.63
C ARG B 274 -16.85 18.76 10.53
N HIS B 275 -15.88 17.97 10.07
CA HIS B 275 -16.19 16.93 9.08
C HIS B 275 -17.19 15.94 9.64
N ALA B 276 -16.96 15.48 10.87
CA ALA B 276 -17.87 14.55 11.53
C ALA B 276 -19.26 15.15 11.69
N MET B 277 -19.33 16.43 12.06
CA MET B 277 -20.62 17.11 12.23
C MET B 277 -21.39 17.11 10.92
N ALA B 278 -20.72 17.46 9.83
CA ALA B 278 -21.39 17.48 8.53
C ALA B 278 -21.90 16.10 8.17
N GLU B 279 -21.10 15.07 8.42
CA GLU B 279 -21.54 13.70 8.15
C GLU B 279 -22.74 13.34 9.01
N GLY B 280 -22.68 13.70 10.30
CA GLY B 280 -23.75 13.33 11.21
C GLY B 280 -25.07 14.00 10.89
N VAL B 281 -25.05 15.31 10.61
CA VAL B 281 -26.27 16.03 10.28
CA VAL B 281 -26.30 15.99 10.32
C VAL B 281 -26.89 15.48 9.00
N ALA B 282 -26.05 15.22 8.00
CA ALA B 282 -26.55 14.72 6.73
C ALA B 282 -27.19 13.35 6.90
N ARG B 283 -26.56 12.48 7.70
CA ARG B 283 -27.12 11.16 7.93
C ARG B 283 -28.41 11.22 8.72
N ALA B 284 -28.47 12.10 9.72
CA ALA B 284 -29.71 12.27 10.49
C ALA B 284 -30.85 12.70 9.58
N ALA B 285 -30.56 13.58 8.62
CA ALA B 285 -31.61 14.07 7.72
C ALA B 285 -32.03 13.04 6.71
N SER B 286 -31.13 12.14 6.31
CA SER B 286 -31.38 11.27 5.16
C SER B 286 -31.79 9.86 5.55
N ARG B 287 -31.44 9.38 6.75
CA ARG B 287 -31.68 7.98 7.12
C ARG B 287 -33.13 7.80 7.53
N LYS B 288 -33.90 7.09 6.72
CA LYS B 288 -35.29 6.80 7.04
C LYS B 288 -35.37 5.61 7.99
N MET B 289 -36.22 5.74 9.01
CA MET B 289 -36.43 4.68 9.98
C MET B 289 -37.69 4.98 10.75
N PHE B 290 -38.46 3.93 11.08
CA PHE B 290 -39.63 4.04 11.95
C PHE B 290 -40.63 5.08 11.43
N GLY B 291 -40.77 5.15 10.11
CA GLY B 291 -41.74 6.04 9.49
C GLY B 291 -41.34 7.50 9.45
N GLN B 292 -40.12 7.82 9.88
CA GLN B 292 -39.63 9.19 9.81
C GLN B 292 -38.15 9.18 9.44
N THR B 293 -37.38 10.15 9.91
CA THR B 293 -35.93 10.12 9.73
C THR B 293 -35.26 10.04 11.10
N LEU B 294 -33.99 9.63 11.06
CA LEU B 294 -33.20 9.57 12.29
C LEU B 294 -33.16 10.92 12.99
N GLY B 295 -33.11 12.01 12.22
CA GLY B 295 -33.09 13.34 12.80
C GLY B 295 -34.38 13.76 13.48
N ASP B 296 -35.48 13.07 13.23
CA ASP B 296 -36.73 13.42 13.89
C ASP B 296 -36.78 12.97 15.35
N PHE B 297 -35.87 12.10 15.77
CA PHE B 297 -35.85 11.62 17.14
C PHE B 297 -35.12 12.59 18.06
N GLN B 298 -35.68 12.79 19.25
CA GLN B 298 -35.08 13.70 20.23
C GLN B 298 -33.64 13.35 20.54
N LEU B 299 -33.34 12.05 20.73
CA LEU B 299 -31.97 11.69 21.07
C LEU B 299 -31.01 12.18 20.00
N THR B 300 -31.42 12.10 18.73
CA THR B 300 -30.58 12.55 17.64
C THR B 300 -30.41 14.06 17.69
N GLN B 301 -31.52 14.78 17.86
CA GLN B 301 -31.45 16.23 17.93
C GLN B 301 -30.56 16.70 19.07
N ALA B 302 -30.64 16.02 20.23
CA ALA B 302 -29.81 16.44 21.36
C ALA B 302 -28.34 16.11 21.11
N LYS B 303 -28.07 14.97 20.49
CA LYS B 303 -26.71 14.58 20.12
CA LYS B 303 -26.70 14.60 20.16
C LYS B 303 -26.10 15.59 19.16
N LEU B 304 -26.85 15.93 18.11
CA LEU B 304 -26.37 16.92 17.15
C LEU B 304 -26.12 18.26 17.83
N ALA B 305 -27.02 18.66 18.74
CA ALA B 305 -26.84 19.93 19.45
C ALA B 305 -25.55 19.93 20.27
N GLN B 306 -25.28 18.82 20.97
CA GLN B 306 -24.04 18.75 21.76
C GLN B 306 -22.81 18.77 20.85
N MET B 307 -22.88 18.11 19.69
CA MET B 307 -21.78 18.19 18.73
C MET B 307 -21.53 19.64 18.32
N ALA B 308 -22.60 20.37 18.03
CA ALA B 308 -22.45 21.76 17.61
C ALA B 308 -21.91 22.63 18.74
N LEU B 309 -22.37 22.38 19.97
CA LEU B 309 -21.87 23.15 21.12
C LEU B 309 -20.39 22.89 21.35
N THR B 310 -19.96 21.63 21.26
CA THR B 310 -18.55 21.31 21.41
C THR B 310 -17.71 21.97 20.32
N ILE B 311 -18.23 21.98 19.08
CA ILE B 311 -17.50 22.59 17.98
C ILE B 311 -17.37 24.10 18.19
N ASP B 312 -18.46 24.77 18.58
CA ASP B 312 -18.36 26.23 18.75
C ASP B 312 -17.45 26.58 19.92
N SER B 313 -17.54 25.85 21.03
CA SER B 313 -16.65 26.17 22.13
CA SER B 313 -16.64 26.10 22.15
C SER B 313 -15.19 25.88 21.75
N SER B 314 -14.93 24.78 21.04
CA SER B 314 -13.57 24.51 20.58
C SER B 314 -13.07 25.61 19.66
N ALA B 315 -13.90 26.02 18.69
CA ALA B 315 -13.48 27.04 17.74
C ALA B 315 -13.19 28.36 18.44
N LEU B 316 -14.04 28.74 19.40
CA LEU B 316 -13.79 29.97 20.15
C LEU B 316 -12.48 29.88 20.93
N LEU B 317 -12.20 28.72 21.55
CA LEU B 317 -10.95 28.58 22.29
C LEU B 317 -9.74 28.60 21.36
N VAL B 318 -9.84 27.93 20.20
CA VAL B 318 -8.73 27.93 19.24
C VAL B 318 -8.40 29.34 18.82
N TYR B 319 -9.41 30.09 18.36
CA TYR B 319 -9.10 31.38 17.76
C TYR B 319 -8.93 32.48 18.79
N ARG B 320 -9.46 32.32 20.01
CA ARG B 320 -9.02 33.22 21.08
C ARG B 320 -7.52 33.08 21.30
N ALA B 321 -7.05 31.85 21.40
CA ALA B 321 -5.62 31.62 21.64
C ALA B 321 -4.77 32.13 20.48
N ALA B 322 -5.22 31.86 19.24
CA ALA B 322 -4.44 32.29 18.08
C ALA B 322 -4.43 33.80 17.96
N TRP B 323 -5.58 34.44 18.16
CA TRP B 323 -5.64 35.90 18.16
C TRP B 323 -4.69 36.47 19.20
N LEU B 324 -4.70 35.90 20.40
CA LEU B 324 -3.88 36.45 21.49
C LEU B 324 -2.38 36.28 21.18
N ARG B 325 -1.98 35.13 20.67
CA ARG B 325 -0.58 34.95 20.30
C ARG B 325 -0.19 35.96 19.23
N ASP B 326 -1.08 36.19 18.27
CA ASP B 326 -0.79 37.15 17.20
C ASP B 326 -0.75 38.59 17.69
N GLN B 327 -1.18 38.88 18.92
CA GLN B 327 -0.94 40.19 19.50
C GLN B 327 0.43 40.29 20.14
N GLY B 328 1.24 39.23 20.04
CA GLY B 328 2.57 39.23 20.62
C GLY B 328 2.64 38.67 22.02
N GLU B 329 1.60 37.99 22.49
CA GLU B 329 1.52 37.52 23.87
C GLU B 329 1.83 36.04 23.93
N ASN B 330 2.43 35.64 25.05
CA ASN B 330 2.58 34.23 25.37
CA ASN B 330 2.56 34.22 25.32
C ASN B 330 1.21 33.64 25.70
N VAL B 331 0.96 32.41 25.24
CA VAL B 331 -0.37 31.83 25.43
C VAL B 331 -0.29 30.44 26.05
N THR B 332 0.58 30.28 27.06
CA THR B 332 0.74 28.99 27.72
C THR B 332 -0.61 28.42 28.16
N ARG B 333 -1.39 29.21 28.89
CA ARG B 333 -2.67 28.70 29.38
C ARG B 333 -3.68 28.54 28.25
N GLU B 334 -3.78 29.54 27.37
CA GLU B 334 -4.86 29.57 26.39
C GLU B 334 -4.66 28.52 25.30
N ALA B 335 -3.41 28.30 24.89
CA ALA B 335 -3.15 27.28 23.89
C ALA B 335 -3.33 25.88 24.48
N ALA B 336 -2.95 25.69 25.74
CA ALA B 336 -3.19 24.41 26.38
C ALA B 336 -4.69 24.12 26.46
N MET B 337 -5.48 25.12 26.83
CA MET B 337 -6.93 24.94 26.85
C MET B 337 -7.46 24.57 25.47
N ALA B 338 -6.99 25.26 24.43
CA ALA B 338 -7.48 25.00 23.08
C ALA B 338 -7.16 23.57 22.64
N LYS B 339 -5.91 23.14 22.82
CA LYS B 339 -5.50 21.82 22.35
C LYS B 339 -6.21 20.73 23.13
N TRP B 340 -6.29 20.88 24.44
CA TRP B 340 -7.04 19.95 25.28
C TRP B 340 -8.50 19.87 24.85
N HIS B 341 -9.19 21.01 24.83
CA HIS B 341 -10.63 20.99 24.56
C HIS B 341 -10.94 20.50 23.14
N ALA B 342 -10.20 20.99 22.15
CA ALA B 342 -10.54 20.65 20.77
C ALA B 342 -10.27 19.18 20.48
N SER B 343 -9.18 18.63 21.00
CA SER B 343 -8.87 17.22 20.74
C SER B 343 -9.83 16.30 21.50
N GLU B 344 -10.08 16.58 22.78
CA GLU B 344 -11.03 15.76 23.52
C GLU B 344 -12.43 15.92 22.96
N GLY B 345 -12.79 17.14 22.57
CA GLY B 345 -14.12 17.39 22.03
C GLY B 345 -14.31 16.75 20.67
N ALA B 346 -13.29 16.79 19.82
CA ALA B 346 -13.40 16.16 18.50
C ALA B 346 -13.57 14.66 18.63
N GLN B 347 -12.90 14.04 19.60
CA GLN B 347 -13.13 12.61 19.84
C GLN B 347 -14.60 12.34 20.11
N GLN B 348 -15.22 13.15 20.96
CA GLN B 348 -16.64 12.99 21.30
C GLN B 348 -17.54 13.21 20.10
N VAL B 349 -17.27 14.26 19.31
CA VAL B 349 -18.10 14.56 18.14
C VAL B 349 -18.00 13.43 17.13
N ILE B 350 -16.77 13.00 16.85
CA ILE B 350 -16.55 11.90 15.91
C ILE B 350 -17.21 10.63 16.41
N ASP B 351 -17.06 10.33 17.69
CA ASP B 351 -17.68 9.13 18.25
C ASP B 351 -19.20 9.15 18.06
N ALA B 352 -19.82 10.32 18.24
CA ALA B 352 -21.26 10.44 18.06
C ALA B 352 -21.65 10.25 16.60
N ALA B 353 -20.81 10.75 15.68
CA ALA B 353 -21.10 10.60 14.25
C ALA B 353 -21.01 9.14 13.83
N VAL B 354 -20.03 8.40 14.37
CA VAL B 354 -19.96 6.96 14.12
C VAL B 354 -21.27 6.31 14.57
N GLN B 355 -21.74 6.68 15.75
CA GLN B 355 -22.96 6.06 16.28
C GLN B 355 -24.16 6.36 15.39
N LEU B 356 -24.25 7.58 14.86
CA LEU B 356 -25.39 7.93 14.00
C LEU B 356 -25.40 7.09 12.75
N TYR B 357 -24.23 6.66 12.27
CA TYR B 357 -24.13 5.88 11.05
C TYR B 357 -24.41 4.40 11.25
N GLY B 358 -24.59 3.94 12.48
CA GLY B 358 -24.86 2.52 12.67
C GLY B 358 -23.69 1.67 12.20
N GLY B 359 -24.01 0.52 11.60
CA GLY B 359 -22.96 -0.38 11.16
C GLY B 359 -21.99 0.27 10.19
N MET B 360 -22.51 1.15 9.33
CA MET B 360 -21.66 1.88 8.40
CA MET B 360 -21.64 1.87 8.40
C MET B 360 -20.60 2.72 9.13
N GLY B 361 -20.88 3.11 10.37
CA GLY B 361 -19.92 3.91 11.14
C GLY B 361 -18.62 3.19 11.43
N VAL B 362 -18.61 1.86 11.39
CA VAL B 362 -17.39 1.09 11.59
C VAL B 362 -16.93 0.41 10.31
N GLN B 363 -17.56 0.72 9.17
CA GLN B 363 -17.13 0.15 7.90
C GLN B 363 -15.86 0.84 7.44
N SER B 364 -14.84 0.06 7.10
CA SER B 364 -13.54 0.61 6.75
CA SER B 364 -13.54 0.61 6.75
C SER B 364 -13.66 1.58 5.59
N GLY B 365 -13.08 2.77 5.76
CA GLY B 365 -13.01 3.74 4.70
C GLY B 365 -14.16 4.70 4.60
N THR B 366 -15.25 4.50 5.35
CA THR B 366 -16.24 5.55 5.42
C THR B 366 -15.64 6.76 6.13
N ALA B 367 -16.22 7.93 5.88
CA ALA B 367 -15.67 9.16 6.44
C ALA B 367 -15.57 9.08 7.97
N VAL B 368 -16.63 8.60 8.62
CA VAL B 368 -16.61 8.64 10.09
C VAL B 368 -15.71 7.56 10.66
N GLU B 369 -15.60 6.41 10.01
CA GLU B 369 -14.67 5.38 10.47
C GLU B 369 -13.22 5.89 10.38
N MET B 370 -12.89 6.58 9.30
CA MET B 370 -11.56 7.16 9.17
C MET B 370 -11.31 8.20 10.25
N LEU B 371 -12.32 9.03 10.55
CA LEU B 371 -12.16 10.06 11.58
C LEU B 371 -11.96 9.44 12.95
N TYR B 372 -12.65 8.34 13.25
CA TYR B 372 -12.49 7.65 14.53
C TYR B 372 -11.05 7.20 14.72
N ARG B 373 -10.38 6.80 13.65
CA ARG B 373 -8.97 6.44 13.74
C ARG B 373 -8.07 7.68 13.77
N GLU B 374 -8.40 8.69 12.95
CA GLU B 374 -7.53 9.84 12.78
CA GLU B 374 -7.53 9.84 12.79
C GLU B 374 -7.40 10.64 14.07
N ILE B 375 -8.48 10.77 14.84
CA ILE B 375 -8.45 11.72 15.96
C ILE B 375 -7.65 11.20 17.14
N ARG B 376 -7.50 9.88 17.29
CA ARG B 376 -7.08 9.35 18.59
C ARG B 376 -5.68 9.83 18.99
N ALA B 377 -4.76 9.91 18.04
CA ALA B 377 -3.38 10.31 18.36
C ALA B 377 -3.28 11.77 18.77
N LEU B 378 -4.21 12.62 18.35
CA LEU B 378 -4.09 14.05 18.66
C LEU B 378 -4.27 14.34 20.14
N ARG B 379 -4.84 13.41 20.90
CA ARG B 379 -4.94 13.55 22.34
C ARG B 379 -3.66 13.13 23.05
N ILE B 380 -2.69 12.59 22.31
CA ILE B 380 -1.49 11.98 22.88
C ILE B 380 -0.25 12.80 22.56
N TYR B 381 -0.08 13.20 21.31
CA TYR B 381 1.14 13.91 20.99
C TYR B 381 0.97 15.40 21.22
N GLU B 382 2.10 16.10 21.14
CA GLU B 382 2.19 17.54 21.41
CA GLU B 382 2.16 17.54 21.38
C GLU B 382 1.52 17.89 22.72
N GLY B 383 1.90 17.14 23.75
CA GLY B 383 1.39 17.35 25.08
C GLY B 383 0.09 16.60 25.26
N ALA B 384 0.16 15.43 25.87
CA ALA B 384 -1.05 14.64 26.09
C ALA B 384 -2.07 15.46 26.89
N THR B 385 -3.35 15.08 26.77
CA THR B 385 -4.40 15.77 27.52
C THR B 385 -4.03 15.97 28.98
N GLU B 386 -3.46 14.94 29.61
CA GLU B 386 -3.16 15.01 31.03
C GLU B 386 -2.12 16.07 31.31
N VAL B 387 -1.15 16.19 30.42
CA VAL B 387 -0.13 17.23 30.56
C VAL B 387 -0.75 18.60 30.38
N GLN B 388 -1.70 18.75 29.44
CA GLN B 388 -2.37 20.04 29.27
C GLN B 388 -3.13 20.45 30.53
N GLN B 389 -3.81 19.49 31.17
CA GLN B 389 -4.53 19.80 32.40
C GLN B 389 -3.57 20.33 33.45
N LEU B 390 -2.40 19.70 33.59
CA LEU B 390 -1.45 20.14 34.60
C LEU B 390 -0.88 21.51 34.27
N ILE B 391 -0.59 21.76 32.99
CA ILE B 391 -0.12 23.08 32.57
C ILE B 391 -1.12 24.15 33.00
N VAL B 392 -2.40 23.94 32.70
CA VAL B 392 -3.41 24.93 33.04
C VAL B 392 -3.54 25.06 34.55
N GLY B 393 -3.62 23.93 35.26
CA GLY B 393 -3.77 23.98 36.71
C GLY B 393 -2.62 24.67 37.40
N ARG B 394 -1.39 24.32 37.01
CA ARG B 394 -0.23 24.99 37.60
C ARG B 394 -0.24 26.47 37.29
N ASP B 395 -0.67 26.86 36.08
CA ASP B 395 -0.68 28.28 35.74
C ASP B 395 -1.71 29.04 36.56
N LEU B 396 -2.85 28.42 36.84
CA LEU B 396 -3.84 29.06 37.70
C LEU B 396 -3.27 29.35 39.08
N LEU B 397 -2.55 28.37 39.65
CA LEU B 397 -1.97 28.56 40.97
C LEU B 397 -0.83 29.58 40.94
N LYS B 398 -0.04 29.59 39.86
CA LYS B 398 1.02 30.57 39.71
C LYS B 398 0.46 31.98 39.66
N ALA B 399 -0.62 32.17 38.89
CA ALA B 399 -1.21 33.50 38.78
C ALA B 399 -1.82 33.93 40.11
N HIS B 400 -2.42 33.00 40.85
CA HIS B 400 -2.97 33.35 42.16
C HIS B 400 -1.86 33.74 43.13
N ALA B 401 -0.76 33.01 43.12
CA ALA B 401 0.37 33.37 43.98
C ALA B 401 0.89 34.76 43.66
N ALA B 402 0.98 35.09 42.36
CA ALA B 402 1.47 36.40 41.97
C ALA B 402 0.52 37.51 42.42
N ALA B 403 -0.79 37.23 42.35
CA ALA B 403 -1.79 38.23 42.74
C ALA B 403 -1.76 38.49 44.24
N THR B 404 -1.56 37.44 45.03
CA THR B 404 -1.53 37.57 46.49
C THR B 404 -0.17 37.97 47.02
N ALA B 405 0.82 38.14 46.14
CA ALA B 405 2.13 38.66 46.54
C ALA B 405 2.13 40.17 46.48
N GLU C 14 36.09 24.25 -31.05
CA GLU C 14 36.15 23.55 -32.32
C GLU C 14 35.22 22.34 -32.33
N LEU C 15 34.63 22.08 -33.49
CA LEU C 15 33.70 20.96 -33.62
C LEU C 15 34.46 19.64 -33.52
N ASP C 16 34.07 18.80 -32.55
CA ASP C 16 34.58 17.44 -32.47
C ASP C 16 34.05 16.65 -33.66
N LEU C 17 34.94 16.32 -34.61
CA LEU C 17 34.49 15.66 -35.82
C LEU C 17 34.03 14.23 -35.57
N HIS C 18 34.28 13.68 -34.38
CA HIS C 18 33.75 12.35 -34.07
C HIS C 18 32.35 12.41 -33.47
N SER C 19 31.84 13.60 -33.19
CA SER C 19 30.50 13.71 -32.67
CA SER C 19 30.49 13.77 -32.67
C SER C 19 29.47 13.57 -33.78
N ALA C 20 28.32 13.01 -33.43
CA ALA C 20 27.25 12.86 -34.41
C ALA C 20 26.78 14.21 -34.93
N LEU C 21 26.92 15.27 -34.11
CA LEU C 21 26.48 16.58 -34.56
C LEU C 21 27.32 17.10 -35.73
N ALA C 22 28.50 16.52 -35.97
CA ALA C 22 29.30 16.89 -37.15
C ALA C 22 28.79 16.26 -38.44
N TRP C 23 27.87 15.30 -38.38
CA TRP C 23 27.39 14.67 -39.60
C TRP C 23 26.77 15.70 -40.53
N PRO C 24 26.91 15.53 -41.85
CA PRO C 24 26.35 16.51 -42.79
C PRO C 24 24.84 16.42 -42.94
N PHE C 25 24.19 15.52 -42.20
CA PHE C 25 22.75 15.62 -42.02
C PHE C 25 22.36 16.90 -41.29
N PHE C 26 23.28 17.50 -40.52
CA PHE C 26 22.97 18.64 -39.67
C PHE C 26 23.48 19.94 -40.28
N GLU C 27 22.79 21.03 -39.95
CA GLU C 27 23.22 22.38 -40.25
C GLU C 27 23.78 23.04 -39.01
N PRO C 28 24.53 24.14 -39.14
CA PRO C 28 25.05 24.83 -37.95
C PRO C 28 23.98 25.16 -36.92
N ARG C 29 22.78 25.57 -37.36
CA ARG C 29 21.73 25.89 -36.40
C ARG C 29 21.38 24.70 -35.52
N HIS C 30 21.55 23.47 -36.03
CA HIS C 30 21.22 22.29 -35.24
C HIS C 30 22.25 22.06 -34.15
N ARG C 31 23.52 22.36 -34.43
CA ARG C 31 24.53 22.26 -33.40
CA ARG C 31 24.53 22.26 -33.40
C ARG C 31 24.30 23.28 -32.30
N GLU C 32 23.92 24.49 -32.67
CA GLU C 32 23.62 25.50 -31.65
C GLU C 32 22.37 25.11 -30.85
N LEU C 33 21.36 24.56 -31.52
CA LEU C 33 20.16 24.13 -30.81
C LEU C 33 20.48 23.01 -29.83
N ALA C 34 21.30 22.05 -30.27
CA ALA C 34 21.69 20.94 -29.39
C ALA C 34 22.38 21.46 -28.13
N ALA C 35 23.26 22.45 -28.28
CA ALA C 35 23.92 23.00 -27.10
C ALA C 35 22.92 23.74 -26.22
N GLY C 36 21.99 24.46 -26.85
CA GLY C 36 21.02 25.23 -26.08
C GLY C 36 20.07 24.35 -25.28
N ILE C 37 19.55 23.28 -25.89
CA ILE C 37 18.63 22.45 -25.13
C ILE C 37 19.39 21.65 -24.07
N GLU C 38 20.64 21.27 -24.34
CA GLU C 38 21.44 20.62 -23.29
C GLU C 38 21.64 21.53 -22.10
N ALA C 39 21.97 22.80 -22.34
CA ALA C 39 22.14 23.74 -21.23
C ALA C 39 20.83 23.94 -20.48
N TRP C 40 19.70 24.00 -21.20
CA TRP C 40 18.42 24.11 -20.52
C TRP C 40 18.18 22.91 -19.61
N CYS C 41 18.49 21.71 -20.10
CA CYS C 41 18.32 20.50 -19.28
C CYS C 41 19.19 20.54 -18.03
N ARG C 42 20.46 20.93 -18.17
CA ARG C 42 21.37 20.93 -17.02
C ARG C 42 20.92 21.91 -15.97
N ALA C 43 20.28 23.01 -16.37
CA ALA C 43 19.88 24.04 -15.43
C ALA C 43 18.48 23.84 -14.86
N ASN C 44 17.61 23.09 -15.55
CA ASN C 44 16.20 23.02 -15.16
C ASN C 44 15.72 21.62 -14.78
N LEU C 45 16.48 20.58 -15.06
CA LEU C 45 16.05 19.24 -14.73
C LEU C 45 16.96 18.61 -13.67
N GLU C 51 6.17 12.70 -7.75
CA GLU C 51 5.00 11.89 -7.40
C GLU C 51 3.72 12.58 -7.85
N ASP C 52 3.84 13.50 -8.79
CA ASP C 52 2.69 14.30 -9.23
C ASP C 52 2.90 14.59 -10.72
N VAL C 53 2.64 13.58 -11.56
CA VAL C 53 2.99 13.74 -12.96
C VAL C 53 2.12 14.80 -13.63
N ASP C 54 0.88 15.00 -13.18
CA ASP C 54 0.04 16.03 -13.79
C ASP C 54 0.64 17.42 -13.56
N ALA C 55 0.97 17.74 -12.31
CA ALA C 55 1.54 19.05 -12.02
C ALA C 55 2.91 19.22 -12.68
N THR C 56 3.70 18.14 -12.71
CA THR C 56 5.02 18.23 -13.34
C THR C 56 4.90 18.49 -14.83
N CYS C 57 3.95 17.83 -15.51
CA CYS C 57 3.84 18.07 -16.93
CA CYS C 57 3.73 18.04 -16.93
C CYS C 57 3.34 19.48 -17.21
N ARG C 58 2.39 20.00 -16.42
CA ARG C 58 1.95 21.38 -16.59
C ARG C 58 3.11 22.35 -16.43
N ARG C 59 3.94 22.14 -15.41
CA ARG C 59 5.07 23.02 -15.18
C ARG C 59 6.08 22.93 -16.32
N LEU C 60 6.36 21.72 -16.79
CA LEU C 60 7.32 21.54 -17.88
C LEU C 60 6.84 22.20 -19.17
N VAL C 61 5.55 22.07 -19.49
CA VAL C 61 5.02 22.71 -20.69
C VAL C 61 5.19 24.22 -20.61
N ARG C 62 4.85 24.80 -19.45
CA ARG C 62 5.02 26.24 -19.29
CA ARG C 62 5.03 26.24 -19.24
C ARG C 62 6.48 26.66 -19.42
N GLU C 63 7.40 25.91 -18.79
CA GLU C 63 8.81 26.28 -18.81
C GLU C 63 9.42 26.10 -20.19
N LEU C 64 9.15 24.96 -20.83
CA LEU C 64 9.64 24.76 -22.19
C LEU C 64 9.07 25.81 -23.13
N GLY C 65 7.80 26.16 -22.92
CA GLY C 65 7.20 27.19 -23.76
C GLY C 65 7.88 28.54 -23.60
N ALA C 66 8.10 28.94 -22.35
CA ALA C 66 8.71 30.25 -22.09
C ALA C 66 10.13 30.31 -22.64
N ALA C 67 10.83 29.18 -22.67
CA ALA C 67 12.20 29.13 -23.17
C ALA C 67 12.29 29.04 -24.69
N GLY C 68 11.15 28.91 -25.38
CA GLY C 68 11.14 28.86 -26.83
C GLY C 68 11.22 27.49 -27.44
N TRP C 69 11.27 26.43 -26.64
CA TRP C 69 11.54 25.11 -27.22
C TRP C 69 10.32 24.47 -27.85
N LEU C 70 9.11 24.94 -27.54
CA LEU C 70 7.90 24.37 -28.15
C LEU C 70 7.60 24.94 -29.53
N LYS C 71 8.33 25.97 -29.96
CA LYS C 71 8.10 26.55 -31.27
C LYS C 71 8.49 25.59 -32.39
N TYR C 72 9.40 24.65 -32.13
CA TYR C 72 9.91 23.80 -33.20
C TYR C 72 8.91 22.75 -33.64
N GLY C 73 7.94 22.41 -32.80
CA GLY C 73 6.95 21.40 -33.14
C GLY C 73 5.70 21.94 -33.80
N VAL C 74 5.64 23.25 -34.03
CA VAL C 74 4.49 23.94 -34.62
C VAL C 74 4.90 24.49 -35.98
N GLY C 75 4.05 24.28 -36.98
CA GLY C 75 4.32 24.79 -38.32
C GLY C 75 3.61 26.12 -38.57
N GLY C 76 4.40 27.11 -38.97
CA GLY C 76 3.85 28.39 -39.40
C GLY C 76 4.33 29.54 -38.54
N VAL C 77 5.18 30.40 -39.09
CA VAL C 77 5.74 31.50 -38.31
C VAL C 77 4.63 32.41 -37.80
N ALA C 78 3.60 32.64 -38.62
CA ALA C 78 2.49 33.50 -38.22
C ALA C 78 1.74 32.95 -37.02
N TYR C 79 1.87 31.66 -36.73
CA TYR C 79 1.12 30.98 -35.67
C TYR C 79 2.01 30.58 -34.50
N GLY C 80 3.22 31.15 -34.40
CA GLY C 80 4.10 30.85 -33.29
C GLY C 80 5.17 29.83 -33.59
N GLY C 81 5.18 29.25 -34.78
CA GLY C 81 6.17 28.24 -35.10
C GLY C 81 7.53 28.84 -35.39
N HIS C 82 8.56 27.99 -35.27
CA HIS C 82 9.92 28.41 -35.59
C HIS C 82 10.05 28.75 -37.07
N GLY C 83 9.44 27.93 -37.93
CA GLY C 83 9.44 28.15 -39.35
C GLY C 83 8.08 27.80 -39.92
N ASP C 84 7.94 27.96 -41.23
CA ASP C 84 6.70 27.57 -41.87
C ASP C 84 6.62 26.06 -42.05
N THR C 85 7.76 25.37 -42.10
CA THR C 85 7.80 23.93 -41.98
C THR C 85 8.22 23.55 -40.57
N ILE C 86 7.93 22.32 -40.20
CA ILE C 86 8.43 21.76 -38.95
C ILE C 86 9.80 21.17 -39.25
N ASP C 87 10.82 21.67 -38.56
CA ASP C 87 12.21 21.21 -38.68
C ASP C 87 12.32 19.88 -37.94
N THR C 88 12.28 18.77 -38.70
CA THR C 88 12.29 17.44 -38.10
C THR C 88 13.58 17.19 -37.34
N ARG C 89 14.71 17.63 -37.90
CA ARG C 89 15.98 17.46 -37.20
C ARG C 89 15.97 18.18 -35.86
N ALA C 90 15.41 19.39 -35.83
CA ALA C 90 15.32 20.11 -34.56
C ALA C 90 14.44 19.39 -33.56
N VAL C 91 13.24 18.97 -33.97
CA VAL C 91 12.35 18.27 -33.04
C VAL C 91 13.03 17.02 -32.51
N CYS C 92 13.74 16.30 -33.38
CA CYS C 92 14.43 15.08 -32.94
C CYS C 92 15.55 15.40 -31.95
N LEU C 93 16.35 16.43 -32.22
CA LEU C 93 17.40 16.78 -31.27
C LEU C 93 16.81 17.20 -29.92
N LEU C 94 15.67 17.89 -29.95
CA LEU C 94 15.03 18.28 -28.68
C LEU C 94 14.57 17.06 -27.90
N ARG C 95 13.83 16.15 -28.55
CA ARG C 95 13.39 14.95 -27.84
C ARG C 95 14.57 14.08 -27.41
N GLU C 96 15.57 13.92 -28.28
CA GLU C 96 16.73 13.12 -27.91
C GLU C 96 17.40 13.68 -26.64
N THR C 97 17.65 15.00 -26.62
CA THR C 97 18.32 15.59 -25.47
C THR C 97 17.44 15.56 -24.23
N LEU C 98 16.15 15.90 -24.37
CA LEU C 98 15.27 15.85 -23.22
C LEU C 98 15.17 14.45 -22.65
N ALA C 99 14.96 13.45 -23.51
CA ALA C 99 14.84 12.07 -23.05
C ALA C 99 16.11 11.60 -22.34
N LYS C 100 17.27 12.06 -22.82
CA LYS C 100 18.54 11.70 -22.21
C LYS C 100 18.62 12.17 -20.75
N HIS C 101 17.83 13.17 -20.37
CA HIS C 101 17.80 13.68 -19.00
C HIS C 101 16.53 13.33 -18.24
N SER C 102 15.38 13.27 -18.91
CA SER C 102 14.09 13.17 -18.22
C SER C 102 13.02 12.67 -19.17
N GLY C 103 12.43 11.52 -18.84
CA GLY C 103 11.29 11.07 -19.63
C GLY C 103 10.09 11.99 -19.52
N LEU C 104 9.91 12.66 -18.37
CA LEU C 104 8.79 13.57 -18.21
C LEU C 104 8.95 14.78 -19.13
N ALA C 105 10.15 15.36 -19.18
CA ALA C 105 10.37 16.53 -20.03
C ALA C 105 10.23 16.18 -21.50
N ASP C 106 10.76 15.01 -21.91
CA ASP C 106 10.56 14.57 -23.28
C ASP C 106 9.09 14.44 -23.62
N PHE C 107 8.32 13.78 -22.74
CA PHE C 107 6.89 13.59 -22.94
C PHE C 107 6.17 14.93 -23.12
N ALA C 108 6.50 15.91 -22.28
CA ALA C 108 5.84 17.20 -22.36
C ALA C 108 6.08 17.87 -23.71
N LEU C 109 7.33 17.89 -24.17
CA LEU C 109 7.60 18.53 -25.45
C LEU C 109 6.97 17.73 -26.59
N ALA C 110 7.09 16.40 -26.52
CA ALA C 110 6.57 15.54 -27.59
C ALA C 110 5.09 15.79 -27.83
N MET C 111 4.30 15.89 -26.75
CA MET C 111 2.87 16.00 -26.92
C MET C 111 2.43 17.37 -27.42
N GLN C 112 3.22 18.42 -27.17
CA GLN C 112 2.92 19.69 -27.81
C GLN C 112 3.08 19.61 -29.31
N GLY C 113 3.98 18.75 -29.80
CA GLY C 113 4.09 18.47 -31.21
C GLY C 113 2.99 17.56 -31.73
N LEU C 114 2.93 16.32 -31.22
CA LEU C 114 1.97 15.36 -31.74
C LEU C 114 0.53 15.85 -31.59
N GLY C 115 0.22 16.45 -30.44
CA GLY C 115 -1.13 16.93 -30.18
C GLY C 115 -1.57 18.10 -31.05
N SER C 116 -0.62 18.89 -31.56
CA SER C 116 -0.98 19.99 -32.42
C SER C 116 -0.68 19.74 -33.89
N GLY C 117 0.00 18.65 -34.23
CA GLY C 117 0.48 18.46 -35.59
C GLY C 117 -0.64 18.43 -36.61
N ALA C 118 -1.79 17.83 -36.26
CA ALA C 118 -2.89 17.79 -37.22
C ALA C 118 -3.42 19.19 -37.50
N ILE C 119 -3.26 20.12 -36.56
CA ILE C 119 -3.67 21.50 -36.78
C ILE C 119 -2.66 22.21 -37.66
N SER C 120 -1.37 22.01 -37.41
CA SER C 120 -0.35 22.55 -38.32
C SER C 120 -0.58 22.07 -39.74
N LEU C 121 -0.93 20.79 -39.90
CA LEU C 121 -1.09 20.20 -41.23
C LEU C 121 -2.41 20.58 -41.88
N GLY C 122 -3.50 20.60 -41.12
CA GLY C 122 -4.81 20.69 -41.73
C GLY C 122 -5.73 21.78 -41.24
N GLY C 123 -5.28 22.65 -40.33
CA GLY C 123 -6.16 23.67 -39.79
C GLY C 123 -6.45 24.79 -40.77
N THR C 124 -7.62 25.42 -40.59
CA THR C 124 -7.91 26.69 -41.25
C THR C 124 -7.13 27.81 -40.59
N HIS C 125 -7.27 29.02 -41.15
CA HIS C 125 -6.66 30.19 -40.53
C HIS C 125 -7.17 30.39 -39.11
N GLU C 126 -8.50 30.32 -38.93
CA GLU C 126 -9.06 30.52 -37.60
C GLU C 126 -8.56 29.45 -36.64
N GLN C 127 -8.54 28.20 -37.08
CA GLN C 127 -8.08 27.12 -36.21
C GLN C 127 -6.62 27.29 -35.86
N LYS C 128 -5.76 27.56 -36.85
CA LYS C 128 -4.35 27.77 -36.54
C LYS C 128 -4.16 28.97 -35.62
N THR C 129 -4.90 30.06 -35.84
CA THR C 129 -4.77 31.23 -34.99
C THR C 129 -5.20 30.92 -33.55
N ARG C 130 -6.25 30.13 -33.39
CA ARG C 130 -6.80 29.92 -32.05
C ARG C 130 -5.91 29.00 -31.22
N TYR C 131 -5.31 27.98 -31.84
CA TYR C 131 -4.65 26.94 -31.07
C TYR C 131 -3.13 26.98 -31.13
N LEU C 132 -2.54 27.26 -32.29
CA LEU C 132 -1.10 27.04 -32.40
C LEU C 132 -0.25 28.02 -31.60
N PRO C 133 -0.59 29.32 -31.50
CA PRO C 133 0.27 30.20 -30.70
C PRO C 133 0.33 29.79 -29.24
N ARG C 134 -0.78 29.30 -28.68
CA ARG C 134 -0.79 28.87 -27.28
C ARG C 134 -0.06 27.54 -27.10
N VAL C 135 -0.14 26.65 -28.09
CA VAL C 135 0.70 25.44 -28.04
C VAL C 135 2.16 25.85 -28.03
N ALA C 136 2.53 26.77 -28.92
CA ALA C 136 3.93 27.14 -29.13
C ALA C 136 4.52 27.88 -27.94
N ASN C 137 3.72 28.61 -27.17
CA ASN C 137 4.26 29.28 -25.99
C ASN C 137 3.95 28.54 -24.70
N GLY C 138 3.40 27.33 -24.78
CA GLY C 138 3.18 26.55 -23.59
C GLY C 138 2.02 26.94 -22.72
N THR C 139 1.08 27.74 -23.23
CA THR C 139 -0.09 28.11 -22.44
C THR C 139 -1.33 27.30 -22.81
N ALA C 140 -1.21 26.36 -23.74
CA ALA C 140 -2.26 25.38 -24.00
C ALA C 140 -1.60 24.01 -24.16
N ILE C 141 -2.11 23.02 -23.44
CA ILE C 141 -1.59 21.66 -23.48
C ILE C 141 -2.38 20.87 -24.52
N ALA C 142 -1.67 20.25 -25.46
CA ALA C 142 -2.28 19.55 -26.59
C ALA C 142 -2.38 18.06 -26.32
N ALA C 143 -3.27 17.40 -27.09
CA ALA C 143 -3.43 15.96 -27.01
C ALA C 143 -3.97 15.43 -28.34
N PHE C 144 -3.69 14.16 -28.59
CA PHE C 144 -3.93 13.47 -29.86
C PHE C 144 -4.74 12.22 -29.53
N ALA C 145 -6.02 12.22 -29.88
CA ALA C 145 -6.94 11.17 -29.41
C ALA C 145 -7.37 10.29 -30.59
N LEU C 146 -6.65 9.20 -30.80
CA LEU C 146 -6.85 8.28 -31.90
C LEU C 146 -7.24 6.90 -31.44
N SER C 147 -6.49 6.33 -30.50
CA SER C 147 -6.69 4.96 -30.04
C SER C 147 -7.97 4.80 -29.22
N GLU C 148 -8.53 3.60 -29.27
CA GLU C 148 -9.75 3.22 -28.58
C GLU C 148 -9.52 1.93 -27.82
N PRO C 149 -10.33 1.64 -26.80
CA PRO C 149 -10.17 0.37 -26.06
C PRO C 149 -10.13 -0.85 -26.96
N GLU C 150 -10.93 -0.87 -28.01
CA GLU C 150 -11.01 -2.03 -28.88
C GLU C 150 -10.21 -1.89 -30.16
N ALA C 151 -9.53 -0.76 -30.38
CA ALA C 151 -8.80 -0.55 -31.63
C ALA C 151 -7.72 0.49 -31.43
N GLY C 152 -6.46 0.04 -31.44
CA GLY C 152 -5.31 0.92 -31.43
C GLY C 152 -4.50 0.77 -32.69
N SER C 153 -4.01 -0.44 -32.97
CA SER C 153 -3.33 -0.68 -34.24
C SER C 153 -4.29 -0.54 -35.43
N ASP C 154 -5.51 -1.05 -35.28
CA ASP C 154 -6.48 -1.08 -36.39
C ASP C 154 -7.31 0.20 -36.37
N VAL C 155 -6.62 1.30 -36.69
CA VAL C 155 -7.21 2.64 -36.71
C VAL C 155 -8.36 2.71 -37.69
N ALA C 156 -8.23 2.05 -38.83
CA ALA C 156 -9.24 2.15 -39.87
C ALA C 156 -10.60 1.64 -39.40
N ALA C 157 -10.63 0.83 -38.34
CA ALA C 157 -11.88 0.27 -37.83
C ALA C 157 -12.35 0.93 -36.54
N MET C 158 -11.88 2.15 -36.24
CA MET C 158 -12.33 2.83 -35.03
C MET C 158 -13.84 2.96 -35.01
N THR C 159 -14.42 3.03 -33.81
CA THR C 159 -15.87 3.07 -33.66
C THR C 159 -16.41 4.32 -32.96
N LEU C 160 -15.57 5.22 -32.46
CA LEU C 160 -16.12 6.48 -31.96
C LEU C 160 -16.88 7.15 -33.09
N SER C 161 -18.15 7.45 -32.84
CA SER C 161 -19.03 7.97 -33.88
C SER C 161 -19.17 9.48 -33.80
N ALA C 162 -19.31 10.11 -34.96
CA ALA C 162 -19.61 11.53 -35.05
C ALA C 162 -20.80 11.68 -35.98
N ARG C 163 -21.94 12.04 -35.42
CA ARG C 163 -23.20 12.14 -36.15
C ARG C 163 -23.53 13.61 -36.41
N GLU C 164 -23.85 13.92 -37.66
CA GLU C 164 -24.17 15.30 -38.01
C GLU C 164 -25.55 15.68 -37.50
N ASP C 165 -25.63 16.79 -36.76
CA ASP C 165 -26.90 17.32 -36.23
C ASP C 165 -26.89 18.83 -36.38
N GLY C 166 -27.44 19.32 -37.48
CA GLY C 166 -27.44 20.75 -37.71
C GLY C 166 -26.03 21.24 -38.02
N ASP C 167 -25.58 22.24 -37.27
CA ASP C 167 -24.24 22.79 -37.46
C ASP C 167 -23.20 22.16 -36.54
N ALA C 168 -23.53 21.04 -35.91
CA ALA C 168 -22.60 20.36 -35.03
C ALA C 168 -22.54 18.89 -35.38
N TYR C 169 -21.50 18.24 -34.86
CA TYR C 169 -21.41 16.79 -34.82
C TYR C 169 -21.56 16.34 -33.38
N VAL C 170 -22.23 15.21 -33.19
CA VAL C 170 -22.43 14.64 -31.86
C VAL C 170 -21.54 13.42 -31.74
N LEU C 171 -20.66 13.41 -30.74
CA LEU C 171 -19.65 12.37 -30.58
C LEU C 171 -20.05 11.40 -29.47
N ASP C 172 -19.98 10.10 -29.76
CA ASP C 172 -20.32 9.06 -28.82
C ASP C 172 -19.31 7.91 -28.89
N GLY C 173 -18.74 7.56 -27.75
CA GLY C 173 -17.84 6.43 -27.65
C GLY C 173 -16.62 6.80 -26.82
N ASP C 174 -15.56 6.00 -26.95
CA ASP C 174 -14.41 6.13 -26.06
C ASP C 174 -13.11 6.22 -26.85
N LYS C 175 -12.18 7.01 -26.34
CA LYS C 175 -10.78 6.96 -26.72
C LYS C 175 -9.99 6.58 -25.48
N THR C 176 -8.84 5.93 -25.64
CA THR C 176 -8.09 5.59 -24.44
C THR C 176 -6.60 5.58 -24.72
N TRP C 177 -5.82 5.43 -23.65
CA TRP C 177 -4.36 5.62 -23.64
C TRP C 177 -3.99 7.03 -24.09
N ILE C 178 -4.82 8.02 -23.78
CA ILE C 178 -4.63 9.34 -24.36
C ILE C 178 -3.64 10.12 -23.51
N SER C 179 -2.46 10.40 -24.09
CA SER C 179 -1.43 11.19 -23.43
C SER C 179 -1.95 12.59 -23.12
N ASN C 180 -1.61 13.11 -21.94
CA ASN C 180 -2.14 14.35 -21.38
C ASN C 180 -3.64 14.27 -21.13
N GLY C 181 -4.23 13.08 -21.21
CA GLY C 181 -5.65 12.96 -20.91
C GLY C 181 -5.93 13.43 -19.50
N GLY C 182 -6.96 14.27 -19.34
CA GLY C 182 -7.29 14.85 -18.07
C GLY C 182 -6.67 16.19 -17.79
N ILE C 183 -5.60 16.57 -18.50
CA ILE C 183 -4.98 17.86 -18.27
C ILE C 183 -4.83 18.68 -19.55
N ALA C 184 -5.13 18.08 -20.70
CA ALA C 184 -5.05 18.81 -21.96
C ALA C 184 -6.12 19.91 -22.02
N ASP C 185 -5.78 20.98 -22.74
CA ASP C 185 -6.75 22.04 -23.01
C ASP C 185 -7.61 21.75 -24.23
N PHE C 186 -7.13 20.89 -25.12
CA PHE C 186 -7.92 20.44 -26.26
C PHE C 186 -7.38 19.09 -26.70
N TYR C 187 -8.22 18.37 -27.44
CA TYR C 187 -7.91 17.06 -27.99
C TYR C 187 -8.19 17.11 -29.48
N VAL C 188 -7.23 16.68 -30.30
CA VAL C 188 -7.53 16.38 -31.70
C VAL C 188 -8.12 14.97 -31.73
N VAL C 189 -9.41 14.86 -32.05
CA VAL C 189 -10.17 13.62 -31.93
C VAL C 189 -10.51 13.13 -33.33
N PHE C 190 -10.25 11.85 -33.59
CA PHE C 190 -10.62 11.22 -34.86
C PHE C 190 -11.84 10.36 -34.62
N ALA C 191 -12.85 10.51 -35.47
CA ALA C 191 -14.14 9.86 -35.25
C ALA C 191 -14.72 9.43 -36.59
N ARG C 192 -15.58 8.41 -36.53
CA ARG C 192 -16.20 7.90 -37.75
C ARG C 192 -17.41 8.75 -38.12
N THR C 193 -17.32 9.45 -39.25
CA THR C 193 -18.44 10.20 -39.78
C THR C 193 -19.19 9.45 -40.89
N GLY C 194 -18.59 8.41 -41.47
CA GLY C 194 -19.34 7.47 -42.27
C GLY C 194 -19.43 7.75 -43.75
N GLU C 195 -18.55 8.58 -44.31
CA GLU C 195 -18.64 8.91 -45.73
C GLU C 195 -18.49 7.67 -46.61
N ALA C 196 -17.72 6.70 -46.14
CA ALA C 196 -17.42 5.47 -46.85
C ALA C 196 -16.84 4.50 -45.83
N PRO C 197 -16.71 3.22 -46.18
CA PRO C 197 -16.29 2.25 -45.16
C PRO C 197 -14.87 2.46 -44.66
N GLY C 198 -14.65 2.05 -43.42
CA GLY C 198 -13.29 1.88 -42.91
C GLY C 198 -12.49 3.17 -42.91
N ALA C 199 -11.29 3.10 -43.49
CA ALA C 199 -10.37 4.24 -43.47
C ALA C 199 -10.88 5.44 -44.27
N ARG C 200 -11.93 5.29 -45.05
CA ARG C 200 -12.48 6.41 -45.81
CA ARG C 200 -12.49 6.40 -45.82
C ARG C 200 -13.71 7.03 -45.15
N GLY C 201 -13.97 6.69 -43.88
CA GLY C 201 -15.13 7.22 -43.18
C GLY C 201 -14.80 7.99 -41.91
N ILE C 202 -13.59 8.51 -41.80
CA ILE C 202 -13.10 9.12 -40.56
C ILE C 202 -12.91 10.61 -40.78
N SER C 203 -13.27 11.41 -39.77
CA SER C 203 -13.00 12.85 -39.79
C SER C 203 -12.27 13.22 -38.52
N ALA C 204 -11.55 14.35 -38.58
CA ALA C 204 -10.77 14.87 -37.46
C ALA C 204 -11.41 16.13 -36.92
N PHE C 205 -11.40 16.29 -35.59
CA PHE C 205 -12.00 17.46 -34.92
C PHE C 205 -11.07 18.00 -33.85
N VAL C 206 -11.03 19.32 -33.67
CA VAL C 206 -10.46 19.89 -32.46
C VAL C 206 -11.56 20.00 -31.42
N VAL C 207 -11.37 19.35 -30.28
CA VAL C 207 -12.38 19.28 -29.23
C VAL C 207 -11.82 19.92 -27.98
N ASP C 208 -12.35 21.08 -27.60
CA ASP C 208 -11.90 21.75 -26.38
C ASP C 208 -12.23 20.89 -25.17
N ALA C 209 -11.33 20.92 -24.18
CA ALA C 209 -11.50 20.04 -23.02
C ALA C 209 -12.76 20.36 -22.23
N ASP C 210 -13.25 21.59 -22.30
CA ASP C 210 -14.44 21.98 -21.56
C ASP C 210 -15.73 21.67 -22.30
N THR C 211 -15.67 20.90 -23.40
CA THR C 211 -16.87 20.51 -24.13
C THR C 211 -17.79 19.69 -23.25
N PRO C 212 -19.04 20.09 -23.06
CA PRO C 212 -19.96 19.24 -22.29
C PRO C 212 -20.11 17.89 -22.95
N GLY C 213 -20.14 16.83 -22.13
CA GLY C 213 -20.20 15.49 -22.64
C GLY C 213 -18.85 14.83 -22.87
N LEU C 214 -17.75 15.58 -22.85
CA LEU C 214 -16.41 15.01 -22.83
C LEU C 214 -16.05 14.70 -21.39
N GLU C 215 -15.99 13.41 -21.05
CA GLU C 215 -15.79 12.97 -19.69
C GLU C 215 -14.44 12.28 -19.55
N ILE C 216 -13.73 12.59 -18.46
CA ILE C 216 -12.51 11.86 -18.13
C ILE C 216 -12.95 10.62 -17.36
N ALA C 217 -13.05 9.50 -18.07
CA ALA C 217 -13.66 8.31 -17.47
C ALA C 217 -12.73 7.63 -16.48
N GLU C 218 -11.43 7.74 -16.71
CA GLU C 218 -10.45 6.99 -15.92
C GLU C 218 -9.09 7.61 -16.15
N ARG C 219 -8.32 7.76 -15.08
CA ARG C 219 -6.91 8.09 -15.21
C ARG C 219 -6.13 6.79 -15.21
N ILE C 220 -5.20 6.67 -16.16
CA ILE C 220 -4.52 5.41 -16.43
C ILE C 220 -3.11 5.47 -15.87
N ASP C 221 -2.71 4.41 -15.15
CA ASP C 221 -1.36 4.30 -14.59
C ASP C 221 -0.55 3.33 -15.43
N VAL C 222 0.62 3.77 -15.89
CA VAL C 222 1.52 2.90 -16.64
C VAL C 222 2.86 2.82 -15.92
N ILE C 223 3.68 1.87 -16.39
CA ILE C 223 4.88 1.46 -15.65
C ILE C 223 5.86 2.61 -15.47
N ALA C 224 5.94 3.51 -16.45
CA ALA C 224 6.64 4.78 -16.29
C ALA C 224 5.58 5.86 -16.33
N PRO C 225 5.17 6.41 -15.17
CA PRO C 225 3.95 7.22 -15.12
C PRO C 225 4.05 8.48 -15.95
N HIS C 226 3.00 8.74 -16.71
CA HIS C 226 2.77 9.97 -17.46
C HIS C 226 1.28 10.24 -17.42
N PRO C 227 0.85 11.48 -17.65
CA PRO C 227 -0.60 11.77 -17.65
C PRO C 227 -1.28 11.04 -18.80
N LEU C 228 -2.24 10.18 -18.46
CA LEU C 228 -2.94 9.34 -19.43
CA LEU C 228 -2.94 9.32 -19.42
C LEU C 228 -4.38 9.19 -18.98
N ALA C 229 -5.31 9.15 -19.95
CA ALA C 229 -6.70 8.95 -19.56
C ALA C 229 -7.49 8.19 -20.61
N ARG C 230 -8.60 7.62 -20.15
CA ARG C 230 -9.67 7.15 -21.01
C ARG C 230 -10.71 8.27 -21.10
N LEU C 231 -11.06 8.66 -22.33
CA LEU C 231 -12.05 9.69 -22.57
C LEU C 231 -13.35 9.04 -22.98
N HIS C 232 -14.44 9.41 -22.34
CA HIS C 232 -15.76 8.96 -22.73
C HIS C 232 -16.54 10.13 -23.31
N PHE C 233 -17.05 9.96 -24.52
CA PHE C 233 -17.83 10.98 -25.20
C PHE C 233 -19.30 10.61 -25.07
N ALA C 234 -20.05 11.40 -24.31
CA ALA C 234 -21.46 11.15 -24.03
C ALA C 234 -22.27 12.23 -24.73
N GLY C 235 -22.50 12.05 -26.03
CA GLY C 235 -23.25 13.04 -26.78
C GLY C 235 -22.55 14.38 -26.85
N ALA C 236 -21.22 14.37 -26.89
CA ALA C 236 -20.46 15.61 -26.90
C ALA C 236 -20.63 16.33 -28.23
N ARG C 237 -21.02 17.60 -28.18
CA ARG C 237 -21.32 18.35 -29.39
C ARG C 237 -20.10 19.18 -29.80
N VAL C 238 -19.70 19.01 -31.05
CA VAL C 238 -18.53 19.68 -31.60
C VAL C 238 -19.00 20.45 -32.84
N PRO C 239 -18.80 21.77 -32.88
CA PRO C 239 -19.22 22.54 -34.06
C PRO C 239 -18.56 22.02 -35.33
N ARG C 240 -19.31 22.06 -36.43
CA ARG C 240 -18.75 21.65 -37.72
C ARG C 240 -17.49 22.44 -38.05
N SER C 241 -17.42 23.71 -37.61
CA SER C 241 -16.25 24.55 -37.84
C SER C 241 -15.01 24.07 -37.09
N GLN C 242 -15.14 23.07 -36.22
CA GLN C 242 -13.99 22.49 -35.53
C GLN C 242 -13.40 21.30 -36.27
N MET C 243 -13.98 20.92 -37.41
CA MET C 243 -13.41 19.82 -38.17
C MET C 243 -12.10 20.25 -38.82
N LEU C 244 -11.09 19.39 -38.73
CA LEU C 244 -9.82 19.58 -39.42
C LEU C 244 -9.89 18.88 -40.77
N GLY C 245 -9.78 19.65 -41.84
CA GLY C 245 -9.85 19.07 -43.16
C GLY C 245 -11.29 18.74 -43.55
N ALA C 246 -11.39 18.03 -44.65
CA ALA C 246 -12.68 17.72 -45.24
C ALA C 246 -13.30 16.49 -44.57
N PRO C 247 -14.62 16.40 -44.56
CA PRO C 247 -15.28 15.20 -44.01
C PRO C 247 -14.79 13.96 -44.72
N GLY C 248 -14.45 12.94 -43.93
CA GLY C 248 -13.96 11.70 -44.48
C GLY C 248 -12.48 11.66 -44.78
N GLU C 249 -11.76 12.77 -44.56
CA GLU C 249 -10.32 12.82 -44.82
C GLU C 249 -9.50 12.75 -43.53
N GLY C 250 -10.11 12.31 -42.44
CA GLY C 250 -9.41 12.30 -41.15
C GLY C 250 -8.36 11.23 -41.02
N PHE C 251 -8.54 10.08 -41.68
CA PHE C 251 -7.57 9.00 -41.56
C PHE C 251 -6.21 9.42 -42.10
N LYS C 252 -6.18 10.01 -43.30
CA LYS C 252 -4.92 10.45 -43.86
C LYS C 252 -4.27 11.54 -43.01
N LEU C 253 -5.08 12.41 -42.39
CA LEU C 253 -4.53 13.42 -41.51
C LEU C 253 -3.85 12.79 -40.30
N ALA C 254 -4.49 11.79 -39.69
CA ALA C 254 -3.85 11.08 -38.58
C ALA C 254 -2.55 10.45 -39.03
N MET C 255 -2.56 9.77 -40.19
CA MET C 255 -1.36 9.11 -40.66
C MET C 255 -0.25 10.10 -40.95
N ARG C 256 -0.60 11.24 -41.56
CA ARG C 256 0.43 12.24 -41.87
C ARG C 256 1.01 12.85 -40.61
N THR C 257 0.19 13.00 -39.57
CA THR C 257 0.71 13.52 -38.31
C THR C 257 1.68 12.53 -37.68
N LEU C 258 1.33 11.26 -37.68
CA LEU C 258 2.23 10.23 -37.16
C LEU C 258 3.52 10.13 -37.98
N ASP C 259 3.46 10.38 -39.29
CA ASP C 259 4.67 10.32 -40.11
C ASP C 259 5.68 11.37 -39.68
N ILE C 260 5.21 12.52 -39.21
CA ILE C 260 6.12 13.52 -38.67
C ILE C 260 6.75 13.01 -37.38
N PHE C 261 5.92 12.60 -36.44
CA PHE C 261 6.46 12.44 -35.09
C PHE C 261 6.97 11.04 -34.78
N ARG C 262 6.75 10.05 -35.65
CA ARG C 262 7.38 8.75 -35.40
C ARG C 262 8.90 8.86 -35.35
N THR C 263 9.50 9.70 -36.21
CA THR C 263 10.95 9.85 -36.12
C THR C 263 11.36 10.48 -34.80
N SER C 264 10.51 11.34 -34.23
CA SER C 264 10.80 11.92 -32.93
C SER C 264 10.70 10.89 -31.81
N VAL C 265 9.84 9.85 -31.95
CA VAL C 265 9.84 8.77 -30.98
C VAL C 265 11.14 8.00 -31.07
N ALA C 266 11.63 7.79 -32.28
CA ALA C 266 12.95 7.18 -32.46
C ALA C 266 14.02 8.01 -31.77
N ALA C 267 13.93 9.34 -31.89
CA ALA C 267 14.91 10.22 -31.25
C ALA C 267 14.84 10.12 -29.73
N ALA C 268 13.63 10.06 -29.17
CA ALA C 268 13.52 9.89 -27.72
C ALA C 268 14.12 8.57 -27.28
N SER C 269 13.83 7.49 -28.01
CA SER C 269 14.43 6.20 -27.72
C SER C 269 15.94 6.29 -27.68
N LEU C 270 16.51 6.95 -28.67
CA LEU C 270 17.94 7.15 -28.77
C LEU C 270 18.47 7.91 -27.56
N GLY C 271 17.77 8.97 -27.14
CA GLY C 271 18.20 9.70 -25.95
C GLY C 271 18.21 8.84 -24.69
N PHE C 272 17.14 8.07 -24.48
CA PHE C 272 17.15 7.12 -23.37
C PHE C 272 18.33 6.16 -23.47
N ALA C 273 18.60 5.65 -24.67
CA ALA C 273 19.75 4.74 -24.86
C ALA C 273 21.06 5.44 -24.54
N ARG C 274 21.23 6.70 -24.96
CA ARG C 274 22.47 7.40 -24.64
C ARG C 274 22.65 7.57 -23.14
N HIS C 275 21.56 7.81 -22.42
CA HIS C 275 21.66 7.89 -20.96
C HIS C 275 22.14 6.55 -20.39
N ALA C 276 21.55 5.45 -20.87
CA ALA C 276 21.97 4.13 -20.39
C ALA C 276 23.44 3.86 -20.74
N MET C 277 23.85 4.26 -21.93
CA MET C 277 25.25 4.09 -22.34
C MET C 277 26.19 4.81 -21.39
N ALA C 278 25.88 6.07 -21.07
CA ALA C 278 26.74 6.81 -20.14
C ALA C 278 26.81 6.11 -18.78
N GLU C 279 25.66 5.64 -18.28
CA GLU C 279 25.67 4.92 -17.00
C GLU C 279 26.50 3.65 -17.10
N GLY C 280 26.36 2.91 -18.21
CA GLY C 280 27.02 1.63 -18.36
C GLY C 280 28.54 1.76 -18.46
N VAL C 281 29.02 2.70 -19.28
CA VAL C 281 30.46 2.85 -19.40
CA VAL C 281 30.47 2.92 -19.41
C VAL C 281 31.06 3.36 -18.10
N ALA C 282 30.38 4.27 -17.40
CA ALA C 282 30.89 4.75 -16.13
C ALA C 282 30.97 3.62 -15.10
N ARG C 283 29.97 2.74 -15.06
CA ARG C 283 29.98 1.63 -14.11
C ARG C 283 31.03 0.61 -14.47
N ALA C 284 31.21 0.33 -15.77
CA ALA C 284 32.27 -0.57 -16.20
C ALA C 284 33.64 -0.07 -15.75
N ALA C 285 33.85 1.24 -15.86
CA ALA C 285 35.15 1.82 -15.52
C ALA C 285 35.38 1.87 -14.02
N SER C 286 34.33 2.03 -13.23
CA SER C 286 34.48 2.28 -11.80
C SER C 286 34.31 1.04 -10.92
N ARG C 287 33.62 0.00 -11.39
CA ARG C 287 33.28 -1.14 -10.53
C ARG C 287 34.46 -2.07 -10.42
N LYS C 288 35.06 -2.13 -9.23
CA LYS C 288 36.19 -3.02 -8.99
C LYS C 288 35.68 -4.44 -8.73
N MET C 289 36.35 -5.42 -9.34
CA MET C 289 36.02 -6.82 -9.14
C MET C 289 37.14 -7.68 -9.68
N PHE C 290 37.36 -8.82 -9.02
CA PHE C 290 38.33 -9.82 -9.47
C PHE C 290 39.70 -9.20 -9.73
N GLY C 291 40.10 -8.27 -8.87
CA GLY C 291 41.41 -7.67 -8.94
C GLY C 291 41.58 -6.64 -10.03
N GLN C 292 40.51 -6.30 -10.74
CA GLN C 292 40.56 -5.32 -11.81
C GLN C 292 39.25 -4.54 -11.82
N THR C 293 38.78 -4.11 -12.97
CA THR C 293 37.46 -3.47 -13.06
C THR C 293 36.59 -4.27 -14.00
N LEU C 294 35.27 -4.06 -13.86
CA LEU C 294 34.30 -4.70 -14.72
C LEU C 294 34.64 -4.48 -16.20
N GLY C 295 35.08 -3.25 -16.54
CA GLY C 295 35.41 -2.93 -17.91
C GLY C 295 36.63 -3.63 -18.47
N ASP C 296 37.46 -4.24 -17.61
CA ASP C 296 38.62 -4.97 -18.12
C ASP C 296 38.26 -6.33 -18.71
N PHE C 297 37.04 -6.81 -18.47
CA PHE C 297 36.64 -8.12 -18.98
C PHE C 297 36.15 -8.01 -20.41
N GLN C 298 36.51 -9.02 -21.24
CA GLN C 298 36.08 -9.01 -22.64
C GLN C 298 34.56 -8.94 -22.77
N LEU C 299 33.83 -9.68 -21.92
CA LEU C 299 32.37 -9.69 -22.06
C LEU C 299 31.81 -8.29 -21.87
N THR C 300 32.38 -7.53 -20.94
CA THR C 300 31.94 -6.15 -20.72
C THR C 300 32.29 -5.30 -21.94
N GLN C 301 33.51 -5.43 -22.45
CA GLN C 301 33.92 -4.65 -23.60
C GLN C 301 33.03 -4.91 -24.81
N ALA C 302 32.71 -6.19 -25.05
CA ALA C 302 31.86 -6.53 -26.18
C ALA C 302 30.44 -6.03 -25.98
N LYS C 303 29.95 -6.07 -24.74
CA LYS C 303 28.61 -5.56 -24.44
CA LYS C 303 28.62 -5.56 -24.42
C LYS C 303 28.55 -4.06 -24.63
N LEU C 304 29.54 -3.33 -24.13
CA LEU C 304 29.60 -1.89 -24.35
C LEU C 304 29.69 -1.58 -25.83
N ALA C 305 30.48 -2.37 -26.58
CA ALA C 305 30.62 -2.15 -28.01
C ALA C 305 29.29 -2.28 -28.72
N GLN C 306 28.50 -3.30 -28.36
CA GLN C 306 27.22 -3.50 -29.00
C GLN C 306 26.23 -2.41 -28.62
N MET C 307 26.29 -1.94 -27.37
CA MET C 307 25.47 -0.79 -26.98
C MET C 307 25.79 0.40 -27.87
N ALA C 308 27.08 0.68 -28.06
CA ALA C 308 27.49 1.82 -28.88
C ALA C 308 27.12 1.64 -30.35
N LEU C 309 27.27 0.41 -30.86
CA LEU C 309 26.89 0.13 -32.24
C LEU C 309 25.40 0.37 -32.46
N THR C 310 24.57 -0.15 -31.55
CA THR C 310 23.13 0.05 -31.64
C THR C 310 22.79 1.53 -31.59
N ILE C 311 23.46 2.29 -30.72
CA ILE C 311 23.22 3.73 -30.64
C ILE C 311 23.58 4.42 -31.94
N ASP C 312 24.73 4.10 -32.52
CA ASP C 312 25.12 4.79 -33.76
C ASP C 312 24.21 4.41 -34.91
N SER C 313 23.84 3.13 -35.03
CA SER C 313 22.93 2.77 -36.11
CA SER C 313 22.91 2.74 -36.09
C SER C 313 21.56 3.43 -35.90
N SER C 314 21.09 3.50 -34.65
CA SER C 314 19.83 4.18 -34.37
C SER C 314 19.94 5.65 -34.73
N ALA C 315 21.02 6.31 -34.29
CA ALA C 315 21.15 7.75 -34.55
C ALA C 315 21.21 8.04 -36.04
N LEU C 316 21.97 7.23 -36.79
CA LEU C 316 22.03 7.42 -38.24
C LEU C 316 20.67 7.26 -38.88
N LEU C 317 19.89 6.24 -38.45
CA LEU C 317 18.54 6.07 -39.00
C LEU C 317 17.62 7.22 -38.61
N VAL C 318 17.70 7.70 -37.37
CA VAL C 318 16.88 8.82 -36.93
C VAL C 318 17.14 10.04 -37.81
N TYR C 319 18.40 10.42 -37.95
CA TYR C 319 18.70 11.68 -38.61
C TYR C 319 18.74 11.54 -40.13
N ARG C 320 18.90 10.33 -40.67
CA ARG C 320 18.60 10.14 -42.09
C ARG C 320 17.14 10.44 -42.37
N ALA C 321 16.24 9.88 -41.56
CA ALA C 321 14.81 10.13 -41.76
C ALA C 321 14.48 11.60 -41.55
N ALA C 322 15.03 12.21 -40.51
CA ALA C 322 14.71 13.62 -40.24
C ALA C 322 15.26 14.52 -41.34
N TRP C 323 16.50 14.28 -41.76
CA TRP C 323 17.07 15.04 -42.87
C TRP C 323 16.22 14.88 -44.13
N LEU C 324 15.79 13.65 -44.43
CA LEU C 324 15.02 13.41 -45.65
C LEU C 324 13.67 14.13 -45.61
N ARG C 325 12.97 14.05 -44.48
CA ARG C 325 11.71 14.77 -44.38
C ARG C 325 11.93 16.28 -44.54
N ASP C 326 13.07 16.78 -44.04
CA ASP C 326 13.41 18.19 -44.16
C ASP C 326 13.85 18.58 -45.56
N GLN C 327 13.95 17.64 -46.50
CA GLN C 327 14.07 17.96 -47.91
C GLN C 327 12.72 18.11 -48.58
N GLY C 328 11.64 17.91 -47.82
CA GLY C 328 10.31 17.94 -48.37
C GLY C 328 9.81 16.60 -48.86
N GLU C 329 10.46 15.51 -48.49
CA GLU C 329 10.10 14.20 -48.99
C GLU C 329 9.26 13.43 -47.98
N ASN C 330 8.44 12.52 -48.50
CA ASN C 330 7.72 11.59 -47.66
C ASN C 330 8.69 10.65 -46.97
N VAL C 331 8.43 10.33 -45.70
CA VAL C 331 9.33 9.42 -44.99
C VAL C 331 8.57 8.28 -44.32
N THR C 332 7.44 7.84 -44.90
CA THR C 332 6.69 6.75 -44.27
C THR C 332 7.60 5.55 -43.99
N ARG C 333 8.42 5.15 -44.97
CA ARG C 333 9.31 4.00 -44.77
C ARG C 333 10.44 4.33 -43.80
N GLU C 334 11.12 5.46 -44.01
CA GLU C 334 12.32 5.76 -43.25
C GLU C 334 12.01 6.09 -41.80
N ALA C 335 10.86 6.75 -41.55
CA ALA C 335 10.43 7.00 -40.19
C ALA C 335 10.06 5.71 -39.48
N ALA C 336 9.36 4.79 -40.18
CA ALA C 336 9.04 3.50 -39.58
C ALA C 336 10.31 2.74 -39.23
N MET C 337 11.29 2.72 -40.14
CA MET C 337 12.56 2.05 -39.86
C MET C 337 13.23 2.64 -38.62
N ALA C 338 13.29 3.97 -38.54
CA ALA C 338 13.96 4.61 -37.41
C ALA C 338 13.24 4.31 -36.10
N LYS C 339 11.91 4.43 -36.10
CA LYS C 339 11.14 4.20 -34.88
C LYS C 339 11.30 2.77 -34.40
N TRP C 340 11.17 1.82 -35.32
CA TRP C 340 11.37 0.41 -35.03
C TRP C 340 12.77 0.17 -34.45
N HIS C 341 13.82 0.54 -35.19
CA HIS C 341 15.17 0.19 -34.79
CA HIS C 341 15.14 0.16 -34.75
C HIS C 341 15.57 0.89 -33.49
N ALA C 342 15.26 2.18 -33.38
CA ALA C 342 15.74 2.91 -32.19
C ALA C 342 15.01 2.45 -30.94
N SER C 343 13.71 2.13 -31.02
CA SER C 343 13.00 1.72 -29.83
C SER C 343 13.39 0.30 -29.41
N GLU C 344 13.49 -0.62 -30.38
CA GLU C 344 13.92 -1.97 -30.06
C GLU C 344 15.37 -1.97 -29.60
N GLY C 345 16.21 -1.17 -30.25
CA GLY C 345 17.61 -1.10 -29.87
C GLY C 345 17.80 -0.48 -28.50
N ALA C 346 17.06 0.60 -28.20
CA ALA C 346 17.19 1.22 -26.88
C ALA C 346 16.81 0.26 -25.77
N GLN C 347 15.80 -0.58 -26.00
CA GLN C 347 15.45 -1.61 -25.03
C GLN C 347 16.66 -2.47 -24.72
N GLN C 348 17.37 -2.89 -25.77
CA GLN C 348 18.55 -3.75 -25.58
C GLN C 348 19.66 -3.03 -24.86
N VAL C 349 19.91 -1.76 -25.23
CA VAL C 349 20.98 -0.99 -24.59
C VAL C 349 20.68 -0.81 -23.12
N ILE C 350 19.45 -0.41 -22.80
CA ILE C 350 19.05 -0.19 -21.42
C ILE C 350 19.13 -1.49 -20.63
N ASP C 351 18.68 -2.59 -21.23
CA ASP C 351 18.74 -3.88 -20.55
C ASP C 351 20.18 -4.26 -20.22
N ALA C 352 21.09 -4.00 -21.14
CA ALA C 352 22.51 -4.28 -20.89
C ALA C 352 23.06 -3.41 -19.78
N ALA C 353 22.65 -2.13 -19.74
CA ALA C 353 23.12 -1.24 -18.66
C ALA C 353 22.61 -1.70 -17.30
N VAL C 354 21.35 -2.14 -17.23
CA VAL C 354 20.84 -2.74 -15.99
C VAL C 354 21.74 -3.88 -15.55
N GLN C 355 22.08 -4.77 -16.49
CA GLN C 355 22.87 -5.95 -16.15
C GLN C 355 24.26 -5.56 -15.63
N LEU C 356 24.86 -4.52 -16.23
CA LEU C 356 26.18 -4.09 -15.77
C LEU C 356 26.14 -3.59 -14.33
N TYR C 357 25.01 -3.04 -13.90
CA TYR C 357 24.87 -2.53 -12.55
C TYR C 357 24.59 -3.61 -11.50
N GLY C 358 24.35 -4.85 -11.92
CA GLY C 358 24.06 -5.88 -10.92
C GLY C 358 22.78 -5.58 -10.15
N GLY C 359 22.80 -5.86 -8.85
CA GLY C 359 21.62 -5.65 -8.03
C GLY C 359 21.12 -4.22 -8.08
N MET C 360 22.05 -3.27 -8.14
CA MET C 360 21.67 -1.86 -8.22
C MET C 360 20.88 -1.55 -9.48
N GLY C 361 21.03 -2.39 -10.52
CA GLY C 361 20.30 -2.17 -11.74
C GLY C 361 18.79 -2.28 -11.61
N VAL C 362 18.30 -2.99 -10.60
CA VAL C 362 16.86 -3.09 -10.36
C VAL C 362 16.44 -2.32 -9.11
N GLN C 363 17.34 -1.53 -8.54
CA GLN C 363 16.98 -0.74 -7.37
C GLN C 363 16.15 0.46 -7.80
N SER C 364 15.02 0.67 -7.13
CA SER C 364 14.07 1.69 -7.53
C SER C 364 14.72 3.05 -7.54
N GLY C 365 14.50 3.79 -8.62
CA GLY C 365 14.95 5.16 -8.71
C GLY C 365 16.37 5.35 -9.23
N THR C 366 17.14 4.29 -9.40
CA THR C 366 18.41 4.46 -10.10
C THR C 366 18.13 4.77 -11.56
N ALA C 367 19.11 5.40 -12.20
CA ALA C 367 18.91 5.82 -13.59
C ALA C 367 18.54 4.65 -14.48
N VAL C 368 19.25 3.53 -14.36
CA VAL C 368 19.00 2.44 -15.30
C VAL C 368 17.69 1.73 -14.97
N GLU C 369 17.30 1.67 -13.70
CA GLU C 369 15.99 1.07 -13.36
C GLU C 369 14.86 1.91 -13.93
N MET C 370 14.99 3.23 -13.86
CA MET C 370 13.97 4.09 -14.44
C MET C 370 13.91 3.93 -15.95
N LEU C 371 15.07 3.82 -16.60
CA LEU C 371 15.10 3.66 -18.06
C LEU C 371 14.47 2.34 -18.47
N TYR C 372 14.67 1.28 -17.69
CA TYR C 372 14.06 0.00 -17.99
C TYR C 372 12.54 0.10 -18.00
N ARG C 373 11.97 0.91 -17.11
CA ARG C 373 10.53 1.14 -17.16
C ARG C 373 10.14 2.10 -18.27
N GLU C 374 10.94 3.15 -18.48
CA GLU C 374 10.56 4.20 -19.42
C GLU C 374 10.51 3.69 -20.86
N ILE C 375 11.44 2.82 -21.25
CA ILE C 375 11.57 2.52 -22.67
C ILE C 375 10.44 1.63 -23.17
N ARG C 376 9.80 0.85 -22.29
CA ARG C 376 9.00 -0.26 -22.78
C ARG C 376 7.83 0.22 -23.63
N ALA C 377 7.21 1.34 -23.25
CA ALA C 377 6.05 1.83 -24.00
C ALA C 377 6.42 2.37 -25.38
N LEU C 378 7.68 2.77 -25.61
CA LEU C 378 8.01 3.37 -26.90
C LEU C 378 8.03 2.36 -28.02
N ARG C 379 8.03 1.06 -27.70
CA ARG C 379 7.88 0.02 -28.69
C ARG C 379 6.42 -0.25 -29.02
N ILE C 380 5.50 0.49 -28.38
CA ILE C 380 4.07 0.27 -28.51
C ILE C 380 3.36 1.49 -29.05
N TYR C 381 3.64 2.67 -28.48
CA TYR C 381 2.88 3.83 -28.91
C TYR C 381 3.47 4.42 -30.20
N GLU C 382 2.66 5.28 -30.84
CA GLU C 382 2.88 5.79 -32.21
C GLU C 382 3.08 4.64 -33.20
N GLY C 383 2.45 3.50 -32.94
CA GLY C 383 2.52 2.35 -33.82
C GLY C 383 3.49 1.29 -33.31
N ALA C 384 2.98 0.10 -32.97
CA ALA C 384 3.83 -0.91 -32.36
C ALA C 384 4.90 -1.37 -33.35
N THR C 385 6.00 -1.92 -32.80
CA THR C 385 7.08 -2.42 -33.64
C THR C 385 6.58 -3.24 -34.81
N GLU C 386 5.64 -4.15 -34.56
CA GLU C 386 5.18 -5.05 -35.61
C GLU C 386 4.45 -4.29 -36.71
N VAL C 387 3.73 -3.22 -36.35
CA VAL C 387 3.12 -2.36 -37.36
C VAL C 387 4.20 -1.71 -38.22
N GLN C 388 5.27 -1.22 -37.58
CA GLN C 388 6.36 -0.61 -38.34
C GLN C 388 7.00 -1.59 -39.30
N GLN C 389 7.23 -2.83 -38.85
CA GLN C 389 7.84 -3.85 -39.71
C GLN C 389 7.00 -4.11 -40.94
N LEU C 390 5.68 -4.23 -40.77
CA LEU C 390 4.82 -4.49 -41.90
C LEU C 390 4.76 -3.31 -42.86
N ILE C 391 4.81 -2.08 -42.34
CA ILE C 391 4.89 -0.91 -43.22
C ILE C 391 6.12 -1.02 -44.12
N VAL C 392 7.27 -1.34 -43.53
CA VAL C 392 8.50 -1.42 -44.31
C VAL C 392 8.43 -2.56 -45.32
N GLY C 393 7.98 -3.74 -44.87
CA GLY C 393 7.94 -4.89 -45.76
C GLY C 393 6.98 -4.69 -46.92
N ARG C 394 5.79 -4.16 -46.65
CA ARG C 394 4.85 -3.87 -47.73
C ARG C 394 5.43 -2.84 -48.69
N ASP C 395 6.17 -1.85 -48.17
CA ASP C 395 6.69 -0.80 -49.06
C ASP C 395 7.77 -1.36 -49.98
N LEU C 396 8.57 -2.32 -49.49
CA LEU C 396 9.57 -2.97 -50.34
C LEU C 396 8.92 -3.70 -51.51
N LEU C 397 7.83 -4.41 -51.25
CA LEU C 397 7.16 -5.13 -52.32
C LEU C 397 6.45 -4.18 -53.26
N LYS C 398 5.90 -3.08 -52.73
CA LYS C 398 5.27 -2.07 -53.58
C LYS C 398 6.29 -1.45 -54.53
N ALA C 399 7.48 -1.12 -54.00
CA ALA C 399 8.52 -0.51 -54.83
C ALA C 399 9.02 -1.49 -55.90
N HIS C 400 9.12 -2.77 -55.55
CA HIS C 400 9.55 -3.75 -56.54
C HIS C 400 8.52 -3.90 -57.64
N ALA C 401 7.24 -3.91 -57.28
CA ALA C 401 6.19 -4.00 -58.28
C ALA C 401 6.21 -2.79 -59.21
N ALA C 402 6.51 -1.61 -58.67
CA ALA C 402 6.57 -0.42 -59.51
C ALA C 402 7.76 -0.47 -60.46
N ALA C 403 8.89 -0.99 -59.98
CA ALA C 403 10.04 -1.14 -60.85
C ALA C 403 9.78 -2.15 -61.96
N THR C 404 9.12 -3.26 -61.62
CA THR C 404 8.75 -4.25 -62.64
C THR C 404 7.85 -3.63 -63.70
N ALA C 405 6.90 -2.79 -63.28
CA ALA C 405 5.99 -2.16 -64.24
C ALA C 405 6.74 -1.26 -65.21
N GLY C 406 7.76 -0.55 -64.73
CA GLY C 406 8.54 0.33 -65.57
C GLY C 406 9.92 -0.21 -65.91
N GLU D 14 -6.99 -39.25 -16.00
CA GLU D 14 -5.79 -39.91 -16.50
C GLU D 14 -4.69 -38.90 -16.79
N LEU D 15 -3.46 -39.41 -16.97
CA LEU D 15 -2.31 -38.55 -17.20
C LEU D 15 -2.30 -38.08 -18.64
N ASP D 16 -2.34 -36.76 -18.84
CA ASP D 16 -2.14 -36.20 -20.17
C ASP D 16 -0.69 -36.39 -20.57
N LEU D 17 -0.45 -37.28 -21.54
CA LEU D 17 0.93 -37.60 -21.91
C LEU D 17 1.63 -36.44 -22.61
N HIS D 18 0.90 -35.40 -23.03
CA HIS D 18 1.56 -34.22 -23.57
C HIS D 18 1.99 -33.23 -22.50
N SER D 19 1.61 -33.46 -21.24
CA SER D 19 2.02 -32.57 -20.17
CA SER D 19 2.02 -32.61 -20.14
C SER D 19 3.47 -32.88 -19.76
N ALA D 20 4.17 -31.83 -19.34
CA ALA D 20 5.55 -32.00 -18.88
C ALA D 20 5.63 -32.92 -17.67
N LEU D 21 4.57 -32.96 -16.85
CA LEU D 21 4.59 -33.82 -15.69
C LEU D 21 4.64 -35.29 -16.05
N ALA D 22 4.33 -35.65 -17.30
CA ALA D 22 4.47 -37.02 -17.76
C ALA D 22 5.92 -37.42 -18.07
N TRP D 23 6.83 -36.46 -18.16
CA TRP D 23 8.21 -36.79 -18.49
C TRP D 23 8.79 -37.77 -17.46
N PRO D 24 9.64 -38.70 -17.89
CA PRO D 24 10.23 -39.67 -16.96
C PRO D 24 11.26 -39.07 -16.01
N PHE D 25 11.56 -37.77 -16.13
CA PHE D 25 12.27 -37.08 -15.06
C PHE D 25 11.49 -37.07 -13.76
N PHE D 26 10.17 -37.26 -13.82
CA PHE D 26 9.30 -37.15 -12.66
C PHE D 26 8.84 -38.52 -12.17
N GLU D 27 8.57 -38.59 -10.88
CA GLU D 27 7.97 -39.74 -10.24
C GLU D 27 6.51 -39.45 -9.92
N PRO D 28 5.70 -40.48 -9.63
CA PRO D 28 4.29 -40.21 -9.30
C PRO D 28 4.10 -39.20 -8.18
N ARG D 29 4.95 -39.21 -7.15
CA ARG D 29 4.80 -38.26 -6.06
C ARG D 29 4.94 -36.82 -6.54
N HIS D 30 5.71 -36.58 -7.61
CA HIS D 30 5.86 -35.22 -8.12
C HIS D 30 4.59 -34.74 -8.80
N ARG D 31 3.89 -35.65 -9.47
CA ARG D 31 2.62 -35.30 -10.09
CA ARG D 31 2.62 -35.29 -10.09
C ARG D 31 1.58 -34.95 -9.04
N GLU D 32 1.56 -35.69 -7.93
CA GLU D 32 0.62 -35.37 -6.86
C GLU D 32 1.00 -34.07 -6.16
N LEU D 33 2.30 -33.84 -5.96
CA LEU D 33 2.74 -32.59 -5.37
C LEU D 33 2.36 -31.40 -6.25
N ALA D 34 2.56 -31.54 -7.56
CA ALA D 34 2.19 -30.46 -8.47
C ALA D 34 0.70 -30.13 -8.36
N ALA D 35 -0.15 -31.17 -8.29
CA ALA D 35 -1.57 -30.93 -8.11
C ALA D 35 -1.86 -30.26 -6.77
N GLY D 36 -1.16 -30.69 -5.71
CA GLY D 36 -1.41 -30.15 -4.39
C GLY D 36 -1.01 -28.69 -4.26
N ILE D 37 0.14 -28.31 -4.82
CA ILE D 37 0.55 -26.92 -4.68
C ILE D 37 -0.32 -26.02 -5.58
N GLU D 38 -0.74 -26.54 -6.75
CA GLU D 38 -1.66 -25.75 -7.57
C GLU D 38 -2.97 -25.53 -6.84
N ALA D 39 -3.50 -26.56 -6.17
CA ALA D 39 -4.73 -26.37 -5.41
C ALA D 39 -4.53 -25.36 -4.29
N TRP D 40 -3.37 -25.39 -3.63
CA TRP D 40 -3.09 -24.42 -2.58
C TRP D 40 -3.08 -23.00 -3.14
N CYS D 41 -2.48 -22.81 -4.32
CA CYS D 41 -2.45 -21.49 -4.93
C CYS D 41 -3.85 -20.97 -5.21
N ARG D 42 -4.72 -21.82 -5.77
CA ARG D 42 -6.06 -21.38 -6.10
C ARG D 42 -6.86 -21.00 -4.85
N ALA D 43 -6.60 -21.66 -3.73
CA ALA D 43 -7.34 -21.41 -2.50
C ALA D 43 -6.79 -20.26 -1.68
N ASN D 44 -5.56 -19.82 -1.93
CA ASN D 44 -4.89 -18.89 -1.02
C ASN D 44 -4.27 -17.67 -1.67
N LEU D 45 -4.18 -17.59 -2.99
CA LEU D 45 -3.52 -16.47 -3.65
C LEU D 45 -4.46 -15.66 -4.53
N ALA D 46 -5.77 -15.84 -4.37
CA ALA D 46 -6.74 -15.08 -5.16
C ALA D 46 -6.85 -13.64 -4.65
N ASP D 52 1.07 -4.41 2.54
CA ASP D 52 2.35 -4.31 3.22
C ASP D 52 3.22 -5.51 2.84
N VAL D 53 4.37 -5.26 2.21
CA VAL D 53 5.17 -6.37 1.70
C VAL D 53 5.78 -7.19 2.83
N ASP D 54 6.22 -6.52 3.90
CA ASP D 54 6.72 -7.26 5.07
C ASP D 54 5.64 -8.15 5.67
N ALA D 55 4.45 -7.57 5.90
CA ALA D 55 3.36 -8.34 6.48
C ALA D 55 2.91 -9.46 5.56
N THR D 56 2.87 -9.18 4.24
CA THR D 56 2.47 -10.21 3.30
C THR D 56 3.44 -11.39 3.31
N CYS D 57 4.74 -11.10 3.36
CA CYS D 57 5.70 -12.20 3.37
CA CYS D 57 5.74 -12.17 3.40
C CYS D 57 5.60 -13.00 4.67
N ARG D 58 5.45 -12.33 5.81
CA ARG D 58 5.30 -13.06 7.06
C ARG D 58 4.10 -14.00 7.01
N ARG D 59 2.96 -13.51 6.48
CA ARG D 59 1.77 -14.33 6.38
C ARG D 59 1.98 -15.50 5.43
N LEU D 60 2.63 -15.25 4.29
CA LEU D 60 2.82 -16.32 3.32
C LEU D 60 3.72 -17.43 3.88
N VAL D 61 4.77 -17.05 4.62
CA VAL D 61 5.64 -18.05 5.22
C VAL D 61 4.86 -18.91 6.19
N ARG D 62 4.07 -18.27 7.06
CA ARG D 62 3.25 -19.01 8.01
C ARG D 62 2.26 -19.92 7.32
N GLU D 63 1.60 -19.44 6.26
CA GLU D 63 0.61 -20.26 5.57
C GLU D 63 1.26 -21.41 4.82
N LEU D 64 2.35 -21.16 4.10
CA LEU D 64 3.04 -22.24 3.43
C LEU D 64 3.57 -23.25 4.43
N GLY D 65 4.10 -22.78 5.56
CA GLY D 65 4.59 -23.70 6.57
C GLY D 65 3.50 -24.58 7.14
N ALA D 66 2.34 -23.99 7.46
CA ALA D 66 1.24 -24.75 8.03
C ALA D 66 0.72 -25.80 7.05
N ALA D 67 0.81 -25.52 5.76
CA ALA D 67 0.32 -26.45 4.74
C ALA D 67 1.33 -27.52 4.38
N GLY D 68 2.55 -27.46 4.94
CA GLY D 68 3.55 -28.48 4.71
C GLY D 68 4.49 -28.23 3.55
N TRP D 69 4.37 -27.10 2.87
CA TRP D 69 5.15 -26.90 1.65
C TRP D 69 6.58 -26.45 1.91
N LEU D 70 6.89 -25.96 3.12
CA LEU D 70 8.26 -25.56 3.42
C LEU D 70 9.14 -26.75 3.83
N LYS D 71 8.54 -27.92 4.02
CA LYS D 71 9.34 -29.10 4.39
C LYS D 71 10.25 -29.56 3.26
N TYR D 72 9.91 -29.25 2.01
CA TYR D 72 10.69 -29.76 0.89
C TYR D 72 12.04 -29.07 0.76
N GLY D 73 12.18 -27.86 1.30
CA GLY D 73 13.44 -27.13 1.21
C GLY D 73 14.39 -27.37 2.36
N VAL D 74 14.02 -28.25 3.29
CA VAL D 74 14.80 -28.54 4.48
C VAL D 74 15.26 -30.00 4.39
N GLY D 75 16.54 -30.24 4.66
CA GLY D 75 17.08 -31.59 4.65
C GLY D 75 17.12 -32.20 6.04
N GLY D 76 16.52 -33.39 6.17
CA GLY D 76 16.55 -34.12 7.42
C GLY D 76 15.17 -34.31 8.05
N VAL D 77 14.65 -35.54 7.99
CA VAL D 77 13.32 -35.81 8.53
C VAL D 77 13.25 -35.48 10.01
N ALA D 78 14.33 -35.74 10.75
CA ALA D 78 14.36 -35.48 12.18
C ALA D 78 14.27 -34.00 12.50
N TYR D 79 14.55 -33.13 11.52
CA TYR D 79 14.56 -31.69 11.71
C TYR D 79 13.40 -31.00 11.01
N GLY D 80 12.38 -31.74 10.58
CA GLY D 80 11.22 -31.17 9.93
C GLY D 80 11.23 -31.25 8.42
N GLY D 81 12.27 -31.81 7.82
CA GLY D 81 12.33 -31.93 6.38
C GLY D 81 11.44 -33.05 5.85
N HIS D 82 11.11 -32.93 4.56
CA HIS D 82 10.31 -33.96 3.91
C HIS D 82 11.08 -35.28 3.82
N GLY D 83 12.36 -35.20 3.48
CA GLY D 83 13.23 -36.35 3.40
C GLY D 83 14.58 -36.02 4.00
N ASP D 84 15.47 -37.01 4.03
CA ASP D 84 16.82 -36.73 4.48
C ASP D 84 17.63 -36.00 3.41
N THR D 85 17.21 -36.08 2.15
CA THR D 85 17.73 -35.22 1.10
C THR D 85 16.70 -34.15 0.79
N ILE D 86 17.17 -33.09 0.14
CA ILE D 86 16.28 -32.09 -0.46
C ILE D 86 15.92 -32.58 -1.86
N ASP D 87 14.63 -32.80 -2.09
CA ASP D 87 14.07 -33.24 -3.37
C ASP D 87 14.06 -32.03 -4.31
N THR D 88 15.05 -31.97 -5.20
CA THR D 88 15.22 -30.80 -6.08
C THR D 88 14.03 -30.66 -7.01
N ARG D 89 13.56 -31.77 -7.56
CA ARG D 89 12.39 -31.74 -8.42
C ARG D 89 11.19 -31.17 -7.68
N ALA D 90 11.01 -31.56 -6.42
CA ALA D 90 9.89 -31.04 -5.65
C ALA D 90 10.05 -29.55 -5.41
N VAL D 91 11.23 -29.09 -4.96
CA VAL D 91 11.41 -27.66 -4.73
C VAL D 91 11.17 -26.88 -6.01
N CYS D 92 11.65 -27.41 -7.14
CA CYS D 92 11.44 -26.73 -8.42
C CYS D 92 9.95 -26.66 -8.79
N LEU D 93 9.21 -27.75 -8.60
CA LEU D 93 7.78 -27.72 -8.91
C LEU D 93 7.06 -26.73 -8.02
N LEU D 94 7.48 -26.63 -6.75
CA LEU D 94 6.87 -25.67 -5.84
C LEU D 94 7.13 -24.23 -6.29
N ARG D 95 8.39 -23.89 -6.56
CA ARG D 95 8.69 -22.54 -7.02
C ARG D 95 8.04 -22.25 -8.37
N GLU D 96 8.08 -23.21 -9.29
CA GLU D 96 7.47 -22.98 -10.60
C GLU D 96 5.98 -22.67 -10.44
N THR D 97 5.27 -23.47 -9.66
CA THR D 97 3.84 -23.25 -9.50
C THR D 97 3.55 -21.96 -8.74
N LEU D 98 4.27 -21.72 -7.65
CA LEU D 98 4.06 -20.47 -6.90
C LEU D 98 4.34 -19.26 -7.78
N ALA D 99 5.47 -19.26 -8.49
CA ALA D 99 5.81 -18.13 -9.36
C ALA D 99 4.77 -17.91 -10.44
N LYS D 100 4.18 -19.00 -10.96
CA LYS D 100 3.14 -18.88 -11.97
C LYS D 100 1.93 -18.10 -11.47
N HIS D 101 1.72 -18.05 -10.15
CA HIS D 101 0.61 -17.32 -9.55
C HIS D 101 1.02 -16.03 -8.87
N SER D 102 2.20 -15.99 -8.22
CA SER D 102 2.55 -14.89 -7.33
C SER D 102 4.05 -14.85 -7.10
N GLY D 103 4.69 -13.76 -7.50
CA GLY D 103 6.09 -13.58 -7.16
C GLY D 103 6.34 -13.50 -5.66
N LEU D 104 5.39 -12.94 -4.91
CA LEU D 104 5.54 -12.86 -3.46
C LEU D 104 5.57 -14.25 -2.83
N ALA D 105 4.66 -15.12 -3.27
CA ALA D 105 4.59 -16.45 -2.69
C ALA D 105 5.80 -17.28 -3.05
N ASP D 106 6.27 -17.17 -4.30
CA ASP D 106 7.52 -17.82 -4.70
C ASP D 106 8.68 -17.37 -3.84
N PHE D 107 8.82 -16.05 -3.67
CA PHE D 107 9.90 -15.50 -2.86
C PHE D 107 9.87 -16.06 -1.43
N ALA D 108 8.69 -16.11 -0.83
CA ALA D 108 8.58 -16.59 0.55
C ALA D 108 9.07 -18.02 0.67
N LEU D 109 8.62 -18.92 -0.22
CA LEU D 109 9.07 -20.30 -0.14
C LEU D 109 10.56 -20.41 -0.48
N ALA D 110 11.01 -19.68 -1.51
CA ALA D 110 12.40 -19.75 -1.93
C ALA D 110 13.35 -19.44 -0.78
N MET D 111 13.07 -18.37 -0.04
CA MET D 111 14.02 -17.96 0.97
C MET D 111 14.02 -18.89 2.18
N GLN D 112 12.93 -19.60 2.44
CA GLN D 112 12.98 -20.61 3.49
C GLN D 112 13.94 -21.73 3.12
N GLY D 113 14.12 -21.97 1.83
CA GLY D 113 15.09 -22.92 1.34
C GLY D 113 16.50 -22.35 1.35
N LEU D 114 16.74 -21.30 0.55
CA LEU D 114 18.08 -20.74 0.44
C LEU D 114 18.63 -20.29 1.79
N GLY D 115 17.78 -19.65 2.59
CA GLY D 115 18.21 -19.14 3.88
C GLY D 115 18.54 -20.20 4.90
N SER D 116 17.98 -21.41 4.76
CA SER D 116 18.30 -22.48 5.69
C SER D 116 19.23 -23.54 5.10
N GLY D 117 19.51 -23.48 3.79
CA GLY D 117 20.24 -24.55 3.14
C GLY D 117 21.62 -24.80 3.73
N ALA D 118 22.32 -23.73 4.11
CA ALA D 118 23.64 -23.92 4.71
C ALA D 118 23.56 -24.68 6.03
N ILE D 119 22.43 -24.57 6.73
CA ILE D 119 22.24 -25.35 7.95
C ILE D 119 21.93 -26.79 7.63
N SER D 120 21.07 -27.04 6.63
CA SER D 120 20.82 -28.41 6.20
C SER D 120 22.11 -29.11 5.79
N LEU D 121 22.99 -28.38 5.10
CA LEU D 121 24.22 -28.97 4.57
C LEU D 121 25.30 -29.09 5.64
N GLY D 122 25.44 -28.08 6.49
CA GLY D 122 26.62 -27.98 7.33
C GLY D 122 26.40 -27.88 8.82
N GLY D 123 25.14 -27.88 9.27
CA GLY D 123 24.87 -27.76 10.69
C GLY D 123 25.20 -29.03 11.46
N THR D 124 25.53 -28.82 12.73
CA THR D 124 25.57 -29.93 13.68
C THR D 124 24.15 -30.39 14.01
N HIS D 125 24.04 -31.51 14.72
CA HIS D 125 22.74 -31.94 15.22
C HIS D 125 22.06 -30.85 16.02
N GLU D 126 22.81 -30.19 16.91
CA GLU D 126 22.22 -29.15 17.75
C GLU D 126 21.76 -27.95 16.93
N GLN D 127 22.56 -27.53 15.94
CA GLN D 127 22.16 -26.39 15.12
C GLN D 127 20.95 -26.72 14.26
N LYS D 128 20.91 -27.92 13.67
CA LYS D 128 19.76 -28.32 12.88
C LYS D 128 18.50 -28.40 13.74
N THR D 129 18.61 -28.94 14.95
CA THR D 129 17.46 -29.03 15.84
C THR D 129 16.94 -27.65 16.21
N ARG D 130 17.85 -26.70 16.44
CA ARG D 130 17.44 -25.37 16.89
C ARG D 130 16.73 -24.60 15.78
N TYR D 131 17.20 -24.71 14.54
CA TYR D 131 16.74 -23.83 13.47
C TYR D 131 15.80 -24.47 12.46
N LEU D 132 16.05 -25.71 12.05
CA LEU D 132 15.33 -26.22 10.89
C LEU D 132 13.86 -26.52 11.14
N PRO D 133 13.45 -27.05 12.30
CA PRO D 133 12.01 -27.31 12.47
C PRO D 133 11.15 -26.06 12.35
N ARG D 134 11.64 -24.91 12.83
CA ARG D 134 10.86 -23.69 12.71
C ARG D 134 10.90 -23.12 11.31
N VAL D 135 12.00 -23.33 10.57
CA VAL D 135 11.99 -22.99 9.16
C VAL D 135 10.96 -23.82 8.43
N ALA D 136 10.92 -25.12 8.73
CA ALA D 136 10.06 -26.05 8.00
C ALA D 136 8.58 -25.83 8.29
N ASN D 137 8.22 -25.34 9.49
CA ASN D 137 6.82 -25.06 9.77
C ASN D 137 6.48 -23.58 9.65
N GLY D 138 7.42 -22.76 9.17
CA GLY D 138 7.12 -21.38 8.86
C GLY D 138 7.02 -20.44 10.04
N THR D 139 7.55 -20.82 11.19
CA THR D 139 7.56 -19.94 12.37
C THR D 139 8.91 -19.25 12.58
N ALA D 140 9.89 -19.52 11.73
CA ALA D 140 11.14 -18.76 11.69
C ALA D 140 11.45 -18.43 10.24
N ILE D 141 11.69 -17.16 9.97
CA ILE D 141 11.98 -16.68 8.62
C ILE D 141 13.49 -16.64 8.44
N ALA D 142 13.97 -17.29 7.37
CA ALA D 142 15.40 -17.48 7.13
C ALA D 142 15.95 -16.43 6.16
N ALA D 143 17.27 -16.28 6.17
CA ALA D 143 17.94 -15.37 5.25
C ALA D 143 19.38 -15.84 5.04
N PHE D 144 19.92 -15.45 3.88
CA PHE D 144 21.22 -15.90 3.36
C PHE D 144 22.01 -14.62 3.06
N ALA D 145 23.02 -14.32 3.89
CA ALA D 145 23.70 -13.03 3.81
C ALA D 145 25.13 -13.21 3.30
N LEU D 146 25.28 -13.08 1.99
CA LEU D 146 26.55 -13.27 1.30
C LEU D 146 27.06 -12.01 0.63
N SER D 147 26.21 -11.34 -0.15
CA SER D 147 26.64 -10.19 -0.94
C SER D 147 26.93 -8.98 -0.06
N GLU D 148 27.78 -8.10 -0.58
CA GLU D 148 28.22 -6.88 0.08
C GLU D 148 28.15 -5.74 -0.92
N PRO D 149 28.11 -4.49 -0.45
CA PRO D 149 28.05 -3.36 -1.39
C PRO D 149 29.15 -3.39 -2.44
N GLU D 150 30.35 -3.83 -2.07
CA GLU D 150 31.47 -3.81 -3.00
C GLU D 150 31.76 -5.17 -3.62
N ALA D 151 31.04 -6.22 -3.24
CA ALA D 151 31.35 -7.55 -3.74
C ALA D 151 30.09 -8.40 -3.75
N GLY D 152 29.56 -8.66 -4.94
CA GLY D 152 28.46 -9.59 -5.12
C GLY D 152 28.88 -10.78 -5.95
N SER D 153 29.26 -10.53 -7.21
CA SER D 153 29.79 -11.61 -8.04
C SER D 153 31.10 -12.14 -7.47
N ASP D 154 31.95 -11.25 -6.96
CA ASP D 154 33.29 -11.61 -6.52
C ASP D 154 33.26 -11.94 -5.03
N VAL D 155 32.60 -13.07 -4.74
CA VAL D 155 32.37 -13.52 -3.37
C VAL D 155 33.68 -13.75 -2.65
N ALA D 156 34.68 -14.29 -3.36
CA ALA D 156 35.93 -14.65 -2.72
C ALA D 156 36.64 -13.45 -2.12
N ALA D 157 36.30 -12.23 -2.56
CA ALA D 157 36.94 -11.01 -2.06
C ALA D 157 36.08 -10.25 -1.05
N MET D 158 35.12 -10.92 -0.41
CA MET D 158 34.28 -10.24 0.56
C MET D 158 35.12 -9.67 1.69
N THR D 159 34.62 -8.61 2.34
CA THR D 159 35.39 -7.92 3.36
C THR D 159 34.74 -7.87 4.74
N LEU D 160 33.51 -8.34 4.91
CA LEU D 160 32.97 -8.43 6.26
C LEU D 160 33.89 -9.31 7.10
N SER D 161 34.38 -8.78 8.21
CA SER D 161 35.38 -9.45 9.01
C SER D 161 34.77 -10.14 10.21
N ALA D 162 35.32 -11.31 10.56
CA ALA D 162 34.96 -12.01 11.79
C ALA D 162 36.25 -12.30 12.53
N ARG D 163 36.44 -11.61 13.66
CA ARG D 163 37.66 -11.68 14.45
C ARG D 163 37.40 -12.51 15.69
N GLU D 164 38.19 -13.57 15.88
CA GLU D 164 38.01 -14.42 17.04
C GLU D 164 38.45 -13.70 18.32
N ASP D 165 37.64 -13.83 19.36
CA ASP D 165 37.88 -13.13 20.63
C ASP D 165 37.25 -13.95 21.75
N GLY D 166 38.03 -14.87 22.30
CA GLY D 166 37.50 -15.73 23.36
C GLY D 166 36.58 -16.77 22.77
N ASP D 167 35.37 -16.88 23.33
CA ASP D 167 34.39 -17.84 22.86
C ASP D 167 33.49 -17.29 21.77
N ALA D 168 33.89 -16.20 21.12
CA ALA D 168 33.03 -15.58 20.12
C ALA D 168 33.88 -14.98 19.01
N TYR D 169 33.20 -14.66 17.92
CA TYR D 169 33.76 -13.87 16.83
C TYR D 169 33.10 -12.51 16.84
N VAL D 170 33.90 -11.48 16.59
CA VAL D 170 33.40 -10.11 16.50
C VAL D 170 33.27 -9.76 15.02
N LEU D 171 32.05 -9.43 14.58
CA LEU D 171 31.75 -9.17 13.18
C LEU D 171 31.66 -7.67 12.93
N ASP D 172 32.30 -7.20 11.85
CA ASP D 172 32.30 -5.80 11.47
C ASP D 172 32.18 -5.66 9.96
N GLY D 173 31.21 -4.89 9.50
CA GLY D 173 31.06 -4.59 8.10
C GLY D 173 29.61 -4.68 7.67
N ASP D 174 29.40 -4.71 6.36
CA ASP D 174 28.06 -4.65 5.78
C ASP D 174 27.81 -5.83 4.84
N LYS D 175 26.57 -6.32 4.88
CA LYS D 175 26.00 -7.15 3.83
C LYS D 175 24.86 -6.38 3.20
N THR D 176 24.57 -6.62 1.92
CA THR D 176 23.45 -5.90 1.33
C THR D 176 22.77 -6.74 0.26
N TRP D 177 21.65 -6.21 -0.24
CA TRP D 177 20.71 -6.94 -1.09
C TRP D 177 20.16 -8.18 -0.38
N ILE D 178 20.02 -8.13 0.94
CA ILE D 178 19.72 -9.35 1.69
C ILE D 178 18.21 -9.58 1.70
N SER D 179 17.76 -10.63 1.02
CA SER D 179 16.34 -10.99 0.99
C SER D 179 15.86 -11.35 2.39
N ASN D 180 14.65 -10.91 2.73
CA ASN D 180 14.06 -11.00 4.05
C ASN D 180 14.79 -10.11 5.07
N GLY D 181 15.70 -9.24 4.61
CA GLY D 181 16.36 -8.33 5.52
C GLY D 181 15.34 -7.49 6.25
N GLY D 182 15.45 -7.44 7.58
CA GLY D 182 14.51 -6.70 8.39
C GLY D 182 13.35 -7.51 8.93
N ILE D 183 13.10 -8.71 8.39
CA ILE D 183 12.01 -9.54 8.92
C ILE D 183 12.47 -10.95 9.22
N ALA D 184 13.71 -11.29 8.84
CA ALA D 184 14.22 -12.62 9.13
C ALA D 184 14.44 -12.79 10.63
N ASP D 185 14.31 -14.04 11.08
CA ASP D 185 14.63 -14.37 12.46
C ASP D 185 16.10 -14.73 12.65
N PHE D 186 16.77 -15.15 11.58
CA PHE D 186 18.21 -15.37 11.61
C PHE D 186 18.76 -15.16 10.20
N TYR D 187 20.06 -14.93 10.15
CA TYR D 187 20.82 -14.73 8.91
C TYR D 187 21.98 -15.71 8.91
N VAL D 188 22.13 -16.46 7.83
CA VAL D 188 23.38 -17.20 7.63
C VAL D 188 24.36 -16.23 7.00
N VAL D 189 25.39 -15.85 7.76
CA VAL D 189 26.30 -14.77 7.39
C VAL D 189 27.65 -15.38 7.06
N PHE D 190 28.21 -15.01 5.92
CA PHE D 190 29.55 -15.42 5.53
C PHE D 190 30.51 -14.28 5.74
N ALA D 191 31.62 -14.55 6.42
CA ALA D 191 32.54 -13.50 6.84
C ALA D 191 33.97 -14.01 6.71
N ARG D 192 34.91 -13.06 6.58
CA ARG D 192 36.32 -13.39 6.43
C ARG D 192 36.94 -13.60 7.82
N THR D 193 37.29 -14.85 8.11
CA THR D 193 38.02 -15.18 9.32
C THR D 193 39.54 -15.25 9.11
N GLY D 194 39.98 -15.35 7.86
CA GLY D 194 41.38 -15.09 7.55
C GLY D 194 42.32 -16.28 7.58
N GLU D 195 41.81 -17.51 7.51
CA GLU D 195 42.70 -18.68 7.58
C GLU D 195 43.70 -18.71 6.43
N ALA D 196 43.31 -18.17 5.28
CA ALA D 196 44.14 -18.15 4.08
C ALA D 196 43.52 -17.13 3.14
N PRO D 197 44.23 -16.75 2.06
CA PRO D 197 43.72 -15.66 1.20
C PRO D 197 42.41 -16.01 0.50
N GLY D 198 41.61 -14.96 0.29
CA GLY D 198 40.50 -15.05 -0.64
C GLY D 198 39.47 -16.09 -0.26
N ALA D 199 39.15 -16.96 -1.20
CA ALA D 199 38.11 -17.96 -0.99
C ALA D 199 38.45 -18.97 0.10
N ARG D 200 39.69 -19.04 0.55
CA ARG D 200 40.09 -19.98 1.59
CA ARG D 200 40.06 -19.99 1.60
C ARG D 200 40.10 -19.34 2.98
N GLY D 201 39.52 -18.15 3.13
CA GLY D 201 39.53 -17.47 4.41
C GLY D 201 38.16 -17.07 4.95
N ILE D 202 37.11 -17.78 4.54
CA ILE D 202 35.74 -17.39 4.87
C ILE D 202 35.13 -18.46 5.78
N SER D 203 34.33 -18.01 6.75
CA SER D 203 33.56 -18.90 7.61
C SER D 203 32.10 -18.50 7.58
N ALA D 204 31.22 -19.45 7.94
CA ALA D 204 29.79 -19.25 7.95
C ALA D 204 29.27 -19.24 9.38
N PHE D 205 28.32 -18.35 9.68
CA PHE D 205 27.74 -18.24 11.01
C PHE D 205 26.23 -18.13 10.92
N VAL D 206 25.52 -18.76 11.85
CA VAL D 206 24.10 -18.45 12.04
C VAL D 206 24.00 -17.29 13.02
N VAL D 207 23.45 -16.17 12.55
CA VAL D 207 23.37 -14.95 13.35
C VAL D 207 21.90 -14.64 13.63
N ASP D 208 21.49 -14.82 14.89
CA ASP D 208 20.13 -14.50 15.26
C ASP D 208 19.87 -13.01 15.04
N ALA D 209 18.65 -12.68 14.63
CA ALA D 209 18.34 -11.29 14.29
C ALA D 209 18.46 -10.35 15.49
N ASP D 210 18.27 -10.86 16.70
CA ASP D 210 18.36 -10.03 17.90
C ASP D 210 19.78 -9.89 18.41
N THR D 211 20.78 -10.29 17.63
CA THR D 211 22.17 -10.16 18.07
C THR D 211 22.51 -8.69 18.29
N PRO D 212 22.99 -8.31 19.47
CA PRO D 212 23.42 -6.91 19.67
C PRO D 212 24.54 -6.56 18.69
N GLY D 213 24.44 -5.37 18.10
CA GLY D 213 25.40 -4.92 17.13
C GLY D 213 25.02 -5.19 15.70
N LEU D 214 23.97 -5.97 15.46
CA LEU D 214 23.41 -6.15 14.13
C LEU D 214 22.34 -5.09 13.93
N GLU D 215 22.53 -4.23 12.94
CA GLU D 215 21.59 -3.16 12.65
C GLU D 215 21.04 -3.34 11.24
N ILE D 216 19.73 -3.17 11.09
CA ILE D 216 19.14 -3.07 9.76
C ILE D 216 19.36 -1.64 9.30
N ALA D 217 20.41 -1.42 8.52
CA ALA D 217 20.86 -0.07 8.21
C ALA D 217 19.96 0.60 7.19
N GLU D 218 19.35 -0.16 6.30
CA GLU D 218 18.57 0.41 5.22
C GLU D 218 17.65 -0.66 4.66
N ARG D 219 16.40 -0.30 4.44
CA ARG D 219 15.48 -1.14 3.67
C ARG D 219 15.61 -0.74 2.20
N ILE D 220 15.69 -1.72 1.33
CA ILE D 220 16.01 -1.50 -0.08
C ILE D 220 14.76 -1.73 -0.91
N ASP D 221 14.47 -0.80 -1.82
CA ASP D 221 13.34 -0.91 -2.74
C ASP D 221 13.83 -1.34 -4.12
N VAL D 222 13.24 -2.40 -4.66
CA VAL D 222 13.56 -2.86 -6.00
C VAL D 222 12.30 -2.87 -6.86
N ILE D 223 12.50 -3.04 -8.17
CA ILE D 223 11.45 -2.79 -9.16
C ILE D 223 10.25 -3.71 -8.94
N ALA D 224 10.49 -4.95 -8.50
CA ALA D 224 9.44 -5.84 -8.03
C ALA D 224 9.65 -5.99 -6.53
N PRO D 225 8.91 -5.26 -5.70
CA PRO D 225 9.26 -5.13 -4.29
C PRO D 225 9.21 -6.46 -3.55
N HIS D 226 10.25 -6.72 -2.79
CA HIS D 226 10.35 -7.83 -1.86
C HIS D 226 11.15 -7.31 -0.68
N PRO D 227 10.99 -7.91 0.51
CA PRO D 227 11.77 -7.44 1.66
CA PRO D 227 11.76 -7.45 1.66
C PRO D 227 13.26 -7.62 1.43
N LEU D 228 13.99 -6.51 1.49
CA LEU D 228 15.42 -6.48 1.18
CA LEU D 228 15.41 -6.47 1.17
C LEU D 228 16.08 -5.47 2.11
N ALA D 229 17.28 -5.79 2.60
CA ALA D 229 17.92 -4.83 3.48
C ALA D 229 19.44 -4.84 3.33
N ARG D 230 20.04 -3.73 3.75
CA ARG D 230 21.46 -3.67 4.06
C ARG D 230 21.67 -3.89 5.55
N LEU D 231 22.52 -4.85 5.90
CA LEU D 231 22.84 -5.17 7.28
C LEU D 231 24.17 -4.53 7.65
N HIS D 232 24.22 -3.86 8.79
CA HIS D 232 25.46 -3.32 9.31
C HIS D 232 25.82 -4.03 10.60
N PHE D 233 27.04 -4.58 10.64
CA PHE D 233 27.55 -5.27 11.83
C PHE D 233 28.53 -4.32 12.52
N ALA D 234 28.19 -3.89 13.72
CA ALA D 234 28.99 -2.96 14.50
C ALA D 234 29.50 -3.70 15.72
N GLY D 235 30.58 -4.44 15.54
CA GLY D 235 31.17 -5.20 16.64
C GLY D 235 30.23 -6.24 17.21
N ALA D 236 29.43 -6.89 16.35
CA ALA D 236 28.49 -7.89 16.81
C ALA D 236 29.22 -9.15 17.24
N ARG D 237 28.96 -9.59 18.46
CA ARG D 237 29.60 -10.77 19.01
C ARG D 237 28.74 -11.99 18.70
N VAL D 238 29.30 -12.93 17.95
CA VAL D 238 28.61 -14.15 17.55
C VAL D 238 29.34 -15.32 18.22
N PRO D 239 28.66 -16.13 19.03
CA PRO D 239 29.33 -17.27 19.67
C PRO D 239 29.98 -18.20 18.66
N ARG D 240 31.15 -18.73 19.04
CA ARG D 240 31.84 -19.70 18.20
C ARG D 240 30.95 -20.90 17.87
N SER D 241 30.08 -21.29 18.81
CA SER D 241 29.16 -22.40 18.58
C SER D 241 28.14 -22.11 17.48
N GLN D 242 28.07 -20.88 16.97
CA GLN D 242 27.17 -20.56 15.87
C GLN D 242 27.80 -20.73 14.51
N MET D 243 29.07 -21.14 14.45
CA MET D 243 29.72 -21.35 13.17
C MET D 243 29.19 -22.62 12.51
N LEU D 244 28.89 -22.53 11.23
CA LEU D 244 28.51 -23.68 10.41
C LEU D 244 29.77 -24.25 9.76
N GLY D 245 30.13 -25.46 10.11
CA GLY D 245 31.32 -26.07 9.57
C GLY D 245 32.58 -25.54 10.23
N ALA D 246 33.71 -25.93 9.66
CA ALA D 246 35.01 -25.60 10.22
C ALA D 246 35.43 -24.19 9.81
N PRO D 247 36.28 -23.53 10.60
CA PRO D 247 36.77 -22.22 10.21
C PRO D 247 37.48 -22.29 8.87
N GLY D 248 37.17 -21.33 8.01
CA GLY D 248 37.80 -21.28 6.70
C GLY D 248 37.12 -22.11 5.63
N GLU D 249 36.10 -22.89 5.98
CA GLU D 249 35.37 -23.70 5.02
C GLU D 249 34.04 -23.07 4.61
N GLY D 250 33.87 -21.77 4.83
CA GLY D 250 32.59 -21.13 4.57
C GLY D 250 32.30 -20.89 3.10
N PHE D 251 33.33 -20.65 2.30
CA PHE D 251 33.12 -20.36 0.88
C PHE D 251 32.47 -21.57 0.18
N LYS D 252 33.02 -22.77 0.41
CA LYS D 252 32.45 -23.96 -0.22
C LYS D 252 31.02 -24.19 0.24
N LEU D 253 30.73 -23.90 1.52
CA LEU D 253 29.37 -24.06 2.01
C LEU D 253 28.41 -23.10 1.32
N ALA D 254 28.85 -21.86 1.08
CA ALA D 254 28.01 -20.92 0.33
C ALA D 254 27.78 -21.42 -1.09
N MET D 255 28.84 -21.90 -1.75
CA MET D 255 28.72 -22.36 -3.12
C MET D 255 27.83 -23.59 -3.22
N ARG D 256 27.96 -24.52 -2.26
CA ARG D 256 27.12 -25.71 -2.29
CA ARG D 256 27.12 -25.71 -2.29
C ARG D 256 25.67 -25.39 -2.01
N THR D 257 25.40 -24.36 -1.20
CA THR D 257 24.02 -23.95 -0.96
C THR D 257 23.41 -23.36 -2.23
N LEU D 258 24.15 -22.49 -2.90
CA LEU D 258 23.69 -21.94 -4.17
C LEU D 258 23.50 -23.02 -5.22
N ASP D 259 24.33 -24.07 -5.19
CA ASP D 259 24.19 -25.14 -6.18
C ASP D 259 22.87 -25.87 -6.03
N ILE D 260 22.33 -25.94 -4.82
CA ILE D 260 21.03 -26.56 -4.61
C ILE D 260 19.94 -25.70 -5.23
N PHE D 261 19.96 -24.41 -4.94
CA PHE D 261 18.80 -23.59 -5.24
C PHE D 261 18.89 -22.84 -6.56
N ARG D 262 20.05 -22.84 -7.24
CA ARG D 262 20.10 -22.20 -8.55
C ARG D 262 19.09 -22.82 -9.52
N THR D 263 18.92 -24.14 -9.47
CA THR D 263 17.93 -24.76 -10.34
C THR D 263 16.51 -24.29 -9.97
N SER D 264 16.28 -24.00 -8.69
CA SER D 264 14.97 -23.51 -8.27
C SER D 264 14.73 -22.08 -8.76
N VAL D 265 15.79 -21.28 -8.95
CA VAL D 265 15.60 -19.98 -9.59
C VAL D 265 15.20 -20.14 -11.03
N ALA D 266 15.82 -21.11 -11.72
CA ALA D 266 15.38 -21.46 -13.06
C ALA D 266 13.91 -21.86 -13.08
N ALA D 267 13.50 -22.66 -12.09
CA ALA D 267 12.10 -23.09 -12.01
C ALA D 267 11.17 -21.90 -11.80
N ALA D 268 11.56 -20.95 -10.95
CA ALA D 268 10.73 -19.78 -10.75
C ALA D 268 10.60 -18.97 -12.04
N SER D 269 11.72 -18.81 -12.74
CA SER D 269 11.71 -18.12 -14.04
C SER D 269 10.72 -18.78 -14.97
N LEU D 270 10.76 -20.11 -15.01
CA LEU D 270 9.87 -20.89 -15.86
C LEU D 270 8.41 -20.65 -15.48
N GLY D 271 8.11 -20.59 -14.17
CA GLY D 271 6.74 -20.32 -13.76
C GLY D 271 6.24 -18.96 -14.19
N PHE D 272 7.07 -17.92 -14.02
CA PHE D 272 6.73 -16.60 -14.54
C PHE D 272 6.48 -16.65 -16.04
N ALA D 273 7.34 -17.37 -16.77
CA ALA D 273 7.17 -17.49 -18.22
C ALA D 273 5.85 -18.19 -18.56
N ARG D 274 5.48 -19.23 -17.80
CA ARG D 274 4.23 -19.92 -18.08
C ARG D 274 3.03 -19.01 -17.85
N HIS D 275 3.11 -18.13 -16.84
CA HIS D 275 2.02 -17.17 -16.63
C HIS D 275 1.91 -16.23 -17.83
N ALA D 276 3.06 -15.72 -18.31
CA ALA D 276 3.07 -14.85 -19.48
C ALA D 276 2.52 -15.58 -20.71
N MET D 277 2.88 -16.86 -20.86
CA MET D 277 2.38 -17.64 -22.00
C MET D 277 0.86 -17.74 -21.98
N ALA D 278 0.29 -18.05 -20.80
CA ALA D 278 -1.15 -18.14 -20.69
C ALA D 278 -1.82 -16.82 -21.04
N GLU D 279 -1.26 -15.70 -20.54
CA GLU D 279 -1.81 -14.40 -20.87
C GLU D 279 -1.72 -14.13 -22.36
N GLY D 280 -0.58 -14.50 -22.97
CA GLY D 280 -0.36 -14.17 -24.36
C GLY D 280 -1.25 -14.96 -25.30
N VAL D 281 -1.38 -16.27 -25.06
CA VAL D 281 -2.26 -17.08 -25.91
CA VAL D 281 -2.25 -17.04 -25.95
C VAL D 281 -3.70 -16.61 -25.78
N ALA D 282 -4.12 -16.29 -24.55
CA ALA D 282 -5.50 -15.85 -24.34
C ALA D 282 -5.75 -14.53 -25.07
N ARG D 283 -4.80 -13.60 -25.02
CA ARG D 283 -4.98 -12.33 -25.70
C ARG D 283 -4.98 -12.50 -27.22
N ALA D 284 -4.08 -13.33 -27.73
CA ALA D 284 -4.07 -13.62 -29.17
C ALA D 284 -5.41 -14.16 -29.63
N ALA D 285 -6.03 -15.03 -28.84
CA ALA D 285 -7.28 -15.65 -29.23
C ALA D 285 -8.46 -14.68 -29.12
N SER D 286 -8.40 -13.74 -28.18
CA SER D 286 -9.55 -12.90 -27.87
C SER D 286 -9.51 -11.52 -28.52
N ARG D 287 -8.35 -11.01 -28.89
CA ARG D 287 -8.24 -9.63 -29.36
C ARG D 287 -8.64 -9.54 -30.82
N LYS D 288 -9.79 -8.94 -31.09
CA LYS D 288 -10.24 -8.76 -32.46
C LYS D 288 -9.50 -7.59 -33.10
N MET D 289 -9.11 -7.77 -34.36
CA MET D 289 -8.42 -6.73 -35.11
C MET D 289 -8.38 -7.13 -36.58
N PHE D 290 -8.50 -6.13 -37.45
CA PHE D 290 -8.33 -6.31 -38.90
C PHE D 290 -9.27 -7.41 -39.42
N GLY D 291 -10.48 -7.45 -38.88
CA GLY D 291 -11.48 -8.39 -39.35
C GLY D 291 -11.29 -9.81 -38.88
N GLN D 292 -10.32 -10.06 -38.02
CA GLN D 292 -10.07 -11.40 -37.49
C GLN D 292 -9.59 -11.26 -36.06
N THR D 293 -8.70 -12.14 -35.59
CA THR D 293 -8.11 -11.97 -34.27
C THR D 293 -6.60 -11.85 -34.40
N LEU D 294 -5.98 -11.31 -33.34
CA LEU D 294 -4.53 -11.18 -33.27
C LEU D 294 -3.84 -12.52 -33.56
N GLY D 295 -4.40 -13.61 -33.05
CA GLY D 295 -3.82 -14.93 -33.25
C GLY D 295 -3.90 -15.48 -34.66
N ASP D 296 -4.72 -14.88 -35.54
CA ASP D 296 -4.80 -15.32 -36.92
C ASP D 296 -3.62 -14.84 -37.76
N PHE D 297 -2.83 -13.90 -37.25
CA PHE D 297 -1.69 -13.37 -37.98
C PHE D 297 -0.46 -14.25 -37.81
N GLN D 298 0.29 -14.45 -38.91
CA GLN D 298 1.49 -15.29 -38.83
C GLN D 298 2.47 -14.77 -37.80
N LEU D 299 2.67 -13.45 -37.71
CA LEU D 299 3.65 -12.95 -36.75
C LEU D 299 3.27 -13.36 -35.33
N THR D 300 1.97 -13.34 -35.03
CA THR D 300 1.53 -13.73 -33.70
C THR D 300 1.77 -15.21 -33.48
N GLN D 301 1.43 -16.02 -34.48
CA GLN D 301 1.64 -17.47 -34.36
C GLN D 301 3.10 -17.81 -34.15
N ALA D 302 4.01 -17.15 -34.88
CA ALA D 302 5.43 -17.41 -34.72
C ALA D 302 5.93 -16.93 -33.36
N LYS D 303 5.41 -15.80 -32.90
CA LYS D 303 5.78 -15.29 -31.58
CA LYS D 303 5.76 -15.28 -31.58
C LYS D 303 5.35 -16.25 -30.48
N LEU D 304 4.09 -16.70 -30.53
CA LEU D 304 3.61 -17.67 -29.55
C LEU D 304 4.42 -18.95 -29.63
N ALA D 305 4.73 -19.39 -30.85
CA ALA D 305 5.52 -20.60 -31.02
C ALA D 305 6.88 -20.48 -30.36
N GLN D 306 7.53 -19.33 -30.53
CA GLN D 306 8.84 -19.13 -29.90
C GLN D 306 8.72 -19.06 -28.39
N MET D 307 7.66 -18.44 -27.89
CA MET D 307 7.42 -18.43 -26.45
C MET D 307 7.32 -19.86 -25.93
N ALA D 308 6.57 -20.71 -26.64
CA ALA D 308 6.38 -22.08 -26.19
C ALA D 308 7.66 -22.89 -26.32
N LEU D 309 8.44 -22.64 -27.37
CA LEU D 309 9.71 -23.33 -27.54
C LEU D 309 10.67 -22.98 -26.41
N THR D 310 10.77 -21.68 -26.09
CA THR D 310 11.62 -21.27 -24.97
C THR D 310 11.17 -21.90 -23.66
N ILE D 311 9.85 -21.97 -23.45
CA ILE D 311 9.34 -22.58 -22.22
C ILE D 311 9.70 -24.06 -22.15
N ASP D 312 9.51 -24.79 -23.26
CA ASP D 312 9.80 -26.22 -23.21
C ASP D 312 11.30 -26.49 -23.04
N SER D 313 12.15 -25.73 -23.74
CA SER D 313 13.57 -25.94 -23.55
CA SER D 313 13.59 -25.88 -23.56
C SER D 313 13.99 -25.55 -22.14
N SER D 314 13.43 -24.47 -21.59
CA SER D 314 13.72 -24.11 -20.21
C SER D 314 13.29 -25.22 -19.25
N ALA D 315 12.06 -25.71 -19.42
CA ALA D 315 11.55 -26.73 -18.51
C ALA D 315 12.38 -28.01 -18.60
N LEU D 316 12.76 -28.42 -19.81
CA LEU D 316 13.61 -29.60 -19.94
C LEU D 316 14.94 -29.41 -19.24
N LEU D 317 15.55 -28.22 -19.39
CA LEU D 317 16.81 -27.96 -18.71
C LEU D 317 16.64 -27.91 -17.19
N VAL D 318 15.55 -27.30 -16.71
CA VAL D 318 15.29 -27.24 -15.27
C VAL D 318 15.21 -28.65 -14.69
N TYR D 319 14.35 -29.48 -15.29
CA TYR D 319 14.09 -30.76 -14.67
C TYR D 319 15.13 -31.81 -15.03
N ARG D 320 15.90 -31.62 -16.10
CA ARG D 320 17.11 -32.44 -16.25
C ARG D 320 18.08 -32.18 -15.10
N ALA D 321 18.32 -30.89 -14.78
CA ALA D 321 19.24 -30.58 -13.68
C ALA D 321 18.69 -31.08 -12.35
N ALA D 322 17.39 -30.90 -12.10
CA ALA D 322 16.80 -31.33 -10.84
C ALA D 322 16.84 -32.84 -10.71
N TRP D 323 16.45 -33.56 -11.79
CA TRP D 323 16.54 -35.01 -11.78
C TRP D 323 17.96 -35.48 -11.53
N LEU D 324 18.94 -34.84 -12.18
CA LEU D 324 20.33 -35.26 -12.04
C LEU D 324 20.83 -35.05 -10.62
N ARG D 325 20.52 -33.90 -10.02
CA ARG D 325 20.91 -33.68 -8.63
C ARG D 325 20.26 -34.71 -7.72
N ASP D 326 19.02 -35.09 -8.03
CA ASP D 326 18.29 -36.08 -7.26
C ASP D 326 18.78 -37.50 -7.48
N GLN D 327 19.76 -37.72 -8.37
CA GLN D 327 20.49 -38.97 -8.44
C GLN D 327 21.71 -38.96 -7.52
N GLY D 328 21.94 -37.87 -6.80
CA GLY D 328 23.11 -37.72 -5.96
C GLY D 328 24.31 -37.12 -6.67
N GLU D 329 24.12 -36.51 -7.82
CA GLU D 329 25.23 -36.03 -8.64
C GLU D 329 25.39 -34.52 -8.50
N ASN D 330 26.62 -34.07 -8.64
CA ASN D 330 26.90 -32.64 -8.76
C ASN D 330 26.28 -32.08 -10.03
N VAL D 331 25.74 -30.86 -9.92
CA VAL D 331 25.07 -30.26 -11.09
C VAL D 331 25.56 -28.83 -11.31
N THR D 332 26.84 -28.56 -11.06
CA THR D 332 27.34 -27.20 -11.25
C THR D 332 27.09 -26.73 -12.68
N ARG D 333 27.41 -27.56 -13.68
CA ARG D 333 27.19 -27.16 -15.07
C ARG D 333 25.71 -27.11 -15.40
N GLU D 334 24.97 -28.14 -15.01
CA GLU D 334 23.59 -28.29 -15.46
C GLU D 334 22.67 -27.27 -14.78
N ALA D 335 22.94 -26.96 -13.50
CA ALA D 335 22.17 -25.93 -12.80
C ALA D 335 22.47 -24.55 -13.38
N ALA D 336 23.73 -24.28 -13.70
CA ALA D 336 24.08 -23.01 -14.33
C ALA D 336 23.38 -22.87 -15.68
N MET D 337 23.39 -23.92 -16.48
CA MET D 337 22.69 -23.90 -17.77
C MET D 337 21.21 -23.59 -17.57
N ALA D 338 20.58 -24.28 -16.61
CA ALA D 338 19.15 -24.08 -16.39
C ALA D 338 18.85 -22.66 -15.94
N LYS D 339 19.62 -22.16 -14.97
CA LYS D 339 19.37 -20.83 -14.42
C LYS D 339 19.55 -19.76 -15.49
N TRP D 340 20.65 -19.86 -16.23
CA TRP D 340 20.91 -18.97 -17.36
C TRP D 340 19.77 -19.02 -18.38
N HIS D 341 19.45 -20.20 -18.91
CA HIS D 341 18.50 -20.30 -20.00
CA HIS D 341 18.51 -20.27 -20.01
C HIS D 341 17.10 -19.90 -19.57
N ALA D 342 16.67 -20.36 -18.40
CA ALA D 342 15.29 -20.12 -18.00
C ALA D 342 15.07 -18.65 -17.64
N SER D 343 16.07 -17.99 -17.03
CA SER D 343 15.88 -16.59 -16.65
C SER D 343 15.96 -15.68 -17.87
N GLU D 344 16.95 -15.91 -18.75
CA GLU D 344 17.02 -15.13 -19.98
C GLU D 344 15.82 -15.42 -20.87
N GLY D 345 15.42 -16.70 -20.94
CA GLY D 345 14.28 -17.05 -21.78
C GLY D 345 12.98 -16.48 -21.25
N ALA D 346 12.78 -16.49 -19.93
CA ALA D 346 11.54 -15.95 -19.36
C ALA D 346 11.43 -14.47 -19.64
N GLN D 347 12.56 -13.74 -19.58
CA GLN D 347 12.54 -12.33 -19.95
C GLN D 347 11.97 -12.15 -21.35
N GLN D 348 12.43 -12.98 -22.29
CA GLN D 348 11.95 -12.89 -23.67
C GLN D 348 10.47 -13.24 -23.78
N VAL D 349 10.05 -14.30 -23.10
CA VAL D 349 8.65 -14.71 -23.16
C VAL D 349 7.76 -13.61 -22.60
N ILE D 350 8.11 -13.09 -21.43
CA ILE D 350 7.34 -12.03 -20.79
C ILE D 350 7.31 -10.79 -21.67
N ASP D 351 8.46 -10.44 -22.26
CA ASP D 351 8.51 -9.27 -23.13
C ASP D 351 7.57 -9.41 -24.32
N ALA D 352 7.50 -10.62 -24.89
CA ALA D 352 6.59 -10.87 -26.00
C ALA D 352 5.14 -10.76 -25.57
N ALA D 353 4.83 -11.25 -24.36
CA ALA D 353 3.46 -11.16 -23.87
C ALA D 353 3.04 -9.71 -23.63
N VAL D 354 3.95 -8.88 -23.09
CA VAL D 354 3.69 -7.44 -22.99
C VAL D 354 3.33 -6.88 -24.37
N GLN D 355 4.13 -7.23 -25.38
CA GLN D 355 3.92 -6.68 -26.72
C GLN D 355 2.56 -7.09 -27.28
N LEU D 356 2.17 -8.36 -27.05
CA LEU D 356 0.87 -8.82 -27.55
C LEU D 356 -0.28 -8.03 -26.95
N TYR D 357 -0.12 -7.53 -25.72
CA TYR D 357 -1.15 -6.78 -25.03
C TYR D 357 -1.23 -5.31 -25.45
N GLY D 358 -0.29 -4.83 -26.26
CA GLY D 358 -0.35 -3.43 -26.68
C GLY D 358 -0.21 -2.51 -25.48
N GLY D 359 -0.97 -1.41 -25.49
CA GLY D 359 -0.86 -0.44 -24.42
C GLY D 359 -1.14 -1.03 -23.05
N MET D 360 -2.08 -1.97 -22.98
CA MET D 360 -2.38 -2.65 -21.73
C MET D 360 -1.18 -3.40 -21.17
N GLY D 361 -0.23 -3.77 -22.03
CA GLY D 361 0.97 -4.47 -21.57
C GLY D 361 1.84 -3.68 -20.62
N VAL D 362 1.75 -2.35 -20.63
CA VAL D 362 2.51 -1.52 -19.70
C VAL D 362 1.60 -0.88 -18.66
N GLN D 363 0.33 -1.26 -18.62
CA GLN D 363 -0.59 -0.72 -17.63
C GLN D 363 -0.28 -1.33 -16.27
N SER D 364 -0.14 -0.46 -15.27
CA SER D 364 0.29 -0.89 -13.95
CA SER D 364 0.30 -0.88 -13.95
C SER D 364 -0.65 -1.92 -13.36
N GLY D 365 -0.07 -3.01 -12.85
CA GLY D 365 -0.83 -4.03 -12.17
C GLY D 365 -1.46 -5.08 -13.04
N THR D 366 -1.40 -4.94 -14.37
CA THR D 366 -1.79 -6.07 -15.21
C THR D 366 -0.79 -7.20 -15.01
N ALA D 367 -1.24 -8.43 -15.30
CA ALA D 367 -0.35 -9.57 -15.10
C ALA D 367 0.98 -9.40 -15.84
N VAL D 368 0.91 -9.01 -17.12
CA VAL D 368 2.17 -8.99 -17.89
C VAL D 368 3.07 -7.84 -17.48
N GLU D 369 2.49 -6.70 -17.07
CA GLU D 369 3.31 -5.60 -16.56
C GLU D 369 4.01 -6.00 -15.27
N MET D 370 3.33 -6.73 -14.40
CA MET D 370 3.97 -7.18 -13.17
C MET D 370 5.08 -8.16 -13.47
N LEU D 371 4.87 -9.07 -14.44
CA LEU D 371 5.90 -10.04 -14.80
C LEU D 371 7.12 -9.36 -15.41
N TYR D 372 6.91 -8.29 -16.18
CA TYR D 372 8.03 -7.56 -16.76
C TYR D 372 8.93 -6.98 -15.67
N ARG D 373 8.35 -6.55 -14.56
CA ARG D 373 9.16 -6.10 -13.44
C ARG D 373 9.74 -7.28 -12.65
N GLU D 374 8.94 -8.33 -12.45
CA GLU D 374 9.35 -9.44 -11.59
C GLU D 374 10.57 -10.18 -12.14
N ILE D 375 10.62 -10.39 -13.46
CA ILE D 375 11.64 -11.29 -13.99
C ILE D 375 13.03 -10.69 -13.94
N ARG D 376 13.14 -9.35 -13.95
CA ARG D 376 14.43 -8.75 -14.29
C ARG D 376 15.52 -9.13 -13.29
N ALA D 377 15.18 -9.20 -12.00
CA ALA D 377 16.19 -9.51 -10.99
C ALA D 377 16.67 -10.96 -11.05
N LEU D 378 15.88 -11.88 -11.60
CA LEU D 378 16.29 -13.28 -11.60
C LEU D 378 17.47 -13.54 -12.52
N ARG D 379 17.77 -12.62 -13.43
CA ARG D 379 18.96 -12.71 -14.27
C ARG D 379 20.21 -12.19 -13.55
N ILE D 380 20.04 -11.72 -12.32
CA ILE D 380 21.11 -11.07 -11.56
C ILE D 380 21.41 -11.83 -10.27
N TYR D 381 20.38 -12.16 -9.49
CA TYR D 381 20.65 -12.81 -8.22
C TYR D 381 20.88 -14.31 -8.39
N GLU D 382 21.36 -14.93 -7.30
CA GLU D 382 21.93 -16.29 -7.30
C GLU D 382 22.96 -16.47 -8.43
N GLY D 383 23.67 -15.41 -8.79
CA GLY D 383 24.68 -15.48 -9.81
C GLY D 383 24.21 -14.95 -11.16
N ALA D 384 24.77 -13.83 -11.63
CA ALA D 384 24.28 -13.20 -12.83
C ALA D 384 24.51 -14.08 -14.05
N THR D 385 23.72 -13.83 -15.11
CA THR D 385 23.81 -14.62 -16.33
C THR D 385 25.25 -14.81 -16.79
N GLU D 386 26.03 -13.74 -16.77
CA GLU D 386 27.39 -13.79 -17.27
C GLU D 386 28.25 -14.73 -16.41
N VAL D 387 27.99 -14.75 -15.10
CA VAL D 387 28.69 -15.70 -14.22
C VAL D 387 28.33 -17.12 -14.62
N GLN D 388 27.06 -17.38 -14.92
CA GLN D 388 26.65 -18.72 -15.32
C GLN D 388 27.33 -19.14 -16.63
N GLN D 389 27.39 -18.22 -17.61
CA GLN D 389 28.03 -18.56 -18.88
C GLN D 389 29.49 -18.95 -18.68
N LEU D 390 30.22 -18.19 -17.85
CA LEU D 390 31.62 -18.51 -17.61
C LEU D 390 31.78 -19.84 -16.87
N ILE D 391 30.87 -20.15 -15.95
CA ILE D 391 30.93 -21.45 -15.28
C ILE D 391 30.82 -22.58 -16.30
N VAL D 392 29.88 -22.45 -17.23
CA VAL D 392 29.68 -23.49 -18.24
C VAL D 392 30.88 -23.57 -19.17
N GLY D 393 31.34 -22.42 -19.66
CA GLY D 393 32.46 -22.42 -20.59
C GLY D 393 33.73 -22.99 -19.97
N ARG D 394 34.03 -22.58 -18.74
CA ARG D 394 35.23 -23.12 -18.09
C ARG D 394 35.08 -24.62 -17.86
N ASP D 395 33.86 -25.08 -17.56
CA ASP D 395 33.68 -26.51 -17.33
C ASP D 395 33.89 -27.31 -18.60
N LEU D 396 33.49 -26.77 -19.76
CA LEU D 396 33.73 -27.46 -21.03
C LEU D 396 35.21 -27.64 -21.28
N LEU D 397 36.00 -26.59 -21.02
CA LEU D 397 37.43 -26.68 -21.24
C LEU D 397 38.08 -27.61 -20.22
N LYS D 398 37.59 -27.60 -18.97
CA LYS D 398 38.13 -28.50 -17.96
C LYS D 398 37.87 -29.96 -18.33
N ALA D 399 36.66 -30.26 -18.81
CA ALA D 399 36.33 -31.62 -19.20
C ALA D 399 37.13 -32.06 -20.41
N HIS D 400 37.37 -31.15 -21.36
CA HIS D 400 38.21 -31.49 -22.51
C HIS D 400 39.64 -31.78 -22.09
N ALA D 401 40.17 -30.98 -21.16
CA ALA D 401 41.53 -31.21 -20.69
C ALA D 401 41.64 -32.56 -19.98
N ALA D 402 40.59 -32.95 -19.25
CA ALA D 402 40.62 -34.24 -18.56
C ALA D 402 40.52 -35.40 -19.54
N ALA D 403 39.74 -35.22 -20.61
CA ALA D 403 39.67 -36.23 -21.65
C ALA D 403 41.01 -36.37 -22.36
N THR D 404 41.66 -35.26 -22.68
CA THR D 404 42.98 -35.31 -23.30
C THR D 404 43.98 -36.03 -22.41
N ALA D 405 43.92 -35.79 -21.10
CA ALA D 405 44.85 -36.43 -20.18
C ALA D 405 44.59 -37.93 -20.08
N GLY D 406 43.34 -38.37 -20.22
CA GLY D 406 43.01 -39.78 -20.13
C GLY D 406 43.21 -40.56 -21.41
#